data_7JGJ
#
_entry.id   7JGJ
#
_cell.length_a   1.00
_cell.length_b   1.00
_cell.length_c   1.00
_cell.angle_alpha   90.00
_cell.angle_beta   90.00
_cell.angle_gamma   90.00
#
_symmetry.space_group_name_H-M   'P 1'
#
loop_
_entity.id
_entity.type
_entity.pdbx_description
1 polymer 'Immunoglobulin A1 protease'
2 polymer 'mAB Light Chain'
3 polymer 'mAB Heavy Chain'
#
loop_
_entity_poly.entity_id
_entity_poly.type
_entity_poly.pdbx_seq_one_letter_code
_entity_poly.pdbx_strand_id
1 'polypeptide(L)'
;TEPEKKLELRNVSDIELYSQTNGTYRQHVSLDGIPENTDTYFVKVKSSAFKDVYIPVASITEEKRNGQSVYKITAKAEKL
QQELENKYVDNFTFYLDKKAKEENTNFTSFSNLVKAINQNPSGTYHLAASLNANEVELGPDERSYIKDTFTGRLIGEKDG
KNYAIYNLKKPLFENLSGATVEKLSLKNVAISGKNDIGSLANEATNGTKIKQVHVDGVLAGERGVGGLLAKADQSSIAES
SFKGRIVNTYETTDAYNIGGLVGHLTGKNASIAKSKATVTISSNTNRSDQTVGGLAGLVDQDAHIQNSYAEGDINNVKHF
GKVAGVAGYLWDRTSGEEKHAGELTNVLSDVNVTNGNAITGYHYTGMKVANTFSSKANRVFNVTLEKDEVVSKESFEERG
TMLDASQIVSKKAEINPLTLPTVEPLSTSGKKDSDFSKIAHYQANRALVYKNIEKLLPFYNKSTIVKYGNLVKENSLLYQ
KELLSAVMMKDDQVITDIVSNKQTANKLLLHYNDHSSEKFDLKYQTDFANLAEYNLGNTGLLYTPNQFLYDRDSIVKEVL
PELQKLDYQSDAIRKTLGISPEVKLTELYLEDQFSKTKQNLGDSLKKLLSADAGLASDNSVTRGYLVDKIKNNKEALLLG
LTYLERWYNFNYGQVNVKDLVMYHPDFFGKGNTSPLDTLIELGKSGFNNLLAKNNVDTYGISLASQHGATDLFSTLEHYR
KVFLPNTSNNDWFKSETKAYIVEEKSTIEEVKTKQGLAGTKYSIGVYDRITSATWKYRNMVLPLLTLPERSVFVISTMSS
LGFGAYDRYRSSDHKAGKALNDFVEENARETAKRQRDHYDYWYRILDEQSREKLYRTILLYDAYKFGDDTTSGKATAEAK
FDSSNPAMKNFFGPVGNKVVHNQHGAYATGDGVYYMSYRMLDKDGAITYTHEMTHDSDQDIYLGGYGRRNGLGPEFFAKG
LLQAPDQPSDATITINSILKHSKSDSTEGSRLQVLDPTERFQNAADLQNYVHNMFDLIYMMEYLEGQSIVNKLSVYQKMA
ALRKIENKYVKDPADGNEVYATNVVKELTEAEARNLNSFESLIDHNILSAREYQSGDYERNGYYTIKLFAPIYSALSSEK
GTPGDLMGRRIAYELLAAKGFKDGMVPYISNQYEEDAKQQGQTINLYGKERGLVTDELVLKKVFDGKYKTWAEFKTAMYQ
ERVDQFGNLKQVTFKDPTKPWPSYGTKTINNVDELQALMDQAVLKDAEGPRWSNYDPEIDSAVHKLKRAIFKAYLDQTND
FRSSIFENKK
;
A
2 'polypeptide(L)'
;EEVLTQSPAIMSASPGEKVTMTCSASSSVSYIHWYQQKSNTSPKLWIYATSKLASGVPGRFSGSGSGNSYSLTISSMEAE
DVATYYCFQGSGYPFTFGSGTKLEIKRADAAPTVSIFPPSSEQLTSGGASVVCFLNNFYPKDINVKWKIDGSERQNGVLN
SWTDQDSKDSTYSMSSTLTLTKDEYERHNSYTCEATHKTSTSPIVKSFNRNEC
;
L
3 'polypeptide(L)'
;EVQLQQSGPELEKPGASMKISCKASGYSFTGYNMNWVKQSNGKSLEWIGSIDPYTGGSNYNQKFMGKATLTVDKSSSTAY
MQLKSLTSEDSAVYYCATVVGRVYAMDYWGQGTSVTVSSAKTTPPSVYPLAPGSAAQTNSMVTLGCLVKGYFPEPVTVTW
NSGSLSSGVHTFPAVLQSDLYTLSSSVTVPSSTWPSETVTCNVAHPASSTKVDKKIVP
;
H
#
# COMPACT_ATOMS: atom_id res chain seq x y z
N THR A 1 56.22 27.79 -41.03
CA THR A 1 55.70 28.46 -39.84
C THR A 1 55.09 27.46 -38.86
N GLU A 2 55.86 26.44 -38.52
CA GLU A 2 55.33 25.39 -37.65
C GLU A 2 55.21 25.88 -36.21
N PRO A 3 54.00 25.97 -35.61
CA PRO A 3 53.87 26.29 -34.20
C PRO A 3 54.34 25.11 -33.34
N GLU A 4 54.16 25.17 -32.03
CA GLU A 4 54.53 24.07 -31.09
C GLU A 4 53.23 23.64 -30.42
N LYS A 5 53.18 22.43 -29.85
CA LYS A 5 52.00 21.94 -29.11
C LYS A 5 52.30 22.15 -27.62
N LYS A 6 51.47 22.93 -26.93
CA LYS A 6 51.67 23.25 -25.49
C LYS A 6 50.29 23.22 -24.82
N LEU A 7 50.25 23.04 -23.51
CA LEU A 7 48.97 23.04 -22.76
C LEU A 7 48.36 24.44 -22.85
N GLU A 8 47.07 24.58 -23.20
CA GLU A 8 46.37 25.90 -23.24
C GLU A 8 44.86 25.70 -23.00
N LEU A 9 44.28 26.33 -21.97
CA LEU A 9 42.83 26.23 -21.69
C LEU A 9 42.12 27.33 -22.48
N ARG A 10 41.15 26.97 -23.33
CA ARG A 10 40.47 27.93 -24.23
C ARG A 10 39.14 28.40 -23.64
N ASN A 11 38.37 27.50 -22.99
CA ASN A 11 37.05 27.82 -22.39
C ASN A 11 37.27 28.07 -20.91
N VAL A 12 37.89 29.19 -20.53
CA VAL A 12 38.29 29.46 -19.11
C VAL A 12 37.11 30.18 -18.44
N SER A 13 36.08 29.44 -18.03
CA SER A 13 34.86 30.03 -17.43
C SER A 13 35.20 30.75 -16.12
N ASP A 14 36.00 30.14 -15.23
CA ASP A 14 36.45 30.80 -13.97
C ASP A 14 37.64 30.05 -13.38
N ILE A 15 38.37 30.66 -12.44
CA ILE A 15 39.54 30.04 -11.76
C ILE A 15 39.28 30.07 -10.25
N GLU A 16 39.54 28.97 -9.53
CA GLU A 16 39.26 28.85 -8.06
C GLU A 16 40.49 28.32 -7.32
N LEU A 17 40.67 28.71 -6.05
CA LEU A 17 41.87 28.32 -5.24
C LEU A 17 41.44 27.64 -3.96
N TYR A 18 42.13 26.57 -3.55
CA TYR A 18 41.87 25.85 -2.28
C TYR A 18 43.22 25.62 -1.59
N SER A 19 43.29 25.58 -0.26
CA SER A 19 44.54 25.40 0.50
C SER A 19 44.43 24.26 1.53
N GLN A 20 45.50 23.52 1.76
CA GLN A 20 45.55 22.36 2.71
C GLN A 20 46.26 22.80 3.98
N THR A 21 46.36 24.11 4.23
CA THR A 21 47.11 24.67 5.38
C THR A 21 46.57 24.14 6.71
N ASN A 22 45.26 23.99 6.83
CA ASN A 22 44.60 23.54 8.10
C ASN A 22 44.50 22.01 8.13
N GLY A 23 45.04 21.32 7.12
CA GLY A 23 44.95 19.85 7.02
C GLY A 23 43.65 19.47 6.34
N THR A 24 42.87 20.45 5.89
CA THR A 24 41.60 20.24 5.16
C THR A 24 41.62 21.22 3.99
N TYR A 25 41.05 20.86 2.85
CA TYR A 25 41.07 21.71 1.64
C TYR A 25 39.95 22.74 1.82
N ARG A 26 40.28 24.03 1.80
CA ARG A 26 39.29 25.12 2.06
C ARG A 26 39.40 26.18 0.97
N GLN A 27 38.28 26.77 0.55
CA GLN A 27 38.26 27.77 -0.55
C GLN A 27 38.57 29.16 0.02
N HIS A 28 39.65 29.81 -0.44
CA HIS A 28 39.95 31.23 -0.05
C HIS A 28 39.35 32.10 -1.15
N VAL A 29 38.02 32.25 -1.20
CA VAL A 29 37.32 32.97 -2.30
C VAL A 29 37.73 34.44 -2.29
N SER A 30 37.84 35.05 -1.11
CA SER A 30 38.16 36.49 -0.97
C SER A 30 38.76 36.67 0.42
N LEU A 31 39.39 37.82 0.70
CA LEU A 31 40.13 38.04 1.98
C LEU A 31 41.08 36.85 2.11
N ASP A 32 41.70 36.45 0.99
CA ASP A 32 42.68 35.33 0.98
C ASP A 32 43.79 35.66 1.96
N GLY A 33 44.19 36.94 2.02
CA GLY A 33 45.28 37.41 2.89
C GLY A 33 46.48 37.74 2.02
N ILE A 34 47.35 38.64 2.48
CA ILE A 34 48.63 38.97 1.77
C ILE A 34 49.27 37.64 1.40
N PRO A 35 50.06 37.50 0.31
CA PRO A 35 50.57 36.18 -0.08
C PRO A 35 51.11 35.38 1.10
N GLU A 36 50.64 34.13 1.26
CA GLU A 36 51.03 33.26 2.39
C GLU A 36 52.49 32.84 2.21
N ASN A 37 53.19 32.57 3.30
CA ASN A 37 54.63 32.18 3.25
C ASN A 37 54.75 30.88 2.46
N THR A 38 53.81 29.94 2.61
CA THR A 38 53.84 28.61 1.94
C THR A 38 52.78 28.56 0.85
N ASP A 39 53.15 28.16 -0.37
CA ASP A 39 52.19 27.98 -1.49
C ASP A 39 51.60 26.58 -1.33
N THR A 40 50.73 26.37 -0.35
CA THR A 40 50.06 25.08 -0.10
C THR A 40 48.77 25.05 -0.92
N TYR A 41 48.50 26.11 -1.71
CA TYR A 41 47.23 26.25 -2.46
C TYR A 41 47.30 25.41 -3.72
N PHE A 42 46.17 24.98 -4.27
CA PHE A 42 46.10 24.28 -5.58
C PHE A 42 44.98 24.95 -6.36
N VAL A 43 45.24 25.33 -7.61
CA VAL A 43 44.24 26.12 -8.41
C VAL A 43 43.34 25.20 -9.23
N LYS A 44 42.04 25.14 -8.91
CA LYS A 44 41.04 24.37 -9.70
C LYS A 44 40.32 25.39 -10.58
N VAL A 45 40.35 25.25 -11.91
CA VAL A 45 39.74 26.25 -12.83
C VAL A 45 38.54 25.57 -13.48
N LYS A 46 37.37 26.22 -13.49
CA LYS A 46 36.14 25.62 -14.06
C LYS A 46 36.00 26.06 -15.51
N SER A 47 35.66 25.14 -16.41
CA SER A 47 35.44 25.44 -17.85
C SER A 47 34.01 25.02 -18.18
N SER A 48 33.24 25.86 -18.86
CA SER A 48 31.82 25.58 -19.21
C SER A 48 31.77 24.35 -20.12
N ALA A 49 32.82 24.07 -20.90
CA ALA A 49 32.80 22.98 -21.92
C ALA A 49 33.73 21.82 -21.56
N PHE A 50 34.49 21.89 -20.46
CA PHE A 50 35.47 20.85 -20.07
C PHE A 50 35.49 20.67 -18.55
N LYS A 51 35.95 19.52 -18.07
CA LYS A 51 36.00 19.22 -16.61
C LYS A 51 37.00 20.18 -15.97
N ASP A 52 36.80 20.55 -14.69
CA ASP A 52 37.67 21.52 -13.99
C ASP A 52 39.12 21.08 -14.08
N VAL A 53 40.06 22.00 -14.31
CA VAL A 53 41.50 21.66 -14.44
C VAL A 53 42.19 22.04 -13.13
N TYR A 54 43.20 21.28 -12.70
CA TYR A 54 43.85 21.47 -11.39
C TYR A 54 45.37 21.55 -11.56
N ILE A 55 46.09 22.29 -10.73
CA ILE A 55 47.59 22.33 -10.71
C ILE A 55 47.98 23.07 -9.42
N PRO A 56 49.13 22.81 -8.74
CA PRO A 56 49.50 23.59 -7.56
C PRO A 56 49.96 24.98 -8.00
N VAL A 57 49.67 26.02 -7.19
CA VAL A 57 50.18 27.39 -7.50
C VAL A 57 51.69 27.37 -7.25
N ALA A 58 52.48 28.09 -8.05
CA ALA A 58 53.95 28.17 -7.91
C ALA A 58 54.39 29.58 -7.48
N SER A 59 53.61 30.61 -7.80
CA SER A 59 53.89 32.01 -7.37
C SER A 59 52.57 32.71 -7.07
N ILE A 60 52.50 33.61 -6.08
CA ILE A 60 51.29 34.42 -5.77
C ILE A 60 51.83 35.78 -5.31
N THR A 61 51.20 36.90 -5.69
CA THR A 61 51.65 38.27 -5.34
C THR A 61 50.42 39.09 -4.98
N GLU A 62 50.58 40.35 -4.59
CA GLU A 62 49.44 41.26 -4.29
C GLU A 62 49.93 42.64 -4.69
N GLU A 63 49.47 43.13 -5.84
CA GLU A 63 49.91 44.44 -6.40
C GLU A 63 48.64 45.22 -6.69
N LYS A 64 48.72 46.55 -6.79
CA LYS A 64 47.52 47.42 -6.97
C LYS A 64 47.27 47.58 -8.48
N ARG A 65 46.09 47.22 -8.96
CA ARG A 65 45.76 47.28 -10.42
C ARG A 65 45.68 48.75 -10.83
N ASN A 66 44.84 49.55 -10.18
CA ASN A 66 44.69 51.01 -10.41
C ASN A 66 44.71 51.57 -8.99
N GLY A 67 45.82 51.37 -8.24
CA GLY A 67 45.82 51.68 -6.81
C GLY A 67 44.73 50.85 -6.15
N GLN A 68 44.43 49.66 -6.70
CA GLN A 68 43.33 48.78 -6.24
C GLN A 68 43.94 47.40 -5.94
N SER A 69 44.28 47.13 -4.67
CA SER A 69 44.88 45.83 -4.26
C SER A 69 44.10 44.66 -4.87
N VAL A 70 44.77 43.75 -5.59
CA VAL A 70 44.15 42.51 -6.13
C VAL A 70 45.21 41.42 -5.98
N TYR A 71 44.90 40.33 -5.29
CA TYR A 71 45.88 39.24 -5.01
C TYR A 71 46.26 38.58 -6.33
N LYS A 72 47.44 38.88 -6.90
CA LYS A 72 47.93 38.17 -8.11
C LYS A 72 48.11 36.69 -7.74
N ILE A 73 47.95 35.78 -8.68
CA ILE A 73 48.11 34.31 -8.46
C ILE A 73 48.82 33.77 -9.70
N THR A 74 49.75 32.82 -9.57
CA THR A 74 50.43 32.15 -10.71
C THR A 74 50.48 30.65 -10.44
N ALA A 75 50.68 29.81 -11.46
CA ALA A 75 50.65 28.33 -11.29
C ALA A 75 51.78 27.82 -12.19
N LYS A 76 52.58 26.83 -11.76
CA LYS A 76 53.61 26.22 -12.66
C LYS A 76 53.03 24.92 -13.18
N ALA A 77 53.12 24.69 -14.49
CA ALA A 77 52.60 23.48 -15.16
C ALA A 77 53.64 23.04 -16.18
N GLU A 78 53.53 21.82 -16.72
CA GLU A 78 54.55 21.29 -17.64
C GLU A 78 54.68 22.20 -18.86
N LYS A 79 53.58 22.61 -19.48
CA LYS A 79 53.60 23.45 -20.72
C LYS A 79 52.32 24.31 -20.81
N LEU A 80 51.84 24.93 -19.71
CA LEU A 80 50.53 25.64 -19.74
C LEU A 80 50.70 27.04 -20.32
N GLN A 81 51.05 27.12 -21.60
CA GLN A 81 51.18 28.42 -22.28
C GLN A 81 49.79 29.06 -22.33
N GLN A 82 49.67 30.35 -21.99
CA GLN A 82 48.38 31.07 -22.02
C GLN A 82 48.48 32.17 -23.08
N GLU A 83 47.52 32.28 -24.02
CA GLU A 83 47.45 33.41 -24.98
C GLU A 83 46.76 34.56 -24.24
N LEU A 84 47.45 35.15 -23.25
CA LEU A 84 46.87 36.23 -22.41
C LEU A 84 46.95 37.56 -23.16
N GLU A 85 45.82 38.25 -23.34
CA GLU A 85 45.78 39.57 -24.02
C GLU A 85 46.44 39.45 -25.40
N ASN A 86 46.19 38.35 -26.11
CA ASN A 86 46.74 38.12 -27.48
C ASN A 86 48.25 37.96 -27.40
N LYS A 87 48.79 37.63 -26.22
CA LYS A 87 50.25 37.43 -26.00
C LYS A 87 50.41 36.02 -25.42
N TYR A 88 51.25 35.19 -26.00
CA TYR A 88 51.48 33.82 -25.49
C TYR A 88 52.31 33.91 -24.21
N VAL A 89 52.04 33.05 -23.21
CA VAL A 89 52.74 33.05 -21.89
C VAL A 89 53.25 31.61 -21.72
N ASP A 90 53.99 31.29 -20.66
CA ASP A 90 54.55 29.92 -20.41
C ASP A 90 53.66 29.09 -19.49
N ASN A 91 53.17 29.66 -18.37
CA ASN A 91 52.35 28.92 -17.37
C ASN A 91 51.21 29.84 -16.93
N PHE A 92 50.03 29.28 -16.60
CA PHE A 92 48.82 30.10 -16.25
C PHE A 92 48.97 30.82 -14.90
N THR A 93 48.51 32.09 -14.89
CA THR A 93 48.45 32.99 -13.73
C THR A 93 47.18 33.83 -13.87
N PHE A 94 46.58 34.34 -12.77
CA PHE A 94 45.40 35.25 -12.81
C PHE A 94 45.52 36.21 -11.63
N TYR A 95 44.51 37.02 -11.33
CA TYR A 95 44.50 37.94 -10.16
C TYR A 95 43.12 37.85 -9.47
N LEU A 96 43.07 37.43 -8.20
CA LEU A 96 41.82 37.30 -7.42
C LEU A 96 41.54 38.60 -6.66
N ASP A 97 40.30 39.08 -6.63
CA ASP A 97 39.90 40.37 -6.00
C ASP A 97 40.04 40.32 -4.48
N LYS A 98 39.86 41.47 -3.79
CA LYS A 98 40.00 41.57 -2.32
C LYS A 98 38.72 41.16 -1.58
N LYS A 99 37.53 41.66 -1.94
CA LYS A 99 36.26 41.41 -1.17
C LYS A 99 35.02 41.88 -1.94
N ALA A 100 33.79 41.42 -1.59
CA ALA A 100 32.51 41.87 -2.20
C ALA A 100 31.56 42.28 -1.06
N LYS A 101 30.64 43.22 -1.29
CA LYS A 101 29.64 43.68 -0.29
C LYS A 101 28.24 43.51 -0.90
N GLU A 102 27.87 42.30 -1.30
CA GLU A 102 26.54 41.97 -1.88
C GLU A 102 25.92 40.97 -0.91
N GLU A 103 26.31 41.01 0.37
CA GLU A 103 25.72 40.16 1.45
C GLU A 103 24.93 41.07 2.41
N ASN A 104 25.33 42.33 2.59
CA ASN A 104 24.52 43.29 3.40
C ASN A 104 23.19 43.36 2.66
N THR A 105 23.24 43.34 1.33
CA THR A 105 22.03 43.24 0.48
C THR A 105 21.99 41.75 0.16
N ASN A 106 20.82 41.11 0.17
CA ASN A 106 20.67 39.64 -0.05
C ASN A 106 20.21 39.41 -1.50
N PHE A 107 20.27 40.43 -2.35
CA PHE A 107 19.78 40.39 -3.76
C PHE A 107 20.56 39.44 -4.66
N THR A 108 21.88 39.27 -4.47
CA THR A 108 22.74 38.54 -5.45
C THR A 108 22.91 37.03 -5.20
N SER A 109 23.42 36.58 -4.04
CA SER A 109 23.78 35.15 -3.84
C SER A 109 22.90 34.46 -2.81
N PHE A 110 22.57 33.18 -3.03
CA PHE A 110 21.78 32.36 -2.06
C PHE A 110 22.60 32.18 -0.79
N SER A 111 23.91 31.92 -0.92
CA SER A 111 24.81 31.74 0.25
C SER A 111 24.83 33.06 1.04
N ASN A 112 24.93 34.18 0.33
CA ASN A 112 24.93 35.52 0.97
C ASN A 112 23.58 35.72 1.66
N LEU A 113 22.49 35.31 1.01
CA LEU A 113 21.12 35.52 1.53
C LEU A 113 20.93 34.75 2.84
N VAL A 114 21.38 33.48 2.89
CA VAL A 114 21.15 32.65 4.10
C VAL A 114 21.91 33.31 5.25
N LYS A 115 23.11 33.82 4.98
CA LYS A 115 23.90 34.53 6.03
C LYS A 115 23.15 35.77 6.47
N ALA A 116 22.61 36.56 5.53
CA ALA A 116 21.93 37.85 5.84
C ALA A 116 20.73 37.61 6.76
N ILE A 117 19.89 36.62 6.45
CA ILE A 117 18.66 36.30 7.25
C ILE A 117 19.09 35.81 8.65
N ASN A 118 20.31 35.28 8.81
CA ASN A 118 20.78 34.70 10.09
C ASN A 118 21.33 35.80 11.00
N GLN A 119 21.81 36.93 10.46
CA GLN A 119 22.29 38.06 11.31
C GLN A 119 21.11 38.86 11.87
N ASN A 120 20.04 39.01 11.08
CA ASN A 120 18.82 39.77 11.49
C ASN A 120 17.60 38.92 11.13
N PRO A 121 16.89 38.29 12.09
CA PRO A 121 15.67 37.55 11.75
C PRO A 121 14.62 38.51 11.18
N SER A 122 14.50 39.70 11.76
CA SER A 122 13.49 40.70 11.34
C SER A 122 14.12 41.70 10.37
N GLY A 123 13.69 41.70 9.10
CA GLY A 123 14.21 42.64 8.09
C GLY A 123 13.37 42.61 6.82
N THR A 124 13.66 43.49 5.85
CA THR A 124 13.00 43.48 4.52
C THR A 124 14.02 42.89 3.56
N TYR A 125 13.66 41.84 2.82
CA TYR A 125 14.60 41.11 1.92
C TYR A 125 14.08 41.20 0.50
N HIS A 126 14.95 41.48 -0.48
CA HIS A 126 14.57 41.54 -1.92
C HIS A 126 15.56 40.74 -2.76
N LEU A 127 15.15 40.26 -3.95
CA LEU A 127 16.00 39.40 -4.82
C LEU A 127 16.27 40.13 -6.14
N ALA A 128 17.52 40.13 -6.63
CA ALA A 128 17.92 40.84 -7.87
C ALA A 128 17.60 39.97 -9.09
N ALA A 129 17.76 38.64 -8.99
CA ALA A 129 17.51 37.72 -10.12
C ALA A 129 17.20 36.31 -9.62
N SER A 130 16.61 35.46 -10.47
CA SER A 130 16.36 34.05 -10.11
C SER A 130 17.73 33.42 -9.87
N LEU A 131 17.87 32.59 -8.84
CA LEU A 131 19.20 32.08 -8.43
C LEU A 131 19.13 30.59 -8.07
N ASN A 132 20.28 29.94 -7.96
CA ASN A 132 20.39 28.49 -7.66
C ASN A 132 20.47 28.34 -6.13
N ALA A 133 19.74 27.41 -5.50
CA ALA A 133 19.91 27.17 -4.05
C ALA A 133 21.03 26.15 -3.79
N ASN A 134 21.70 25.68 -4.84
CA ASN A 134 22.79 24.66 -4.72
C ASN A 134 23.99 25.27 -3.98
N GLU A 135 24.05 26.60 -3.87
CA GLU A 135 25.20 27.30 -3.23
C GLU A 135 25.38 26.79 -1.81
N VAL A 136 24.29 26.54 -1.08
CA VAL A 136 24.35 26.08 0.34
C VAL A 136 24.91 24.66 0.42
N GLU A 137 25.64 24.31 1.49
CA GLU A 137 26.18 22.93 1.72
C GLU A 137 25.01 21.98 1.98
N LEU A 138 23.95 22.40 2.70
CA LEU A 138 22.73 21.62 3.06
C LEU A 138 22.92 21.04 4.47
N GLY A 139 24.15 20.91 4.98
CA GLY A 139 24.41 20.45 6.35
C GLY A 139 24.35 18.94 6.44
N PRO A 140 24.98 18.26 7.42
CA PRO A 140 24.82 16.81 7.56
C PRO A 140 23.40 16.43 7.97
N ASP A 141 22.82 17.12 8.97
CA ASP A 141 21.46 16.81 9.49
C ASP A 141 20.72 18.11 9.84
N GLU A 142 21.09 19.26 9.26
CA GLU A 142 20.49 20.56 9.62
C GLU A 142 18.99 20.50 9.25
N ARG A 143 18.10 20.96 10.12
CA ARG A 143 16.63 20.86 9.90
C ARG A 143 16.17 21.69 8.69
N SER A 144 16.62 22.93 8.55
CA SER A 144 16.16 23.86 7.49
C SER A 144 17.23 24.92 7.24
N TYR A 145 17.14 25.65 6.13
CA TYR A 145 18.15 26.68 5.75
C TYR A 145 18.23 27.73 6.86
N ILE A 146 17.09 28.11 7.44
CA ILE A 146 17.03 29.12 8.52
C ILE A 146 16.68 28.46 9.85
N LYS A 147 17.50 28.63 10.88
CA LYS A 147 17.23 28.15 12.27
C LYS A 147 16.11 28.97 12.91
N ASP A 148 16.07 30.28 12.69
CA ASP A 148 15.12 31.19 13.39
C ASP A 148 13.67 30.77 13.14
N THR A 149 12.82 30.80 14.16
CA THR A 149 11.37 30.48 14.05
C THR A 149 10.61 31.76 13.67
N PHE A 150 11.08 32.95 14.01
CA PHE A 150 10.48 34.23 13.56
C PHE A 150 11.45 34.82 12.53
N THR A 151 11.04 34.95 11.27
CA THR A 151 11.92 35.45 10.18
C THR A 151 11.11 35.93 8.98
N GLY A 152 11.76 36.50 7.96
CA GLY A 152 11.10 36.89 6.70
C GLY A 152 9.96 37.87 6.88
N ARG A 153 10.19 38.96 7.62
CA ARG A 153 9.12 39.94 7.91
C ARG A 153 8.60 40.47 6.57
N LEU A 154 9.50 40.82 5.63
CA LEU A 154 9.11 41.32 4.28
C LEU A 154 10.08 40.80 3.23
N ILE A 155 10.05 39.51 2.88
CA ILE A 155 10.88 38.98 1.77
C ILE A 155 10.05 39.16 0.49
N GLY A 156 10.58 39.83 -0.54
CA GLY A 156 9.81 40.15 -1.76
C GLY A 156 10.56 39.90 -3.05
N GLU A 157 9.86 39.53 -4.13
CA GLU A 157 10.45 39.35 -5.49
C GLU A 157 9.80 40.38 -6.42
N LYS A 158 9.03 41.35 -5.88
CA LYS A 158 8.28 42.36 -6.67
C LYS A 158 9.21 43.32 -7.40
N ASP A 159 10.41 43.58 -6.90
CA ASP A 159 11.33 44.58 -7.49
C ASP A 159 11.56 44.16 -8.94
N GLY A 160 11.75 42.87 -9.21
CA GLY A 160 11.83 42.34 -10.58
C GLY A 160 10.46 41.83 -10.95
N LYS A 161 10.21 41.54 -12.23
CA LYS A 161 8.85 41.14 -12.65
C LYS A 161 8.49 39.88 -11.84
N ASN A 162 9.41 38.92 -11.72
CA ASN A 162 9.22 37.70 -10.88
C ASN A 162 10.56 36.98 -10.75
N TYR A 163 10.79 36.19 -9.69
CA TYR A 163 12.02 35.39 -9.48
C TYR A 163 11.71 34.15 -8.64
N ALA A 164 12.55 33.11 -8.67
CA ALA A 164 12.36 31.86 -7.88
C ALA A 164 13.72 31.18 -7.64
N ILE A 165 13.81 30.26 -6.66
CA ILE A 165 15.10 29.61 -6.30
C ILE A 165 14.96 28.13 -6.65
N TYR A 166 15.88 27.55 -7.41
CA TYR A 166 15.76 26.14 -7.91
C TYR A 166 16.83 25.24 -7.27
N ASN A 167 16.51 24.01 -6.82
CA ASN A 167 17.43 22.99 -6.25
C ASN A 167 17.37 23.10 -4.73
N LEU A 168 16.26 22.70 -4.12
CA LEU A 168 16.06 22.82 -2.66
C LEU A 168 15.89 21.43 -2.05
N LYS A 169 16.61 21.11 -0.97
CA LYS A 169 16.48 19.81 -0.26
C LYS A 169 16.03 20.04 1.18
N LYS A 170 15.79 21.30 1.60
CA LYS A 170 15.43 21.65 3.00
C LYS A 170 14.30 22.67 3.03
N PRO A 171 13.43 22.73 4.07
CA PRO A 171 12.41 23.78 4.17
C PRO A 171 13.07 25.15 4.26
N LEU A 172 12.33 26.24 4.03
CA LEU A 172 12.98 27.59 3.99
C LEU A 172 13.19 28.17 5.39
N PHE A 173 12.13 28.61 6.08
CA PHE A 173 12.25 29.34 7.38
C PHE A 173 12.26 28.38 8.58
N GLU A 174 11.46 27.32 8.57
CA GLU A 174 11.32 26.29 9.66
C GLU A 174 10.17 26.71 10.59
N ASN A 175 9.73 27.97 10.55
CA ASN A 175 8.63 28.50 11.39
C ASN A 175 8.53 30.00 11.08
N LEU A 176 7.32 30.58 11.07
CA LEU A 176 7.11 32.03 10.80
C LEU A 176 6.18 32.63 11.85
N SER A 177 6.45 33.85 12.32
CA SER A 177 5.55 34.57 13.27
C SER A 177 5.39 36.01 12.80
N GLY A 178 4.18 36.45 12.46
CA GLY A 178 3.97 37.81 11.94
C GLY A 178 4.88 38.07 10.76
N ALA A 179 5.02 37.10 9.84
CA ALA A 179 5.94 37.20 8.67
C ALA A 179 5.16 37.34 7.37
N THR A 180 5.42 38.37 6.57
CA THR A 180 4.76 38.55 5.25
C THR A 180 5.75 38.11 4.17
N VAL A 181 5.40 37.12 3.36
CA VAL A 181 6.30 36.58 2.30
C VAL A 181 5.41 36.22 1.10
N GLU A 182 5.55 36.92 -0.02
CA GLU A 182 4.72 36.70 -1.23
C GLU A 182 5.53 36.99 -2.49
N LYS A 183 5.18 36.39 -3.63
CA LYS A 183 5.90 36.55 -4.92
C LYS A 183 7.10 35.60 -4.93
N LEU A 184 7.21 34.73 -3.92
CA LEU A 184 8.36 33.80 -3.79
C LEU A 184 7.93 32.43 -4.31
N SER A 185 8.69 31.83 -5.23
CA SER A 185 8.39 30.51 -5.84
C SER A 185 9.67 29.69 -5.88
N LEU A 186 9.57 28.36 -6.02
CA LEU A 186 10.73 27.44 -6.09
C LEU A 186 10.50 26.48 -7.25
N LYS A 187 11.54 25.82 -7.78
CA LYS A 187 11.40 24.94 -8.98
C LYS A 187 11.95 23.52 -8.77
N ASN A 188 13.25 23.32 -8.51
CA ASN A 188 13.78 21.93 -8.38
C ASN A 188 13.72 21.50 -6.91
N VAL A 189 12.59 21.70 -6.23
CA VAL A 189 12.47 21.38 -4.78
C VAL A 189 12.51 19.86 -4.59
N ALA A 190 13.13 19.37 -3.51
CA ALA A 190 13.24 17.92 -3.19
C ALA A 190 13.46 17.83 -1.68
N ILE A 191 12.48 18.23 -0.86
CA ILE A 191 12.68 18.34 0.61
C ILE A 191 12.22 17.06 1.30
N SER A 192 13.14 16.38 2.00
CA SER A 192 12.80 15.09 2.67
C SER A 192 13.33 15.13 4.10
N GLY A 193 12.48 14.75 5.07
CA GLY A 193 12.89 14.81 6.49
C GLY A 193 12.19 13.77 7.34
N LYS A 194 12.76 13.47 8.51
CA LYS A 194 12.13 12.52 9.45
C LYS A 194 11.26 13.31 10.43
N ASN A 195 11.13 14.62 10.21
CA ASN A 195 10.28 15.45 11.10
C ASN A 195 9.01 15.92 10.36
N ASP A 196 8.18 16.73 11.02
CA ASP A 196 6.95 17.27 10.40
C ASP A 196 7.45 18.21 9.33
N ILE A 197 7.38 17.78 8.07
CA ILE A 197 8.02 18.54 6.96
C ILE A 197 6.98 19.42 6.26
N GLY A 198 7.28 20.72 6.14
CA GLY A 198 6.41 21.62 5.37
C GLY A 198 7.30 22.22 4.30
N SER A 199 6.85 22.47 3.06
CA SER A 199 7.76 22.98 2.01
C SER A 199 8.28 24.38 2.36
N LEU A 200 7.42 25.39 2.48
CA LEU A 200 7.81 26.76 2.94
C LEU A 200 8.48 26.74 4.31
N ALA A 201 7.80 26.23 5.34
CA ALA A 201 8.32 26.22 6.74
C ALA A 201 7.54 25.16 7.51
N ASN A 202 7.90 24.86 8.75
CA ASN A 202 7.10 23.91 9.58
C ASN A 202 5.76 24.55 9.97
N GLU A 203 5.71 25.84 10.35
CA GLU A 203 4.46 26.45 10.88
C GLU A 203 4.38 27.96 10.70
N ALA A 204 3.21 28.55 10.88
CA ALA A 204 2.99 30.03 10.88
C ALA A 204 2.17 30.34 12.12
N THR A 205 2.77 30.53 13.30
CA THR A 205 2.05 30.64 14.60
C THR A 205 1.05 31.81 14.66
N ASN A 206 1.44 33.01 14.24
CA ASN A 206 0.57 34.22 14.34
C ASN A 206 -0.01 34.46 12.95
N GLY A 207 -0.65 35.62 12.68
CA GLY A 207 -1.08 35.92 11.31
C GLY A 207 0.15 36.18 10.45
N THR A 208 0.35 35.40 9.39
CA THR A 208 1.51 35.55 8.47
C THR A 208 0.90 35.52 7.06
N LYS A 209 1.37 36.35 6.14
CA LYS A 209 0.74 36.46 4.80
C LYS A 209 1.49 35.60 3.79
N ILE A 210 0.82 34.56 3.26
CA ILE A 210 1.41 33.69 2.19
C ILE A 210 0.49 33.88 0.98
N LYS A 211 0.92 34.64 -0.03
CA LYS A 211 0.08 34.97 -1.21
C LYS A 211 0.90 34.90 -2.49
N GLN A 212 0.26 34.77 -3.65
CA GLN A 212 0.96 34.72 -4.96
C GLN A 212 2.31 34.03 -4.77
N VAL A 213 2.28 32.80 -4.26
CA VAL A 213 3.49 31.95 -4.09
C VAL A 213 3.23 30.74 -4.99
N HIS A 214 4.22 30.28 -5.76
CA HIS A 214 4.03 29.19 -6.75
C HIS A 214 5.13 28.14 -6.63
N VAL A 215 5.13 27.36 -5.55
CA VAL A 215 6.13 26.27 -5.35
C VAL A 215 5.79 25.13 -6.31
N ASP A 216 6.78 24.40 -6.82
CA ASP A 216 6.57 23.25 -7.74
C ASP A 216 7.82 22.37 -7.65
N GLY A 217 7.72 21.03 -7.76
CA GLY A 217 8.89 20.14 -7.64
C GLY A 217 8.56 18.92 -6.80
N VAL A 218 9.52 18.33 -6.09
CA VAL A 218 9.31 17.10 -5.27
C VAL A 218 9.30 17.47 -3.78
N LEU A 219 8.30 17.00 -3.02
CA LEU A 219 8.28 17.16 -1.55
C LEU A 219 7.82 15.82 -0.97
N ALA A 220 8.60 15.23 -0.06
CA ALA A 220 8.14 14.00 0.64
C ALA A 220 9.04 13.67 1.82
N GLY A 221 8.47 13.63 3.04
CA GLY A 221 9.25 13.31 4.23
C GLY A 221 8.68 12.09 4.92
N GLU A 222 9.50 11.41 5.73
CA GLU A 222 9.04 10.18 6.41
C GLU A 222 7.90 10.51 7.38
N ARG A 223 8.00 11.62 8.11
CA ARG A 223 6.98 11.89 9.17
C ARG A 223 5.79 12.70 8.69
N GLY A 224 5.90 14.03 8.62
CA GLY A 224 4.72 14.88 8.35
C GLY A 224 4.86 15.65 7.04
N VAL A 225 3.74 16.09 6.45
CA VAL A 225 3.79 16.78 5.13
C VAL A 225 2.72 17.87 5.01
N GLY A 226 3.12 19.12 4.77
CA GLY A 226 2.12 20.16 4.47
C GLY A 226 2.47 20.79 3.14
N GLY A 227 1.49 21.27 2.37
CA GLY A 227 1.77 21.80 1.03
C GLY A 227 2.75 22.94 1.08
N LEU A 228 2.61 23.87 2.02
CA LEU A 228 3.54 25.01 2.25
C LEU A 228 4.00 24.91 3.71
N LEU A 229 3.10 25.12 4.66
CA LEU A 229 3.41 25.02 6.12
C LEU A 229 2.90 23.65 6.57
N ALA A 230 3.56 23.00 7.52
CA ALA A 230 3.16 21.66 7.99
C ALA A 230 1.73 21.78 8.53
N LYS A 231 1.42 22.87 9.23
CA LYS A 231 0.07 23.10 9.80
C LYS A 231 -0.22 24.60 9.77
N ALA A 232 -1.50 25.01 9.73
CA ALA A 232 -1.91 26.43 9.74
C ALA A 232 -2.31 26.83 11.15
N ASP A 233 -1.55 27.74 11.78
CA ASP A 233 -1.84 28.23 13.14
C ASP A 233 -2.30 29.69 13.04
N GLN A 234 -3.59 29.96 13.08
CA GLN A 234 -4.11 31.35 13.09
C GLN A 234 -3.33 32.18 12.05
N SER A 235 -3.16 31.70 10.80
CA SER A 235 -2.34 32.41 9.78
C SER A 235 -3.07 32.55 8.44
N SER A 236 -3.02 33.71 7.77
CA SER A 236 -3.72 33.94 6.48
C SER A 236 -2.87 33.38 5.33
N ILE A 237 -3.34 32.37 4.59
CA ILE A 237 -2.65 31.83 3.39
C ILE A 237 -3.71 31.75 2.29
N ALA A 238 -3.47 32.29 1.10
CA ALA A 238 -4.45 32.29 -0.02
C ALA A 238 -3.74 32.41 -1.38
N GLU A 239 -4.43 32.13 -2.50
CA GLU A 239 -3.85 32.34 -3.86
C GLU A 239 -2.46 31.71 -3.87
N SER A 240 -2.30 30.54 -3.24
CA SER A 240 -1.01 29.81 -3.18
C SER A 240 -0.96 28.85 -4.37
N SER A 241 0.11 28.08 -4.57
CA SER A 241 0.23 27.23 -5.79
C SER A 241 1.33 26.19 -5.63
N PHE A 242 1.03 25.04 -5.02
CA PHE A 242 2.01 23.93 -4.92
C PHE A 242 1.61 22.85 -5.92
N LYS A 243 2.44 22.60 -6.93
CA LYS A 243 2.18 21.49 -7.89
C LYS A 243 3.40 20.58 -7.87
N GLY A 244 3.35 19.45 -7.15
CA GLY A 244 4.52 18.58 -6.99
C GLY A 244 4.22 17.13 -6.62
N ARG A 245 5.21 16.25 -6.72
CA ARG A 245 5.04 14.79 -6.41
C ARG A 245 5.27 14.56 -4.91
N ILE A 246 4.26 14.12 -4.15
CA ILE A 246 4.35 13.96 -2.67
C ILE A 246 3.84 12.57 -2.32
N VAL A 247 4.61 11.79 -1.55
CA VAL A 247 4.19 10.41 -1.18
C VAL A 247 4.85 10.05 0.14
N ASN A 248 4.13 9.37 1.02
CA ASN A 248 4.68 8.96 2.33
C ASN A 248 4.50 7.45 2.44
N THR A 249 5.26 6.69 1.63
CA THR A 249 5.18 5.21 1.64
C THR A 249 5.59 4.70 3.01
N TYR A 250 6.51 5.42 3.67
CA TYR A 250 7.01 4.93 4.97
C TYR A 250 5.80 4.68 5.88
N GLU A 251 5.76 3.51 6.51
CA GLU A 251 4.58 3.14 7.35
C GLU A 251 4.77 3.70 8.77
N THR A 252 4.91 5.02 8.91
CA THR A 252 5.02 5.62 10.26
C THR A 252 3.72 5.38 11.02
N THR A 253 3.81 5.07 12.32
CA THR A 253 2.60 4.71 13.08
C THR A 253 1.94 5.97 13.67
N ASP A 254 2.56 7.13 13.52
CA ASP A 254 1.91 8.38 13.99
C ASP A 254 0.77 8.72 13.03
N ALA A 255 -0.21 9.50 13.50
CA ALA A 255 -1.38 9.83 12.65
C ALA A 255 -1.10 11.12 11.89
N TYR A 256 -0.03 11.13 11.10
CA TYR A 256 0.40 12.36 10.38
C TYR A 256 -0.73 12.84 9.46
N ASN A 257 -1.06 14.13 9.50
CA ASN A 257 -2.04 14.64 8.52
C ASN A 257 -1.28 15.31 7.38
N ILE A 258 -1.51 14.88 6.14
CA ILE A 258 -0.85 15.57 4.99
C ILE A 258 -1.88 16.53 4.38
N GLY A 259 -1.42 17.62 3.78
CA GLY A 259 -2.34 18.59 3.15
C GLY A 259 -1.81 19.23 1.88
N GLY A 260 -2.70 19.65 0.98
CA GLY A 260 -2.32 20.40 -0.23
C GLY A 260 -1.69 21.73 0.10
N LEU A 261 -2.14 22.40 1.16
CA LEU A 261 -1.60 23.71 1.60
C LEU A 261 -1.08 23.62 3.05
N VAL A 262 -1.79 22.97 3.98
CA VAL A 262 -1.34 22.74 5.39
C VAL A 262 -1.95 21.42 5.87
N GLY A 263 -1.16 20.53 6.48
CA GLY A 263 -1.65 19.21 6.91
C GLY A 263 -2.77 19.35 7.93
N HIS A 264 -2.64 20.29 8.88
CA HIS A 264 -3.67 20.57 9.90
C HIS A 264 -4.18 22.00 9.69
N LEU A 265 -5.49 22.19 9.48
CA LEU A 265 -6.07 23.55 9.38
C LEU A 265 -6.56 23.91 10.78
N THR A 266 -5.90 24.84 11.48
CA THR A 266 -6.23 25.16 12.89
C THR A 266 -6.64 26.62 13.11
N GLY A 267 -6.59 27.53 12.12
CA GLY A 267 -6.87 28.90 12.42
C GLY A 267 -8.36 29.22 12.40
N LYS A 268 -8.75 30.03 13.40
CA LYS A 268 -10.11 30.61 13.48
C LYS A 268 -10.11 31.87 12.65
N ASN A 269 -9.22 32.82 12.94
CA ASN A 269 -9.08 34.04 12.11
C ASN A 269 -8.62 33.53 10.74
N ALA A 270 -7.86 32.44 10.65
CA ALA A 270 -7.25 31.98 9.37
C ALA A 270 -8.26 31.45 8.35
N SER A 271 -7.83 31.30 7.09
CA SER A 271 -8.67 30.81 5.97
C SER A 271 -7.83 30.62 4.69
N ILE A 272 -8.13 29.62 3.86
CA ILE A 272 -7.40 29.36 2.58
C ILE A 272 -8.36 29.68 1.43
N ALA A 273 -8.11 30.66 0.56
CA ALA A 273 -9.09 31.12 -0.46
C ALA A 273 -8.54 31.25 -1.89
N LYS A 274 -9.31 30.88 -2.93
CA LYS A 274 -8.94 31.05 -4.35
C LYS A 274 -7.53 30.53 -4.63
N SER A 275 -7.09 29.47 -3.93
CA SER A 275 -5.74 28.89 -4.09
C SER A 275 -5.78 27.81 -5.18
N LYS A 276 -4.62 27.37 -5.67
CA LYS A 276 -4.52 26.33 -6.72
C LYS A 276 -3.46 25.31 -6.31
N ALA A 277 -3.55 24.08 -6.80
CA ALA A 277 -2.54 23.03 -6.55
C ALA A 277 -2.74 21.87 -7.50
N THR A 278 -1.75 21.02 -7.69
CA THR A 278 -1.83 19.78 -8.52
C THR A 278 -0.84 18.84 -7.85
N VAL A 279 -0.99 17.53 -7.92
CA VAL A 279 -0.09 16.62 -7.15
C VAL A 279 -0.21 15.20 -7.67
N THR A 280 0.76 14.35 -7.37
CA THR A 280 0.69 12.88 -7.64
C THR A 280 0.61 12.38 -6.20
N ILE A 281 -0.21 13.05 -5.37
CA ILE A 281 -0.25 12.80 -3.91
C ILE A 281 -0.75 11.37 -3.76
N SER A 282 -0.23 10.66 -2.79
CA SER A 282 -0.61 9.26 -2.53
C SER A 282 -0.20 9.02 -1.09
N SER A 283 -0.56 7.88 -0.47
CA SER A 283 -0.04 7.55 0.88
C SER A 283 -0.70 6.29 1.43
N ASN A 284 -0.23 5.79 2.56
CA ASN A 284 -0.90 4.63 3.22
C ASN A 284 -1.57 5.20 4.47
N THR A 285 -2.88 5.45 4.43
CA THR A 285 -3.51 6.10 5.62
C THR A 285 -3.37 5.24 6.87
N ASN A 286 -4.01 4.06 6.90
CA ASN A 286 -3.93 3.13 8.06
C ASN A 286 -4.71 3.69 9.26
N ARG A 287 -4.49 4.95 9.62
CA ARG A 287 -5.14 5.52 10.83
C ARG A 287 -6.23 6.52 10.43
N SER A 288 -7.43 6.38 11.01
CA SER A 288 -8.52 7.35 10.74
C SER A 288 -8.06 8.72 11.24
N ASP A 289 -7.32 8.73 12.34
CA ASP A 289 -6.83 10.01 12.91
C ASP A 289 -5.96 10.70 11.86
N GLN A 290 -5.13 9.95 11.13
CA GLN A 290 -4.36 10.57 10.02
C GLN A 290 -5.37 11.04 8.96
N THR A 291 -5.23 12.28 8.48
CA THR A 291 -6.21 12.81 7.49
C THR A 291 -5.51 13.50 6.32
N VAL A 292 -5.85 13.15 5.09
CA VAL A 292 -5.28 13.89 3.93
C VAL A 292 -6.45 14.60 3.24
N GLY A 293 -6.50 15.92 3.30
CA GLY A 293 -7.68 16.62 2.75
C GLY A 293 -7.51 17.01 1.29
N GLY A 294 -6.45 16.57 0.62
CA GLY A 294 -6.16 16.99 -0.75
C GLY A 294 -5.93 18.49 -0.78
N LEU A 295 -6.93 19.30 -0.43
CA LEU A 295 -6.75 20.76 -0.26
C LEU A 295 -6.63 20.99 1.24
N ALA A 296 -5.41 21.10 1.76
CA ALA A 296 -5.11 21.32 3.20
C ALA A 296 -5.63 20.18 4.10
N GLY A 297 -6.94 20.10 4.34
CA GLY A 297 -7.51 19.00 5.14
C GLY A 297 -7.42 19.23 6.64
N LEU A 298 -8.03 18.34 7.43
CA LEU A 298 -8.06 18.52 8.91
C LEU A 298 -8.59 19.92 9.19
N VAL A 299 -9.71 20.27 8.56
CA VAL A 299 -10.31 21.60 8.82
C VAL A 299 -10.71 21.60 10.29
N ASP A 300 -10.21 22.57 11.06
CA ASP A 300 -10.47 22.57 12.52
C ASP A 300 -10.35 23.98 13.07
N GLN A 301 -11.12 24.31 14.11
CA GLN A 301 -10.99 25.61 14.80
C GLN A 301 -11.49 26.70 13.85
N ASP A 302 -12.66 26.52 13.26
CA ASP A 302 -13.26 27.61 12.44
C ASP A 302 -12.30 28.09 11.33
N ALA A 303 -11.84 27.20 10.44
CA ALA A 303 -11.00 27.57 9.27
C ALA A 303 -11.90 27.57 8.03
N HIS A 304 -11.98 28.68 7.28
CA HIS A 304 -12.92 28.82 6.14
C HIS A 304 -12.16 28.75 4.81
N ILE A 305 -12.69 28.03 3.82
CA ILE A 305 -12.02 27.86 2.49
C ILE A 305 -12.75 28.74 1.47
N GLN A 306 -12.12 29.81 0.99
CA GLN A 306 -12.72 30.77 0.05
C GLN A 306 -12.57 30.49 -1.44
N ASN A 307 -13.34 29.56 -2.03
CA ASN A 307 -13.36 29.32 -3.51
C ASN A 307 -12.06 28.70 -4.05
N SER A 308 -11.32 27.91 -3.26
CA SER A 308 -10.04 27.32 -3.69
C SER A 308 -10.28 26.15 -4.67
N TYR A 309 -9.50 26.03 -5.75
CA TYR A 309 -9.64 24.95 -6.77
C TYR A 309 -8.29 24.29 -7.01
N ALA A 310 -8.13 22.99 -6.71
CA ALA A 310 -6.89 22.23 -6.99
C ALA A 310 -7.20 21.09 -7.96
N GLU A 311 -6.26 20.67 -8.82
CA GLU A 311 -6.51 19.64 -9.86
C GLU A 311 -5.70 18.35 -9.60
N GLY A 312 -5.09 18.21 -8.42
CA GLY A 312 -4.22 17.06 -8.11
C GLY A 312 -4.95 15.75 -7.86
N ASP A 313 -4.28 14.59 -7.98
CA ASP A 313 -4.90 13.25 -7.84
C ASP A 313 -4.33 12.50 -6.63
N ILE A 314 -5.15 11.65 -5.99
CA ILE A 314 -4.75 10.88 -4.77
C ILE A 314 -4.73 9.40 -5.14
N ASN A 315 -3.74 8.65 -4.63
CA ASN A 315 -3.71 7.17 -4.84
C ASN A 315 -3.47 6.56 -3.45
N ASN A 316 -4.48 6.59 -2.57
CA ASN A 316 -4.28 6.12 -1.17
C ASN A 316 -4.22 4.59 -1.11
N VAL A 317 -3.27 4.04 -0.35
CA VAL A 317 -3.09 2.55 -0.29
C VAL A 317 -4.08 1.94 0.71
N LYS A 318 -4.37 2.61 1.82
CA LYS A 318 -5.21 1.99 2.88
C LYS A 318 -6.62 2.58 2.90
N HIS A 319 -7.64 1.76 2.67
CA HIS A 319 -9.05 2.24 2.68
C HIS A 319 -9.48 2.71 4.07
N PHE A 320 -9.00 2.07 5.14
CA PHE A 320 -9.49 2.39 6.50
C PHE A 320 -9.22 3.86 6.92
N GLY A 321 -8.04 4.39 6.63
CA GLY A 321 -7.72 5.76 7.10
C GLY A 321 -8.55 6.82 6.39
N LYS A 322 -8.72 7.99 7.01
CA LYS A 322 -9.61 9.03 6.41
C LYS A 322 -8.83 9.95 5.46
N VAL A 323 -9.35 10.15 4.25
CA VAL A 323 -8.73 11.06 3.24
C VAL A 323 -9.84 11.51 2.30
N ALA A 324 -9.76 12.73 1.76
CA ALA A 324 -10.77 13.18 0.78
C ALA A 324 -10.23 14.32 -0.09
N GLY A 325 -10.92 14.64 -1.19
CA GLY A 325 -10.40 15.66 -2.13
C GLY A 325 -10.27 17.06 -1.57
N VAL A 326 -11.24 17.53 -0.79
CA VAL A 326 -11.19 18.95 -0.32
C VAL A 326 -11.04 19.02 1.20
N ALA A 327 -11.61 18.05 1.93
CA ALA A 327 -11.53 18.04 3.41
C ALA A 327 -11.17 16.63 3.89
N GLY A 328 -10.15 16.50 4.73
CA GLY A 328 -9.82 15.18 5.28
C GLY A 328 -10.56 14.90 6.57
N TYR A 329 -10.59 15.88 7.48
CA TYR A 329 -11.26 15.67 8.79
C TYR A 329 -11.99 16.95 9.22
N LEU A 330 -13.23 17.11 8.76
CA LEU A 330 -14.02 18.31 9.16
C LEU A 330 -14.15 18.28 10.68
N TRP A 331 -14.28 17.09 11.27
CA TRP A 331 -14.52 16.96 12.73
C TRP A 331 -13.37 17.54 13.56
N ASP A 332 -13.65 17.99 14.78
CA ASP A 332 -12.64 18.66 15.64
C ASP A 332 -12.30 17.79 16.84
N ARG A 333 -11.09 17.94 17.40
CA ARG A 333 -10.67 17.20 18.62
C ARG A 333 -11.42 17.87 19.76
N THR A 334 -11.70 19.17 19.60
CA THR A 334 -12.52 19.94 20.58
C THR A 334 -13.98 19.53 20.37
N SER A 335 -14.92 20.28 20.96
CA SER A 335 -16.37 19.99 20.83
C SER A 335 -16.81 20.13 19.38
N GLY A 336 -17.87 19.42 18.99
CA GLY A 336 -18.35 19.48 17.60
C GLY A 336 -19.24 20.67 17.36
N GLU A 337 -18.68 21.88 17.33
CA GLU A 337 -19.47 23.08 16.99
C GLU A 337 -19.63 23.08 15.48
N GLU A 338 -20.84 23.28 14.95
CA GLU A 338 -20.94 23.38 13.47
C GLU A 338 -19.84 24.36 13.07
N LYS A 339 -19.52 25.32 13.93
CA LYS A 339 -18.55 26.40 13.60
C LYS A 339 -17.10 26.00 13.81
N HIS A 340 -16.73 25.10 14.73
CA HIS A 340 -15.27 24.81 14.91
C HIS A 340 -14.81 23.89 13.81
N ALA A 341 -15.74 23.30 13.06
CA ALA A 341 -15.42 22.38 11.95
C ALA A 341 -14.65 23.14 10.88
N GLY A 342 -14.97 24.43 10.69
CA GLY A 342 -14.42 25.23 9.59
C GLY A 342 -15.43 25.27 8.45
N GLU A 343 -15.16 25.98 7.34
CA GLU A 343 -16.13 26.16 6.22
C GLU A 343 -15.48 25.85 4.88
N LEU A 344 -16.25 25.39 3.89
CA LEU A 344 -15.76 25.10 2.51
C LEU A 344 -16.63 25.90 1.53
N THR A 345 -16.05 26.66 0.59
CA THR A 345 -16.82 27.44 -0.43
C THR A 345 -16.23 27.30 -1.84
N ASN A 346 -17.07 27.25 -2.87
CA ASN A 346 -16.66 27.22 -4.30
C ASN A 346 -15.45 26.28 -4.48
N VAL A 347 -15.59 25.00 -4.13
CA VAL A 347 -14.44 24.04 -4.17
C VAL A 347 -14.72 22.89 -5.14
N LEU A 348 -13.84 22.66 -6.14
CA LEU A 348 -13.94 21.53 -7.09
C LEU A 348 -12.54 20.97 -7.32
N SER A 349 -12.34 19.64 -7.26
CA SER A 349 -11.05 19.00 -7.61
C SER A 349 -11.30 17.87 -8.60
N ASP A 350 -10.32 17.50 -9.44
CA ASP A 350 -10.50 16.37 -10.38
C ASP A 350 -9.58 15.27 -9.87
N VAL A 351 -9.56 15.11 -8.55
CA VAL A 351 -8.74 14.07 -7.88
C VAL A 351 -9.25 12.70 -8.31
N ASN A 352 -8.37 11.79 -8.71
CA ASN A 352 -8.86 10.41 -8.98
C ASN A 352 -8.50 9.65 -7.71
N VAL A 353 -9.08 10.07 -6.58
CA VAL A 353 -8.74 9.49 -5.25
C VAL A 353 -9.07 8.00 -5.19
N THR A 354 -8.20 7.19 -4.58
CA THR A 354 -8.47 5.74 -4.43
C THR A 354 -8.36 5.33 -2.96
N ASN A 355 -9.36 4.60 -2.44
CA ASN A 355 -9.41 4.20 -1.01
C ASN A 355 -9.70 5.43 -0.16
N GLY A 356 -10.24 6.49 -0.78
CA GLY A 356 -10.51 7.75 -0.06
C GLY A 356 -11.83 8.34 -0.48
N ASN A 357 -12.34 9.30 0.28
CA ASN A 357 -13.68 9.89 -0.01
C ASN A 357 -13.52 10.96 -1.10
N ALA A 358 -14.64 11.41 -1.68
CA ALA A 358 -14.58 12.40 -2.78
C ALA A 358 -14.29 13.80 -2.24
N ILE A 359 -15.09 14.30 -1.31
CA ILE A 359 -14.95 15.71 -0.86
C ILE A 359 -14.50 15.75 0.61
N THR A 360 -15.30 15.22 1.53
CA THR A 360 -14.91 15.37 2.97
C THR A 360 -14.71 13.99 3.61
N GLY A 361 -13.59 13.81 4.30
CA GLY A 361 -13.28 12.51 4.93
C GLY A 361 -14.25 12.17 6.05
N TYR A 362 -14.60 13.16 6.88
CA TYR A 362 -15.57 12.91 7.96
C TYR A 362 -16.91 13.53 7.56
N HIS A 363 -17.94 12.68 7.41
CA HIS A 363 -19.27 13.20 7.04
C HIS A 363 -20.12 13.27 8.30
N TYR A 364 -20.61 14.46 8.63
CA TYR A 364 -21.44 14.64 9.85
C TYR A 364 -22.72 15.39 9.44
N THR A 365 -23.85 15.03 10.05
CA THR A 365 -25.14 15.65 9.64
C THR A 365 -24.98 17.15 9.43
N GLY A 366 -24.24 17.84 10.30
CA GLY A 366 -24.00 19.28 10.07
C GLY A 366 -22.78 19.54 9.21
N MET A 367 -22.76 19.01 7.98
CA MET A 367 -21.63 19.30 7.06
C MET A 367 -21.58 20.81 6.82
N LYS A 368 -20.40 21.41 6.89
CA LYS A 368 -20.27 22.88 6.72
C LYS A 368 -19.74 23.19 5.32
N VAL A 369 -20.40 22.68 4.28
CA VAL A 369 -19.91 22.90 2.88
C VAL A 369 -20.86 23.91 2.23
N ALA A 370 -21.98 23.50 1.64
CA ALA A 370 -23.03 24.41 1.07
C ALA A 370 -22.66 24.88 -0.34
N ASN A 371 -21.43 24.67 -0.80
CA ASN A 371 -20.97 25.03 -2.17
C ASN A 371 -20.11 23.87 -2.65
N THR A 372 -20.72 22.73 -2.95
CA THR A 372 -19.97 21.49 -3.32
C THR A 372 -19.91 21.31 -4.83
N PHE A 373 -18.74 20.98 -5.36
CA PHE A 373 -18.53 20.70 -6.81
C PHE A 373 -17.51 19.57 -6.90
N SER A 374 -17.68 18.61 -7.82
CA SER A 374 -16.70 17.51 -8.05
C SER A 374 -16.54 17.26 -9.54
N SER A 375 -15.41 16.69 -9.98
CA SER A 375 -15.15 16.38 -11.42
C SER A 375 -15.43 14.90 -11.71
N LYS A 376 -15.41 14.50 -12.98
CA LYS A 376 -15.61 13.09 -13.39
C LYS A 376 -14.25 12.38 -13.33
N ALA A 377 -13.91 11.79 -12.18
CA ALA A 377 -12.63 11.07 -11.96
C ALA A 377 -12.96 9.74 -11.29
N ASN A 378 -11.98 9.02 -10.72
CA ASN A 378 -12.39 7.76 -10.05
C ASN A 378 -12.32 7.93 -8.53
N ARG A 379 -13.41 7.59 -7.82
CA ARG A 379 -13.46 7.69 -6.35
C ARG A 379 -13.66 6.30 -5.74
N VAL A 380 -13.55 5.24 -6.55
CA VAL A 380 -13.90 3.88 -6.03
C VAL A 380 -12.86 3.41 -5.00
N PHE A 381 -13.34 2.98 -3.83
CA PHE A 381 -12.45 2.50 -2.74
C PHE A 381 -12.79 1.03 -2.47
N ASN A 382 -11.81 0.23 -2.04
CA ASN A 382 -12.08 -1.23 -1.90
C ASN A 382 -12.61 -1.58 -0.50
N VAL A 383 -13.79 -2.20 -0.44
CA VAL A 383 -14.41 -2.61 0.86
C VAL A 383 -13.54 -3.66 1.55
N THR A 384 -12.89 -4.55 0.79
CA THR A 384 -12.00 -5.61 1.35
C THR A 384 -12.74 -6.56 2.30
N LEU A 385 -13.98 -6.95 1.96
CA LEU A 385 -14.67 -7.98 2.80
C LEU A 385 -14.21 -9.37 2.34
N GLU A 386 -14.76 -10.45 2.90
CA GLU A 386 -14.42 -11.84 2.47
C GLU A 386 -14.00 -11.80 1.00
N LYS A 387 -14.93 -11.55 0.08
CA LYS A 387 -14.57 -11.34 -1.35
C LYS A 387 -14.01 -9.92 -1.44
N ASP A 388 -12.96 -9.69 -2.23
CA ASP A 388 -12.50 -8.28 -2.38
C ASP A 388 -13.40 -7.55 -3.37
N GLU A 389 -13.94 -6.39 -2.97
CA GLU A 389 -14.85 -5.63 -3.86
C GLU A 389 -14.55 -4.13 -3.73
N VAL A 390 -14.71 -3.37 -4.82
CA VAL A 390 -14.40 -1.91 -4.80
C VAL A 390 -15.61 -1.12 -5.33
N VAL A 391 -16.03 -0.08 -4.60
CA VAL A 391 -17.20 0.75 -5.02
C VAL A 391 -16.99 2.21 -4.62
N SER A 392 -17.71 3.13 -5.25
CA SER A 392 -17.61 4.56 -4.85
C SER A 392 -18.51 4.84 -3.64
N LYS A 393 -18.18 5.84 -2.83
CA LYS A 393 -18.96 6.19 -1.61
C LYS A 393 -20.27 6.83 -2.08
N GLU A 394 -20.24 7.45 -3.26
CA GLU A 394 -21.39 8.17 -3.84
C GLU A 394 -22.00 9.13 -2.80
N SER A 395 -21.19 10.04 -2.23
CA SER A 395 -21.72 11.06 -1.28
C SER A 395 -21.12 12.43 -1.62
N PHE A 396 -20.93 12.72 -2.90
CA PHE A 396 -20.28 13.99 -3.32
C PHE A 396 -21.15 14.72 -4.35
N GLU A 397 -20.93 16.02 -4.52
CA GLU A 397 -21.66 16.83 -5.54
C GLU A 397 -20.92 16.75 -6.87
N GLU A 398 -21.47 16.03 -7.86
CA GLU A 398 -20.81 15.80 -9.19
C GLU A 398 -21.05 16.96 -10.14
N ARG A 399 -20.14 17.20 -11.10
CA ARG A 399 -20.29 18.25 -12.16
C ARG A 399 -20.00 17.60 -13.51
N GLY A 400 -20.38 18.23 -14.62
CA GLY A 400 -20.26 17.65 -15.98
C GLY A 400 -18.99 18.06 -16.69
N THR A 401 -19.08 18.57 -17.92
CA THR A 401 -17.91 18.96 -18.77
C THR A 401 -17.67 20.47 -18.68
N MET A 402 -18.32 21.16 -17.73
CA MET A 402 -18.17 22.62 -17.52
C MET A 402 -17.10 22.84 -16.45
N LEU A 403 -16.26 21.83 -16.20
CA LEU A 403 -15.21 21.90 -15.17
C LEU A 403 -14.27 23.04 -15.55
N ASP A 404 -14.02 23.22 -16.85
CA ASP A 404 -13.21 24.34 -17.35
C ASP A 404 -13.91 25.65 -16.97
N ALA A 405 -15.23 25.73 -17.12
CA ALA A 405 -16.01 26.93 -16.73
C ALA A 405 -15.87 27.11 -15.23
N SER A 406 -15.92 26.02 -14.46
CA SER A 406 -15.75 26.06 -13.00
C SER A 406 -14.32 26.53 -12.71
N GLN A 407 -13.35 26.12 -13.51
CA GLN A 407 -11.94 26.52 -13.34
C GLN A 407 -11.87 28.04 -13.52
N ILE A 408 -12.69 28.60 -14.41
CA ILE A 408 -12.70 30.07 -14.68
C ILE A 408 -13.12 30.80 -13.39
N VAL A 409 -13.86 30.17 -12.47
CA VAL A 409 -14.21 30.84 -11.19
C VAL A 409 -12.89 31.18 -10.48
N SER A 410 -11.84 30.37 -10.63
CA SER A 410 -10.51 30.69 -10.06
C SER A 410 -10.06 32.01 -10.68
N LYS A 411 -9.48 32.92 -9.90
CA LYS A 411 -9.17 34.30 -10.38
C LYS A 411 -7.86 34.38 -11.17
N LYS A 412 -6.77 33.75 -10.72
CA LYS A 412 -5.43 33.91 -11.37
C LYS A 412 -4.88 32.60 -11.91
N ALA A 413 -3.95 32.65 -12.88
CA ALA A 413 -3.27 31.46 -13.38
C ALA A 413 -1.92 31.22 -12.76
N GLU A 414 -0.96 32.12 -13.00
CA GLU A 414 0.40 31.94 -12.50
C GLU A 414 1.21 33.17 -12.84
N ILE A 415 2.50 33.09 -12.55
CA ILE A 415 3.47 34.05 -13.04
C ILE A 415 4.57 33.31 -13.76
N ASN A 416 5.25 33.97 -14.71
CA ASN A 416 6.40 33.38 -15.45
C ASN A 416 7.68 33.93 -14.83
N PRO A 417 8.28 33.22 -13.88
CA PRO A 417 9.50 33.66 -13.18
C PRO A 417 10.65 33.76 -14.18
N LEU A 418 11.49 34.79 -14.07
CA LEU A 418 12.69 34.94 -14.93
C LEU A 418 13.56 33.71 -14.72
N THR A 419 14.35 33.30 -15.71
CA THR A 419 15.18 32.08 -15.64
C THR A 419 16.33 32.26 -14.65
N LEU A 420 16.88 31.16 -14.12
CA LEU A 420 18.01 31.16 -13.21
C LEU A 420 19.24 31.69 -13.94
N PRO A 421 20.37 31.66 -13.26
CA PRO A 421 21.62 32.19 -13.84
C PRO A 421 21.99 31.43 -15.09
N THR A 422 22.75 32.06 -16.00
CA THR A 422 23.12 31.45 -17.29
C THR A 422 24.62 31.11 -17.35
N VAL A 423 25.53 32.06 -17.08
CA VAL A 423 26.99 31.80 -17.20
C VAL A 423 27.19 31.10 -18.54
N GLU A 424 26.90 31.76 -19.68
CA GLU A 424 26.86 31.10 -21.00
C GLU A 424 28.19 30.49 -21.43
N PRO A 425 28.16 29.63 -22.47
CA PRO A 425 29.32 28.88 -22.94
C PRO A 425 30.35 29.78 -23.59
N LEU A 426 29.94 30.62 -24.53
CA LEU A 426 30.86 31.48 -25.27
C LEU A 426 31.93 30.64 -25.98
N SER A 427 31.46 29.72 -26.81
CA SER A 427 32.35 28.83 -27.56
C SER A 427 33.41 29.63 -28.30
N PHE A 436 38.43 28.10 -32.95
CA PHE A 436 38.53 29.56 -32.75
C PHE A 436 39.00 30.23 -34.04
N SER A 437 38.99 31.57 -34.10
CA SER A 437 39.47 32.35 -35.27
C SER A 437 40.68 33.18 -34.81
N LYS A 438 40.99 34.30 -35.46
CA LYS A 438 42.11 35.21 -35.07
C LYS A 438 43.37 34.34 -34.93
N ILE A 439 43.62 33.45 -35.91
CA ILE A 439 44.75 32.49 -35.88
C ILE A 439 45.56 32.68 -37.17
N ALA A 440 46.79 32.17 -37.24
CA ALA A 440 47.68 32.40 -38.41
C ALA A 440 47.01 31.88 -39.69
N HIS A 441 46.40 30.69 -39.65
CA HIS A 441 45.66 30.12 -40.81
C HIS A 441 44.27 29.68 -40.35
N TYR A 442 43.20 30.35 -40.81
CA TYR A 442 41.80 30.03 -40.43
C TYR A 442 40.96 29.80 -41.68
N GLN A 443 40.32 28.63 -41.81
CA GLN A 443 39.40 28.32 -42.93
C GLN A 443 37.98 28.43 -42.34
N ALA A 444 37.13 29.28 -42.89
CA ALA A 444 35.77 29.52 -42.33
C ALA A 444 34.92 28.25 -42.44
N ASN A 445 35.04 27.51 -43.54
CA ASN A 445 34.27 26.27 -43.76
C ASN A 445 34.62 25.28 -42.65
N ARG A 446 35.87 25.27 -42.20
CA ARG A 446 36.37 24.29 -41.20
C ARG A 446 36.17 24.83 -39.78
N ALA A 447 35.43 25.94 -39.60
CA ALA A 447 35.14 26.50 -38.26
C ALA A 447 34.40 25.46 -37.42
N LEU A 448 33.34 24.87 -37.94
CA LEU A 448 32.58 23.81 -37.22
C LEU A 448 33.53 22.64 -36.98
N VAL A 449 34.35 22.32 -37.97
CA VAL A 449 35.32 21.19 -37.86
C VAL A 449 36.26 21.55 -36.70
N TYR A 450 36.69 22.80 -36.59
CA TYR A 450 37.62 23.24 -35.52
C TYR A 450 36.93 23.02 -34.19
N LYS A 451 35.65 23.35 -34.10
CA LYS A 451 34.86 23.12 -32.86
C LYS A 451 34.76 21.62 -32.60
N ASN A 452 34.53 20.82 -33.64
CA ASN A 452 34.37 19.35 -33.52
C ASN A 452 35.69 18.72 -33.07
N ILE A 453 36.83 19.19 -33.57
CA ILE A 453 38.17 18.63 -33.23
C ILE A 453 38.72 19.32 -31.99
N GLU A 454 38.02 20.32 -31.47
CA GLU A 454 38.44 20.96 -30.19
C GLU A 454 38.02 19.92 -29.16
N LYS A 455 36.92 19.21 -29.43
CA LYS A 455 36.49 18.11 -28.55
C LYS A 455 37.53 16.99 -28.58
N LEU A 456 38.04 16.64 -29.76
CA LEU A 456 38.93 15.45 -29.88
C LEU A 456 40.23 15.61 -29.09
N LEU A 457 40.85 16.81 -29.08
CA LEU A 457 42.08 17.04 -28.28
C LEU A 457 41.95 18.34 -27.50
N PRO A 458 41.90 18.33 -26.15
CA PRO A 458 41.94 19.56 -25.36
C PRO A 458 43.37 19.89 -24.92
N PHE A 459 43.61 21.09 -24.38
CA PHE A 459 44.94 21.51 -23.87
C PHE A 459 45.97 21.47 -25.01
N TYR A 460 45.58 21.89 -26.21
CA TYR A 460 46.48 21.97 -27.38
C TYR A 460 46.44 23.42 -27.88
N ASN A 461 47.60 24.04 -28.15
CA ASN A 461 47.67 25.42 -28.68
C ASN A 461 46.52 25.60 -29.68
N LYS A 462 45.83 26.73 -29.65
CA LYS A 462 44.68 26.98 -30.56
C LYS A 462 45.20 26.84 -31.99
N SER A 463 46.44 27.28 -32.24
CA SER A 463 47.08 27.17 -33.57
C SER A 463 47.19 25.70 -33.96
N THR A 464 47.62 24.83 -33.04
CA THR A 464 47.72 23.37 -33.30
C THR A 464 46.32 22.80 -33.46
N ILE A 465 45.32 23.32 -32.73
CA ILE A 465 43.93 22.81 -32.82
C ILE A 465 43.46 23.01 -34.27
N VAL A 466 43.68 24.21 -34.82
CA VAL A 466 43.26 24.53 -36.22
C VAL A 466 44.15 23.76 -37.20
N LYS A 467 45.42 23.51 -36.88
CA LYS A 467 46.35 22.73 -37.74
C LYS A 467 45.69 21.39 -38.06
N TYR A 468 45.19 20.68 -37.05
CA TYR A 468 44.48 19.40 -37.24
C TYR A 468 43.26 19.60 -38.12
N GLY A 469 42.56 20.72 -37.93
CA GLY A 469 41.35 21.02 -38.70
C GLY A 469 41.67 21.12 -40.18
N ASN A 470 42.84 21.64 -40.53
CA ASN A 470 43.25 21.80 -41.95
C ASN A 470 43.31 20.40 -42.59
N LEU A 471 43.72 19.37 -41.82
CA LEU A 471 43.90 18.00 -42.34
C LEU A 471 42.55 17.37 -42.72
N VAL A 472 41.42 17.99 -42.38
CA VAL A 472 40.07 17.42 -42.64
C VAL A 472 39.73 17.62 -44.12
N LYS A 473 38.98 16.68 -44.73
CA LYS A 473 38.58 16.74 -46.15
C LYS A 473 37.10 17.16 -46.22
N GLU A 474 36.61 17.57 -47.40
CA GLU A 474 35.20 18.05 -47.56
C GLU A 474 34.19 16.92 -47.30
N ASN A 475 34.58 15.68 -47.62
CA ASN A 475 33.72 14.48 -47.49
C ASN A 475 33.58 14.12 -46.02
N SER A 476 34.55 14.48 -45.18
CA SER A 476 34.57 14.06 -43.76
C SER A 476 33.25 14.36 -43.09
N LEU A 477 32.78 13.45 -42.24
CA LEU A 477 31.50 13.61 -41.50
C LEU A 477 31.69 14.66 -40.42
N LEU A 478 32.92 15.11 -40.19
CA LEU A 478 33.19 16.24 -39.25
C LEU A 478 32.48 17.46 -39.82
N TYR A 479 32.31 17.56 -41.14
CA TYR A 479 31.53 18.65 -41.78
C TYR A 479 30.11 18.58 -41.24
N GLN A 480 29.55 17.38 -41.10
CA GLN A 480 28.22 17.22 -40.44
C GLN A 480 28.46 17.46 -38.95
N LYS A 481 27.47 17.95 -38.21
CA LYS A 481 27.66 18.29 -36.78
C LYS A 481 28.08 17.00 -36.06
N GLU A 482 29.10 17.06 -35.19
CA GLU A 482 29.65 15.85 -34.51
C GLU A 482 29.46 15.97 -33.00
N LEU A 483 28.51 15.25 -32.39
CA LEU A 483 28.32 15.24 -30.91
C LEU A 483 29.52 14.54 -30.25
N LEU A 484 29.65 14.55 -28.92
CA LEU A 484 30.90 14.07 -28.27
C LEU A 484 31.12 12.61 -28.68
N SER A 485 32.33 12.27 -29.13
CA SER A 485 32.69 10.88 -29.50
C SER A 485 33.16 10.16 -28.24
N ALA A 486 33.47 8.86 -28.36
CA ALA A 486 33.95 8.08 -27.22
C ALA A 486 34.85 6.97 -27.71
N VAL A 487 35.70 6.45 -26.81
CA VAL A 487 36.70 5.39 -27.16
C VAL A 487 36.30 4.10 -26.46
N MET A 488 36.40 2.97 -27.15
CA MET A 488 36.07 1.64 -26.58
C MET A 488 37.00 0.60 -27.19
N MET A 489 37.29 -0.48 -26.46
CA MET A 489 38.15 -1.58 -26.97
C MET A 489 37.28 -2.82 -27.11
N LYS A 490 37.17 -3.38 -28.32
CA LYS A 490 36.34 -4.58 -28.58
C LYS A 490 34.97 -4.34 -27.94
N ASP A 491 34.41 -3.14 -28.06
CA ASP A 491 33.07 -2.81 -27.53
C ASP A 491 33.04 -3.04 -26.01
N ASP A 492 34.08 -2.61 -25.29
CA ASP A 492 34.12 -2.72 -23.80
C ASP A 492 33.83 -1.35 -23.18
N GLN A 493 33.56 -0.33 -23.98
CA GLN A 493 33.26 1.03 -23.49
C GLN A 493 34.38 1.40 -22.51
N VAL A 494 35.63 1.16 -22.89
CA VAL A 494 36.77 1.36 -21.94
C VAL A 494 36.76 2.78 -21.38
N ILE A 495 36.82 2.90 -20.05
CA ILE A 495 36.94 4.22 -19.34
C ILE A 495 38.32 4.29 -18.69
N THR A 496 38.92 3.15 -18.35
CA THR A 496 40.22 3.08 -17.64
C THR A 496 41.32 3.51 -18.61
N ASP A 497 41.69 4.79 -18.61
CA ASP A 497 42.83 5.24 -19.44
C ASP A 497 44.10 4.68 -18.83
N ILE A 498 44.25 4.70 -17.50
CA ILE A 498 45.54 4.32 -16.85
C ILE A 498 45.94 2.87 -17.15
N VAL A 499 44.99 1.98 -17.50
CA VAL A 499 45.26 0.53 -17.72
C VAL A 499 45.37 0.22 -19.22
N SER A 500 44.37 0.66 -20.01
CA SER A 500 44.32 0.40 -21.46
C SER A 500 44.99 1.55 -22.21
N ASN A 501 45.74 2.43 -21.53
CA ASN A 501 46.51 3.49 -22.22
C ASN A 501 47.54 2.83 -23.13
N LYS A 502 48.28 1.84 -22.62
CA LYS A 502 49.27 1.08 -23.43
C LYS A 502 48.49 0.28 -24.46
N GLN A 503 47.34 -0.28 -24.06
CA GLN A 503 46.49 -1.11 -24.95
C GLN A 503 45.97 -0.19 -26.06
N THR A 504 45.75 -0.73 -27.27
CA THR A 504 45.24 0.05 -28.43
C THR A 504 43.75 -0.30 -28.63
N ALA A 505 42.85 0.65 -28.39
CA ALA A 505 41.40 0.41 -28.51
C ALA A 505 41.02 0.11 -29.96
N ASN A 506 40.13 -0.85 -30.21
CA ASN A 506 39.78 -1.29 -31.58
C ASN A 506 39.30 -0.11 -32.42
N LYS A 507 38.40 0.75 -31.92
CA LYS A 507 37.80 1.83 -32.75
C LYS A 507 37.35 3.04 -31.91
N LEU A 508 37.20 4.22 -32.52
CA LEU A 508 36.69 5.45 -31.85
C LEU A 508 35.30 5.73 -32.44
N LEU A 509 34.23 5.73 -31.65
CA LEU A 509 32.86 5.95 -32.17
C LEU A 509 32.58 7.45 -32.28
N LEU A 510 32.61 8.02 -33.48
CA LEU A 510 32.42 9.48 -33.69
C LEU A 510 30.93 9.82 -33.72
N HIS A 511 30.33 10.10 -32.55
CA HIS A 511 28.89 10.42 -32.43
C HIS A 511 28.57 11.68 -33.22
N TYR A 512 27.40 11.74 -33.88
CA TYR A 512 26.99 12.90 -34.72
C TYR A 512 25.71 13.48 -34.12
N ASN A 513 25.21 14.59 -34.66
CA ASN A 513 23.92 15.19 -34.25
C ASN A 513 22.87 14.38 -35.02
N ASP A 514 23.30 13.60 -36.01
CA ASP A 514 22.44 12.62 -36.71
C ASP A 514 22.09 11.55 -35.68
N HIS A 515 22.86 11.43 -34.60
CA HIS A 515 22.68 10.42 -33.53
C HIS A 515 23.22 9.09 -34.03
N SER A 516 24.16 9.14 -34.99
CA SER A 516 24.84 7.94 -35.56
C SER A 516 26.33 8.14 -35.31
N SER A 517 27.14 7.09 -35.35
CA SER A 517 28.61 7.18 -35.09
C SER A 517 29.41 6.57 -36.24
N GLU A 518 30.73 6.83 -36.31
CA GLU A 518 31.62 6.26 -37.35
C GLU A 518 32.80 5.63 -36.62
N LYS A 519 33.40 4.55 -37.14
CA LYS A 519 34.49 3.81 -36.45
C LYS A 519 35.86 4.12 -37.09
N PHE A 520 36.85 4.55 -36.30
CA PHE A 520 38.24 4.77 -36.77
C PHE A 520 39.21 3.95 -35.92
N ASP A 521 40.00 3.06 -36.53
CA ASP A 521 40.98 2.24 -35.79
C ASP A 521 41.90 3.16 -34.99
N LEU A 522 42.22 2.83 -33.75
CA LEU A 522 43.17 3.63 -32.93
C LEU A 522 44.51 2.90 -32.87
N LYS A 523 45.59 3.60 -32.50
CA LYS A 523 46.93 3.00 -32.30
C LYS A 523 47.68 3.97 -31.39
N TYR A 524 48.60 3.50 -30.54
CA TYR A 524 49.40 4.37 -29.64
C TYR A 524 50.58 4.87 -30.47
N GLN A 525 50.32 5.70 -31.48
CA GLN A 525 51.39 6.15 -32.41
C GLN A 525 52.45 6.94 -31.65
N THR A 526 52.07 7.78 -30.68
CA THR A 526 53.01 8.59 -29.87
C THR A 526 52.60 8.47 -28.41
N ASP A 527 53.56 8.44 -27.49
CA ASP A 527 53.28 8.38 -26.03
C ASP A 527 53.86 9.62 -25.36
N PHE A 528 53.07 10.40 -24.63
CA PHE A 528 53.54 11.55 -23.82
C PHE A 528 53.04 11.26 -22.40
N ALA A 529 53.84 11.47 -21.36
CA ALA A 529 53.44 11.14 -19.97
C ALA A 529 52.54 12.29 -19.51
N ASN A 530 52.76 13.48 -20.05
CA ASN A 530 51.87 14.64 -19.79
C ASN A 530 50.48 14.31 -20.33
N LEU A 531 50.40 13.58 -21.46
CA LEU A 531 49.12 13.24 -22.15
C LEU A 531 49.33 12.14 -23.20
N ALA A 532 48.48 11.12 -23.27
CA ALA A 532 48.64 9.98 -24.22
C ALA A 532 47.84 10.24 -25.49
N GLU A 533 48.46 10.10 -26.67
CA GLU A 533 47.81 10.44 -27.97
C GLU A 533 47.78 9.19 -28.85
N TYR A 534 46.79 9.06 -29.74
CA TYR A 534 46.59 7.86 -30.59
C TYR A 534 46.50 8.24 -32.06
N ASN A 535 46.66 7.28 -32.97
CA ASN A 535 46.60 7.54 -34.43
C ASN A 535 45.14 7.66 -34.85
N LEU A 536 44.83 8.49 -35.87
CA LEU A 536 43.46 8.58 -36.43
C LEU A 536 43.52 7.86 -37.78
N GLY A 537 43.50 6.54 -37.83
CA GLY A 537 43.55 5.65 -38.95
C GLY A 537 44.49 6.17 -40.02
N ASN A 538 44.14 5.92 -41.29
CA ASN A 538 44.91 6.43 -42.46
C ASN A 538 44.81 7.95 -42.53
N THR A 539 43.74 8.57 -42.02
CA THR A 539 43.48 10.03 -42.19
C THR A 539 44.66 10.82 -41.61
N GLY A 540 45.27 10.37 -40.50
CA GLY A 540 46.50 10.99 -39.99
C GLY A 540 46.26 12.11 -38.97
N LEU A 541 45.04 12.31 -38.50
CA LEU A 541 44.76 13.30 -37.41
C LEU A 541 45.32 12.65 -36.14
N LEU A 542 45.47 13.37 -35.02
CA LEU A 542 45.95 12.76 -33.75
C LEU A 542 44.77 12.55 -32.81
N TYR A 543 44.79 11.85 -31.68
CA TYR A 543 43.65 11.86 -30.70
C TYR A 543 44.10 11.55 -29.28
N THR A 544 43.74 12.40 -28.32
CA THR A 544 44.07 12.18 -26.89
C THR A 544 42.79 12.12 -26.07
N PRO A 545 42.50 11.05 -25.30
CA PRO A 545 41.38 11.08 -24.36
C PRO A 545 41.82 12.14 -23.34
N ASN A 546 40.90 12.96 -22.82
CA ASN A 546 41.24 14.08 -21.91
C ASN A 546 41.68 13.56 -20.53
N GLN A 547 42.99 13.46 -20.28
CA GLN A 547 43.50 13.13 -18.92
C GLN A 547 44.97 13.55 -18.84
N PHE A 548 45.50 13.77 -17.64
CA PHE A 548 46.91 14.19 -17.41
C PHE A 548 47.76 13.00 -16.99
N LEU A 549 47.19 11.79 -16.94
CA LEU A 549 47.94 10.55 -16.59
C LEU A 549 48.67 10.71 -15.25
N TYR A 550 47.99 11.21 -14.22
CA TYR A 550 48.58 11.45 -12.87
C TYR A 550 48.74 10.12 -12.12
N ASP A 551 49.44 10.11 -10.96
CA ASP A 551 49.74 8.86 -10.20
C ASP A 551 48.51 8.46 -9.38
N ARG A 552 47.63 7.66 -9.96
CA ARG A 552 46.35 7.25 -9.31
C ARG A 552 46.62 6.15 -8.29
N ASP A 553 47.70 5.39 -8.43
CA ASP A 553 47.98 4.23 -7.56
C ASP A 553 48.06 4.69 -6.10
N SER A 554 48.67 5.85 -5.85
CA SER A 554 48.81 6.39 -4.48
C SER A 554 47.40 6.60 -3.91
N ILE A 555 46.50 7.19 -4.69
CA ILE A 555 45.10 7.40 -4.26
C ILE A 555 44.47 6.02 -4.06
N VAL A 556 44.73 5.08 -4.96
CA VAL A 556 44.10 3.72 -4.93
C VAL A 556 44.52 3.03 -3.63
N LYS A 557 45.77 3.18 -3.19
CA LYS A 557 46.29 2.46 -2.00
C LYS A 557 45.53 2.87 -0.73
N GLU A 558 45.13 4.14 -0.62
CA GLU A 558 44.50 4.69 0.60
C GLU A 558 42.97 4.59 0.54
N VAL A 559 42.36 4.86 -0.63
CA VAL A 559 40.87 4.94 -0.73
C VAL A 559 40.22 3.58 -0.46
N LEU A 560 40.70 2.51 -1.06
CA LEU A 560 39.98 1.21 -1.02
C LEU A 560 39.74 0.71 0.41
N PRO A 561 40.69 0.71 1.37
CA PRO A 561 40.41 0.12 2.68
C PRO A 561 39.25 0.75 3.47
N GLU A 562 39.18 2.08 3.58
CA GLU A 562 38.14 2.72 4.42
C GLU A 562 36.75 2.47 3.81
N LEU A 563 36.62 2.66 2.50
CA LEU A 563 35.34 2.41 1.79
C LEU A 563 35.02 0.91 1.82
N GLN A 564 36.04 0.06 1.79
CA GLN A 564 35.85 -1.42 1.76
C GLN A 564 35.08 -1.83 3.03
N LYS A 565 35.35 -1.19 4.17
CA LYS A 565 34.69 -1.63 5.42
C LYS A 565 33.35 -0.91 5.59
N LEU A 566 32.30 -1.38 4.90
CA LEU A 566 30.94 -0.80 5.05
C LEU A 566 29.90 -1.91 5.09
N ASP A 567 28.73 -1.65 5.69
CA ASP A 567 27.68 -2.70 5.82
C ASP A 567 26.35 -2.19 5.25
N TYR A 568 25.59 -3.08 4.61
CA TYR A 568 24.27 -2.69 4.05
C TYR A 568 23.36 -2.28 5.21
N GLN A 569 23.48 -3.00 6.33
CA GLN A 569 22.61 -2.74 7.49
C GLN A 569 23.31 -1.75 8.43
N SER A 570 24.46 -1.20 8.02
CA SER A 570 25.22 -0.32 8.95
C SER A 570 24.36 0.87 9.38
N ASP A 571 24.36 1.17 10.68
CA ASP A 571 23.56 2.30 11.23
C ASP A 571 24.10 3.62 10.66
N ALA A 572 25.42 3.73 10.55
CA ALA A 572 26.03 4.98 10.02
C ALA A 572 25.58 5.16 8.57
N ILE A 573 25.56 4.07 7.80
CA ILE A 573 25.07 4.15 6.39
C ILE A 573 23.60 4.57 6.45
N ARG A 574 22.85 4.01 7.40
CA ARG A 574 21.43 4.40 7.55
C ARG A 574 21.38 5.88 7.94
N LYS A 575 22.31 6.33 8.80
CA LYS A 575 22.29 7.74 9.26
C LYS A 575 22.53 8.65 8.05
N THR A 576 23.48 8.30 7.19
CA THR A 576 23.68 9.10 5.96
C THR A 576 22.52 8.84 5.00
N LEU A 577 21.97 7.63 4.98
CA LEU A 577 20.77 7.38 4.15
C LEU A 577 19.61 8.23 4.67
N GLY A 578 18.75 8.69 3.77
CA GLY A 578 17.56 9.46 4.20
C GLY A 578 16.47 8.50 4.65
N ILE A 579 16.72 7.75 5.73
CA ILE A 579 15.75 6.73 6.19
C ILE A 579 15.72 6.72 7.73
N SER A 580 14.56 6.44 8.33
CA SER A 580 14.45 6.33 9.80
C SER A 580 15.00 4.97 10.26
N PRO A 581 15.41 4.81 11.53
CA PRO A 581 15.85 3.51 12.01
C PRO A 581 14.74 2.46 11.93
N GLU A 582 13.51 2.86 12.26
CA GLU A 582 12.40 1.87 12.31
C GLU A 582 12.13 1.27 10.93
N VAL A 583 12.14 2.07 9.86
CA VAL A 583 11.74 1.54 8.53
C VAL A 583 12.74 0.48 8.04
N LYS A 584 12.24 -0.61 7.45
CA LYS A 584 13.12 -1.68 6.89
C LYS A 584 13.64 -1.24 5.52
N LEU A 585 14.94 -1.45 5.26
CA LEU A 585 15.57 -1.05 3.97
C LEU A 585 15.13 -1.95 2.82
N THR A 586 14.08 -2.76 2.99
CA THR A 586 13.72 -3.73 1.92
C THR A 586 13.60 -3.09 0.54
N GLU A 587 12.99 -1.91 0.45
CA GLU A 587 12.63 -1.27 -0.85
C GLU A 587 13.86 -1.10 -1.74
N LEU A 588 15.03 -0.90 -1.14
CA LEU A 588 16.24 -0.71 -1.94
C LEU A 588 16.44 -1.96 -2.80
N TYR A 589 16.32 -3.16 -2.21
CA TYR A 589 16.60 -4.44 -2.92
C TYR A 589 18.04 -4.32 -3.45
N LEU A 590 18.89 -3.56 -2.76
CA LEU A 590 20.28 -3.31 -3.23
C LEU A 590 21.27 -4.19 -2.46
N GLU A 591 20.82 -5.00 -1.50
CA GLU A 591 21.75 -5.79 -0.64
C GLU A 591 22.57 -6.73 -1.52
N ASP A 592 21.96 -7.34 -2.53
CA ASP A 592 22.67 -8.27 -3.46
C ASP A 592 23.71 -7.46 -4.22
N GLN A 593 23.34 -6.27 -4.69
CA GLN A 593 24.26 -5.41 -5.47
C GLN A 593 25.16 -4.62 -4.51
N PHE A 594 24.82 -4.55 -3.22
CA PHE A 594 25.69 -3.90 -2.21
C PHE A 594 26.89 -4.81 -2.05
N SER A 595 26.65 -6.12 -1.98
CA SER A 595 27.73 -7.12 -1.86
C SER A 595 28.55 -7.14 -3.14
N LYS A 596 27.91 -7.14 -4.31
CA LYS A 596 28.60 -7.26 -5.63
C LYS A 596 29.53 -6.08 -5.84
N THR A 597 29.07 -4.85 -5.66
CA THR A 597 29.82 -3.59 -5.84
C THR A 597 31.05 -3.61 -4.93
N LYS A 598 30.89 -4.05 -3.68
CA LYS A 598 32.01 -4.17 -2.71
C LYS A 598 33.03 -5.19 -3.20
N GLN A 599 32.59 -6.31 -3.80
CA GLN A 599 33.48 -7.37 -4.33
C GLN A 599 34.29 -6.78 -5.47
N ASN A 600 33.67 -5.93 -6.30
CA ASN A 600 34.31 -5.33 -7.50
C ASN A 600 34.72 -3.90 -7.19
N LEU A 601 34.77 -3.49 -5.92
CA LEU A 601 35.01 -2.07 -5.55
C LEU A 601 36.33 -1.58 -6.17
N GLY A 602 37.39 -2.38 -6.17
CA GLY A 602 38.70 -1.92 -6.65
C GLY A 602 38.65 -1.54 -8.12
N ASP A 603 38.07 -2.37 -8.98
CA ASP A 603 37.90 -2.04 -10.41
C ASP A 603 36.88 -0.90 -10.51
N SER A 604 35.86 -0.91 -9.66
CA SER A 604 34.78 0.11 -9.70
C SER A 604 35.40 1.48 -9.40
N LEU A 605 36.24 1.57 -8.38
CA LEU A 605 36.88 2.85 -7.98
C LEU A 605 37.96 3.18 -9.01
N LYS A 606 38.52 2.17 -9.69
CA LYS A 606 39.51 2.37 -10.77
C LYS A 606 38.77 3.09 -11.91
N LYS A 607 37.62 2.57 -12.33
CA LYS A 607 36.85 3.18 -13.44
C LYS A 607 36.32 4.55 -13.01
N LEU A 608 36.27 4.85 -11.71
CA LEU A 608 35.64 6.10 -11.20
C LEU A 608 36.56 7.32 -11.36
N LEU A 609 37.77 7.30 -10.80
CA LEU A 609 38.62 8.52 -10.82
C LEU A 609 39.54 8.46 -12.04
N SER A 610 39.31 7.52 -12.95
CA SER A 610 40.11 7.44 -14.20
C SER A 610 39.90 8.74 -14.97
N ALA A 611 38.66 9.25 -15.02
CA ALA A 611 38.32 10.50 -15.75
C ALA A 611 37.65 11.51 -14.83
N ASP A 612 37.79 11.38 -13.50
CA ASP A 612 37.04 12.25 -12.55
C ASP A 612 37.40 13.73 -12.72
N ALA A 613 38.69 14.08 -12.80
CA ALA A 613 39.12 15.50 -12.82
C ALA A 613 40.41 15.68 -13.60
N GLY A 614 40.72 16.92 -13.97
CA GLY A 614 41.96 17.25 -14.71
C GLY A 614 43.02 17.65 -13.71
N LEU A 615 44.05 16.84 -13.47
CA LEU A 615 45.17 17.11 -12.52
C LEU A 615 46.53 17.12 -13.21
N ALA A 616 47.19 18.27 -13.27
CA ALA A 616 48.56 18.42 -13.81
C ALA A 616 49.49 18.44 -12.60
N SER A 617 48.96 18.17 -11.40
CA SER A 617 49.72 18.27 -10.15
C SER A 617 50.54 17.02 -9.89
N ASP A 618 51.85 17.06 -10.14
CA ASP A 618 52.76 15.95 -9.78
C ASP A 618 52.73 15.89 -8.26
N ASN A 619 52.53 17.04 -7.60
CA ASN A 619 52.53 17.13 -6.12
C ASN A 619 51.49 16.15 -5.58
N SER A 620 51.79 15.39 -4.54
CA SER A 620 50.86 14.36 -4.03
C SER A 620 49.82 15.02 -3.10
N VAL A 621 50.13 16.19 -2.54
CA VAL A 621 49.19 16.87 -1.61
C VAL A 621 47.88 17.11 -2.35
N THR A 622 47.94 17.49 -3.63
CA THR A 622 46.72 17.77 -4.45
C THR A 622 45.90 16.49 -4.60
N ARG A 623 46.56 15.36 -4.78
CA ARG A 623 45.87 14.05 -4.96
C ARG A 623 45.03 13.77 -3.71
N GLY A 624 45.50 14.22 -2.54
CA GLY A 624 44.80 14.00 -1.26
C GLY A 624 43.41 14.59 -1.27
N TYR A 625 43.22 15.75 -1.91
CA TYR A 625 41.89 16.40 -2.00
C TYR A 625 40.91 15.38 -2.58
N LEU A 626 41.33 14.69 -3.64
CA LEU A 626 40.44 13.70 -4.31
C LEU A 626 40.10 12.62 -3.30
N VAL A 627 41.08 12.16 -2.52
CA VAL A 627 40.87 11.10 -1.49
C VAL A 627 39.90 11.65 -0.45
N ASP A 628 40.08 12.90 -0.03
CA ASP A 628 39.19 13.56 0.97
C ASP A 628 37.80 13.69 0.35
N LYS A 629 37.74 13.99 -0.93
CA LYS A 629 36.45 14.19 -1.63
C LYS A 629 35.69 12.87 -1.59
N ILE A 630 36.37 11.71 -1.65
CA ILE A 630 35.69 10.39 -1.78
C ILE A 630 35.23 9.84 -0.43
N LYS A 631 36.10 9.67 0.55
CA LYS A 631 35.76 9.13 1.85
C LYS A 631 34.56 9.84 2.43
N ASN A 632 34.43 11.15 2.19
CA ASN A 632 33.37 11.99 2.84
C ASN A 632 32.03 11.34 2.60
N ASN A 633 31.82 10.87 1.37
CA ASN A 633 30.56 10.21 0.98
C ASN A 633 30.92 8.74 0.72
N LYS A 634 31.83 8.15 1.49
CA LYS A 634 32.15 6.74 1.17
C LYS A 634 30.84 5.96 1.22
N GLU A 635 30.04 6.17 2.27
CA GLU A 635 28.78 5.44 2.45
C GLU A 635 27.87 5.69 1.24
N ALA A 636 27.87 6.91 0.71
CA ALA A 636 26.93 7.23 -0.39
C ALA A 636 27.53 6.73 -1.70
N LEU A 637 28.83 6.91 -1.88
CA LEU A 637 29.54 6.37 -3.06
C LEU A 637 29.20 4.90 -3.19
N LEU A 638 29.40 4.13 -2.14
CA LEU A 638 29.00 2.70 -2.24
C LEU A 638 27.53 2.63 -2.64
N LEU A 639 26.65 3.31 -1.91
CA LEU A 639 25.20 3.16 -2.20
C LEU A 639 24.91 3.61 -3.63
N GLY A 640 25.50 4.73 -4.04
CA GLY A 640 25.20 5.27 -5.37
C GLY A 640 25.68 4.35 -6.47
N LEU A 641 26.96 3.97 -6.41
CA LEU A 641 27.51 3.13 -7.50
C LEU A 641 26.72 1.84 -7.49
N THR A 642 26.36 1.34 -6.31
CA THR A 642 25.57 0.09 -6.17
C THR A 642 24.21 0.34 -6.83
N TYR A 643 23.60 1.50 -6.59
CA TYR A 643 22.26 1.85 -7.15
C TYR A 643 22.36 1.91 -8.67
N LEU A 644 23.39 2.59 -9.18
CA LEU A 644 23.57 2.75 -10.63
C LEU A 644 23.84 1.37 -11.24
N GLU A 645 24.67 0.56 -10.59
CA GLU A 645 25.05 -0.77 -11.12
C GLU A 645 23.80 -1.63 -11.19
N ARG A 646 22.95 -1.58 -10.16
CA ARG A 646 21.73 -2.41 -10.09
C ARG A 646 20.84 -2.06 -11.26
N TRP A 647 20.76 -0.77 -11.62
CA TRP A 647 19.82 -0.29 -12.66
C TRP A 647 20.46 0.03 -14.01
N TYR A 648 21.75 -0.23 -14.23
CA TYR A 648 22.42 -0.01 -15.54
C TYR A 648 23.48 -1.09 -15.76
N ASN A 649 23.06 -2.31 -16.12
CA ASN A 649 23.99 -3.44 -16.37
C ASN A 649 23.47 -4.17 -17.61
N PHE A 650 22.78 -3.45 -18.50
CA PHE A 650 22.18 -4.04 -19.74
C PHE A 650 23.00 -3.54 -20.93
N ASN A 651 23.24 -4.41 -21.92
CA ASN A 651 24.09 -4.05 -23.08
C ASN A 651 23.26 -3.79 -24.34
N TYR A 652 23.60 -2.78 -25.13
CA TYR A 652 22.96 -2.56 -26.45
C TYR A 652 23.75 -3.47 -27.37
N GLY A 653 23.26 -4.66 -27.68
CA GLY A 653 24.08 -5.64 -28.42
C GLY A 653 25.24 -6.02 -27.52
N GLN A 654 26.48 -5.71 -27.91
CA GLN A 654 27.69 -6.09 -27.14
C GLN A 654 28.15 -4.95 -26.21
N VAL A 655 27.49 -3.78 -26.11
CA VAL A 655 28.02 -2.64 -25.28
C VAL A 655 27.21 -2.35 -24.01
N ASN A 656 27.77 -2.62 -22.83
CA ASN A 656 27.08 -2.35 -21.54
C ASN A 656 26.87 -0.85 -21.42
N VAL A 657 25.68 -0.42 -20.99
CA VAL A 657 25.36 1.02 -20.83
C VAL A 657 25.90 1.48 -19.48
N LYS A 658 26.33 0.56 -18.61
CA LYS A 658 26.76 0.92 -17.25
C LYS A 658 27.88 1.94 -17.39
N ASP A 659 28.84 1.67 -18.24
CA ASP A 659 29.98 2.60 -18.46
C ASP A 659 29.44 3.88 -19.07
N LEU A 660 28.47 3.77 -19.98
CA LEU A 660 27.93 4.94 -20.72
C LEU A 660 27.33 5.96 -19.76
N VAL A 661 26.60 5.52 -18.73
CA VAL A 661 25.93 6.45 -17.77
C VAL A 661 26.84 6.67 -16.56
N MET A 662 27.50 5.63 -16.06
CA MET A 662 28.35 5.73 -14.84
C MET A 662 29.50 6.68 -15.15
N TYR A 663 30.03 6.62 -16.37
CA TYR A 663 31.16 7.47 -16.81
C TYR A 663 30.81 8.01 -18.19
N HIS A 664 31.70 8.76 -18.84
CA HIS A 664 31.45 9.35 -20.18
C HIS A 664 30.15 10.17 -20.14
N PRO A 665 29.93 11.09 -19.18
CA PRO A 665 28.73 11.93 -19.20
C PRO A 665 28.79 12.88 -20.41
N ASP A 666 29.99 13.17 -20.91
CA ASP A 666 30.19 14.10 -22.05
C ASP A 666 29.61 13.51 -23.34
N PHE A 667 29.54 12.19 -23.48
CA PHE A 667 29.10 11.56 -24.76
C PHE A 667 27.79 12.19 -25.26
N PHE A 668 26.85 12.53 -24.38
CA PHE A 668 25.57 13.20 -24.76
C PHE A 668 25.71 14.70 -24.45
N GLY A 669 26.90 15.29 -24.61
CA GLY A 669 27.13 16.72 -24.33
C GLY A 669 27.18 17.02 -22.85
N LYS A 670 27.59 18.24 -22.46
CA LYS A 670 27.73 18.66 -21.03
C LYS A 670 28.89 17.91 -20.36
N GLY A 671 30.01 17.75 -21.06
CA GLY A 671 31.21 17.09 -20.50
C GLY A 671 31.78 17.84 -19.32
N ASN A 672 31.52 19.14 -19.21
CA ASN A 672 32.01 19.98 -18.09
C ASN A 672 31.47 19.40 -16.78
N THR A 673 30.30 18.79 -16.76
CA THR A 673 29.66 18.27 -15.52
C THR A 673 30.63 17.35 -14.81
N SER A 674 30.63 17.27 -13.47
CA SER A 674 31.60 16.47 -12.69
C SER A 674 31.08 15.05 -12.48
N PRO A 675 31.58 14.00 -13.19
CA PRO A 675 30.98 12.67 -13.07
C PRO A 675 31.08 12.09 -11.65
N LEU A 676 32.19 12.32 -10.97
CA LEU A 676 32.39 11.80 -9.58
C LEU A 676 31.32 12.44 -8.70
N ASP A 677 31.02 13.71 -8.90
CA ASP A 677 30.08 14.44 -8.02
C ASP A 677 28.65 13.96 -8.23
N THR A 678 28.20 13.66 -9.45
CA THR A 678 26.82 13.24 -9.79
C THR A 678 26.53 11.94 -9.04
N LEU A 679 27.57 11.18 -8.66
CA LEU A 679 27.42 9.89 -7.96
C LEU A 679 27.19 10.15 -6.48
N ILE A 680 27.98 11.03 -5.85
CA ILE A 680 27.90 11.37 -4.39
C ILE A 680 26.56 12.07 -4.14
N GLU A 681 26.14 12.96 -5.04
CA GLU A 681 24.83 13.65 -4.95
C GLU A 681 23.74 12.60 -5.03
N LEU A 682 23.85 11.66 -5.97
CA LEU A 682 22.84 10.59 -6.19
C LEU A 682 22.85 9.63 -4.99
N GLY A 683 23.93 9.59 -4.22
CA GLY A 683 24.00 8.71 -3.04
C GLY A 683 23.34 9.39 -1.85
N LYS A 684 23.50 10.71 -1.70
CA LYS A 684 22.87 11.47 -0.59
C LYS A 684 21.48 11.92 -1.01
N SER A 685 21.11 11.79 -2.29
CA SER A 685 19.80 12.27 -2.82
C SER A 685 18.69 11.97 -1.82
N GLY A 686 18.74 10.80 -1.15
CA GLY A 686 17.75 10.43 -0.13
C GLY A 686 16.96 9.22 -0.56
N PHE A 687 16.65 8.31 0.36
CA PHE A 687 15.97 7.02 0.06
C PHE A 687 14.62 7.35 -0.57
N ASN A 688 14.04 8.53 -0.36
CA ASN A 688 12.78 8.81 -1.10
C ASN A 688 13.14 8.80 -2.58
N ASN A 689 14.19 9.52 -2.98
CA ASN A 689 14.64 9.57 -4.39
C ASN A 689 15.14 8.18 -4.80
N LEU A 690 15.92 7.51 -3.96
CA LEU A 690 16.53 6.21 -4.31
C LEU A 690 15.48 5.09 -4.28
N LEU A 691 14.30 5.33 -3.71
CA LEU A 691 13.20 4.33 -3.71
C LEU A 691 13.15 3.69 -5.10
N ALA A 692 13.00 2.36 -5.19
CA ALA A 692 13.01 1.63 -6.44
C ALA A 692 12.14 2.29 -7.50
N LYS A 693 10.85 2.41 -7.20
CA LYS A 693 9.83 3.05 -8.07
C LYS A 693 10.25 4.46 -8.47
N ASN A 694 11.01 5.15 -7.63
CA ASN A 694 11.33 6.58 -7.86
C ASN A 694 12.38 6.73 -8.96
N ASN A 695 12.84 5.65 -9.58
CA ASN A 695 13.91 5.70 -10.62
C ASN A 695 13.47 6.66 -11.73
N VAL A 696 12.20 6.59 -12.13
CA VAL A 696 11.62 7.43 -13.23
C VAL A 696 11.79 8.89 -12.83
N ASP A 697 11.27 9.28 -11.67
CA ASP A 697 11.35 10.68 -11.18
C ASP A 697 12.82 10.99 -10.88
N THR A 698 13.62 10.01 -10.46
CA THR A 698 15.05 10.18 -10.10
C THR A 698 15.80 10.37 -11.41
N TYR A 699 15.23 9.98 -12.54
CA TYR A 699 15.81 10.32 -13.85
C TYR A 699 15.66 11.83 -14.01
N GLY A 700 14.52 12.37 -13.56
CA GLY A 700 14.33 13.83 -13.60
C GLY A 700 15.29 14.53 -12.68
N ILE A 701 15.38 14.11 -11.41
CA ILE A 701 16.21 14.86 -10.41
C ILE A 701 17.69 14.77 -10.75
N SER A 702 18.21 13.61 -11.16
CA SER A 702 19.68 13.39 -11.33
C SER A 702 20.13 13.16 -12.76
N LEU A 703 19.47 12.29 -13.52
CA LEU A 703 19.96 11.89 -14.86
C LEU A 703 19.57 12.93 -15.91
N ALA A 704 18.74 13.91 -15.54
CA ALA A 704 18.34 15.00 -16.45
C ALA A 704 19.03 16.28 -15.97
N SER A 705 19.71 17.02 -16.85
CA SER A 705 20.43 18.28 -16.55
C SER A 705 21.87 17.98 -16.20
N GLN A 706 22.20 16.72 -15.87
CA GLN A 706 23.61 16.30 -15.65
C GLN A 706 24.07 15.75 -17.00
N HIS A 707 23.20 15.01 -17.69
CA HIS A 707 23.48 14.48 -19.06
C HIS A 707 22.87 15.44 -20.08
N GLY A 708 22.27 16.55 -19.63
CA GLY A 708 21.57 17.47 -20.55
C GLY A 708 20.53 16.72 -21.34
N ALA A 709 19.77 15.83 -20.69
CA ALA A 709 18.75 14.98 -21.34
C ALA A 709 17.38 15.25 -20.72
N THR A 710 16.28 14.90 -21.41
CA THR A 710 14.90 15.22 -20.96
C THR A 710 14.21 14.01 -20.30
N ASP A 711 14.19 12.82 -20.93
CA ASP A 711 13.45 11.65 -20.40
C ASP A 711 14.31 10.38 -20.48
N LEU A 712 14.09 9.43 -19.57
CA LEU A 712 14.86 8.15 -19.55
C LEU A 712 14.64 7.43 -20.87
N PHE A 713 13.40 7.36 -21.31
CA PHE A 713 13.06 6.69 -22.58
C PHE A 713 13.74 7.47 -23.71
N SER A 714 13.76 8.80 -23.63
CA SER A 714 14.37 9.65 -24.69
C SER A 714 15.87 9.36 -24.79
N THR A 715 16.58 9.22 -23.68
CA THR A 715 18.02 8.87 -23.69
C THR A 715 18.17 7.47 -24.27
N LEU A 716 17.32 6.53 -23.86
CA LEU A 716 17.36 5.14 -24.37
C LEU A 716 17.01 5.16 -25.85
N GLU A 717 16.08 6.01 -26.27
CA GLU A 717 15.71 6.17 -27.69
C GLU A 717 16.91 6.77 -28.42
N HIS A 718 17.55 7.77 -27.81
CA HIS A 718 18.74 8.43 -28.40
C HIS A 718 19.80 7.33 -28.54
N TYR A 719 19.96 6.45 -27.53
CA TYR A 719 20.92 5.31 -27.55
C TYR A 719 20.57 4.34 -28.68
N ARG A 720 19.51 3.78 -29.26
CA ARG A 720 19.36 2.82 -30.39
C ARG A 720 19.94 3.47 -31.65
N LYS A 721 19.73 4.78 -31.80
CA LYS A 721 20.21 5.48 -33.00
C LYS A 721 21.73 5.34 -32.95
N VAL A 722 22.32 5.52 -31.76
CA VAL A 722 23.79 5.41 -31.57
C VAL A 722 24.23 3.94 -31.66
N PHE A 723 23.50 3.02 -31.03
CA PHE A 723 23.90 1.59 -30.96
C PHE A 723 22.84 0.70 -31.59
N LEU A 724 23.23 -0.18 -32.49
CA LEU A 724 22.29 -1.09 -33.22
C LEU A 724 21.22 -0.28 -33.95
N PRO A 725 21.56 0.80 -34.70
CA PRO A 725 20.57 1.48 -35.52
C PRO A 725 20.20 0.49 -36.63
N ASN A 726 19.04 0.63 -37.29
CA ASN A 726 18.52 -0.40 -38.24
C ASN A 726 17.82 -1.56 -37.50
N THR A 727 17.89 -1.59 -36.19
CA THR A 727 17.16 -2.57 -35.35
C THR A 727 16.14 -1.76 -34.56
N SER A 728 14.88 -2.17 -34.49
CA SER A 728 13.84 -1.34 -33.85
C SER A 728 14.13 -1.20 -32.36
N ASN A 729 13.84 -0.04 -31.77
CA ASN A 729 14.02 0.21 -30.31
C ASN A 729 13.22 -0.80 -29.52
N ASN A 730 11.97 -1.04 -29.92
CA ASN A 730 11.13 -2.07 -29.28
C ASN A 730 11.92 -3.34 -29.60
N ASP A 731 12.54 -3.48 -30.77
CA ASP A 731 13.30 -4.72 -31.10
C ASP A 731 14.49 -4.86 -30.14
N TRP A 732 15.20 -3.76 -29.85
CA TRP A 732 16.34 -3.80 -28.90
C TRP A 732 15.76 -4.21 -27.55
N PHE A 733 14.60 -3.66 -27.21
CA PHE A 733 13.95 -3.98 -25.92
C PHE A 733 13.57 -5.45 -25.92
N LYS A 734 12.94 -5.91 -27.00
CA LYS A 734 12.42 -7.30 -27.03
C LYS A 734 13.58 -8.29 -26.94
N SER A 735 14.59 -8.09 -27.77
CA SER A 735 15.74 -9.02 -27.82
C SER A 735 16.45 -9.05 -26.47
N GLU A 736 16.72 -7.90 -25.85
CA GLU A 736 17.58 -7.83 -24.63
C GLU A 736 17.06 -8.45 -23.32
N THR A 737 15.82 -8.21 -22.87
CA THR A 737 15.35 -8.67 -21.52
C THR A 737 15.31 -10.20 -21.44
N LYS A 738 15.62 -10.82 -20.29
CA LYS A 738 15.48 -12.30 -20.17
C LYS A 738 14.02 -12.73 -20.25
N ALA A 739 13.07 -11.97 -19.69
CA ALA A 739 11.65 -12.37 -19.59
C ALA A 739 11.07 -12.71 -20.95
N TYR A 740 10.21 -13.73 -21.03
CA TYR A 740 9.57 -14.16 -22.30
C TYR A 740 8.34 -13.28 -22.51
N ILE A 741 8.31 -12.50 -23.59
CA ILE A 741 7.16 -11.61 -23.92
C ILE A 741 6.61 -12.12 -25.25
N VAL A 742 5.30 -11.98 -25.49
CA VAL A 742 4.67 -12.41 -26.78
C VAL A 742 3.56 -11.43 -27.21
N GLU A 743 3.64 -10.91 -28.45
CA GLU A 743 2.76 -9.84 -28.95
C GLU A 743 1.79 -10.33 -30.03
N GLU A 744 1.12 -11.47 -29.85
CA GLU A 744 0.23 -12.05 -30.89
C GLU A 744 -0.65 -10.93 -31.46
N LYS A 745 -0.74 -10.79 -32.79
CA LYS A 745 -1.52 -9.71 -33.48
C LYS A 745 -2.82 -10.28 -34.04
N SER A 746 -3.90 -9.48 -34.13
CA SER A 746 -5.23 -9.93 -34.60
C SER A 746 -5.26 -10.18 -36.10
N THR A 747 -6.11 -11.10 -36.55
CA THR A 747 -6.18 -11.52 -37.98
C THR A 747 -6.58 -10.34 -38.87
N ILE A 748 -7.48 -9.46 -38.41
CA ILE A 748 -7.99 -8.37 -39.29
C ILE A 748 -6.75 -7.61 -39.78
N GLU A 749 -6.65 -7.36 -41.09
CA GLU A 749 -5.44 -6.75 -41.68
C GLU A 749 -5.26 -5.32 -41.14
N GLU A 750 -6.35 -4.56 -41.04
CA GLU A 750 -6.26 -3.14 -40.62
C GLU A 750 -5.73 -3.06 -39.18
N VAL A 751 -6.24 -3.88 -38.27
CA VAL A 751 -5.79 -3.89 -36.85
C VAL A 751 -4.36 -4.45 -36.82
N LYS A 752 -4.06 -5.46 -37.64
CA LYS A 752 -2.70 -6.05 -37.69
C LYS A 752 -1.74 -4.97 -38.19
N THR A 753 -2.17 -4.17 -39.17
CA THR A 753 -1.34 -3.06 -39.72
C THR A 753 -1.14 -2.07 -38.58
N LYS A 754 -2.19 -1.81 -37.81
CA LYS A 754 -2.11 -0.90 -36.65
C LYS A 754 -1.14 -1.50 -35.62
N GLN A 755 -1.20 -2.81 -35.40
CA GLN A 755 -0.29 -3.50 -34.44
C GLN A 755 1.13 -3.25 -34.96
N GLY A 756 1.31 -3.20 -36.29
CA GLY A 756 2.60 -2.81 -36.88
C GLY A 756 3.00 -1.39 -36.51
N LEU A 757 2.04 -0.45 -36.43
CA LEU A 757 2.35 1.00 -36.21
C LEU A 757 3.09 1.25 -34.89
N ALA A 758 4.33 1.75 -34.92
CA ALA A 758 5.09 2.11 -33.70
C ALA A 758 4.36 3.27 -32.98
N GLY A 759 3.46 3.96 -33.68
CA GLY A 759 2.68 5.06 -33.11
C GLY A 759 1.82 4.60 -31.95
N THR A 760 1.67 5.42 -30.92
CA THR A 760 0.90 5.07 -29.69
C THR A 760 -0.58 4.88 -30.03
N LYS A 761 -1.28 3.98 -29.32
CA LYS A 761 -2.75 3.73 -29.47
C LYS A 761 -2.99 2.69 -30.57
N TYR A 762 -1.97 2.33 -31.35
CA TYR A 762 -2.07 1.28 -32.39
C TYR A 762 -1.01 0.19 -32.20
N SER A 763 0.17 0.53 -31.66
CA SER A 763 1.28 -0.43 -31.49
C SER A 763 0.92 -1.52 -30.48
N ILE A 764 1.24 -2.78 -30.78
CA ILE A 764 1.10 -3.88 -29.77
C ILE A 764 2.40 -3.78 -28.96
N GLY A 765 3.49 -3.30 -29.57
CA GLY A 765 4.78 -3.03 -28.90
C GLY A 765 4.72 -2.81 -27.40
N VAL A 766 5.23 -3.82 -26.66
CA VAL A 766 5.34 -3.79 -25.18
C VAL A 766 6.29 -2.67 -24.87
N TYR A 767 7.48 -2.63 -25.47
CA TYR A 767 8.43 -1.57 -25.06
C TYR A 767 7.60 -0.33 -25.20
N ASP A 768 6.98 -0.05 -26.35
CA ASP A 768 6.25 1.22 -26.58
C ASP A 768 5.18 1.39 -25.51
N ARG A 769 4.38 0.36 -25.26
CA ARG A 769 3.25 0.46 -24.32
C ARG A 769 3.75 0.79 -22.92
N ILE A 770 4.82 0.15 -22.45
CA ILE A 770 5.37 0.49 -21.10
C ILE A 770 5.91 1.93 -21.15
N THR A 771 6.61 2.31 -22.22
CA THR A 771 7.22 3.66 -22.35
C THR A 771 6.09 4.68 -22.51
N SER A 772 4.92 4.26 -22.97
CA SER A 772 3.79 5.19 -23.27
C SER A 772 3.39 5.96 -22.00
N ALA A 773 3.06 7.24 -22.13
CA ALA A 773 2.60 8.07 -21.01
C ALA A 773 1.20 7.60 -20.64
N THR A 774 0.72 7.89 -19.42
CA THR A 774 -0.61 7.46 -18.91
C THR A 774 -0.52 5.98 -18.51
N TRP A 775 0.69 5.40 -18.50
CA TRP A 775 0.91 4.01 -18.02
C TRP A 775 1.59 4.15 -16.65
N LYS A 776 0.90 3.79 -15.57
CA LYS A 776 1.42 3.99 -14.18
C LYS A 776 2.65 3.11 -13.97
N TYR A 777 2.78 2.00 -14.70
CA TYR A 777 3.86 1.00 -14.49
C TYR A 777 4.98 1.22 -15.50
N ARG A 778 5.15 2.44 -16.01
CA ARG A 778 6.27 2.79 -16.94
C ARG A 778 7.58 2.56 -16.19
N ASN A 779 7.59 2.74 -14.87
CA ASN A 779 8.79 2.54 -14.02
C ASN A 779 9.17 1.05 -13.98
N MET A 780 8.33 0.15 -14.49
CA MET A 780 8.57 -1.32 -14.49
C MET A 780 9.54 -1.70 -15.62
N VAL A 781 10.09 -0.73 -16.35
CA VAL A 781 11.00 -0.99 -17.51
C VAL A 781 12.40 -1.35 -17.01
N LEU A 782 12.91 -0.70 -15.96
CA LEU A 782 14.23 -1.01 -15.35
C LEU A 782 14.25 -2.39 -14.72
N PRO A 783 13.31 -2.77 -13.81
CA PRO A 783 13.39 -4.04 -13.13
C PRO A 783 13.26 -5.18 -14.13
N LEU A 784 12.37 -5.03 -15.11
CA LEU A 784 12.21 -6.07 -16.15
C LEU A 784 13.55 -6.19 -16.86
N LEU A 785 14.19 -5.08 -17.22
CA LEU A 785 15.44 -5.07 -18.05
C LEU A 785 16.55 -5.83 -17.34
N THR A 786 16.66 -5.73 -16.03
CA THR A 786 17.77 -6.34 -15.24
C THR A 786 17.35 -7.70 -14.67
N LEU A 787 16.24 -8.28 -15.12
CA LEU A 787 15.73 -9.55 -14.56
C LEU A 787 16.80 -10.64 -14.75
N PRO A 788 17.22 -11.39 -13.69
CA PRO A 788 18.32 -12.34 -13.83
C PRO A 788 18.06 -13.49 -14.80
N GLU A 789 16.84 -14.05 -14.82
CA GLU A 789 16.51 -15.25 -15.63
C GLU A 789 15.06 -15.15 -16.09
N ARG A 790 14.53 -16.17 -16.76
CA ARG A 790 13.12 -16.19 -17.24
C ARG A 790 12.20 -16.53 -16.05
N SER A 791 12.15 -15.66 -15.04
CA SER A 791 11.22 -15.81 -13.88
C SER A 791 9.96 -15.02 -14.19
N VAL A 792 9.94 -14.24 -15.28
CA VAL A 792 8.79 -13.41 -15.73
C VAL A 792 8.14 -13.84 -17.05
N PHE A 793 7.01 -14.56 -17.03
CA PHE A 793 6.30 -14.92 -18.30
C PHE A 793 5.41 -13.73 -18.62
N VAL A 794 5.45 -13.15 -19.81
CA VAL A 794 4.70 -11.90 -20.14
C VAL A 794 3.96 -12.08 -21.47
N ILE A 795 2.81 -11.42 -21.63
CA ILE A 795 1.98 -11.50 -22.88
C ILE A 795 1.62 -10.07 -23.28
N SER A 796 1.25 -9.83 -24.54
CA SER A 796 0.76 -8.51 -25.03
C SER A 796 -0.43 -8.81 -25.95
N THR A 797 -1.61 -8.22 -25.70
CA THR A 797 -2.82 -8.53 -26.52
C THR A 797 -3.64 -7.25 -26.70
N MET A 798 -4.45 -7.15 -27.76
CA MET A 798 -5.23 -5.93 -28.09
C MET A 798 -5.68 -5.22 -26.82
N SER A 799 -5.36 -3.93 -26.65
CA SER A 799 -5.80 -3.13 -25.49
C SER A 799 -5.54 -3.90 -24.19
N SER A 800 -4.32 -4.41 -23.98
CA SER A 800 -3.94 -5.11 -22.73
C SER A 800 -2.44 -5.40 -22.67
N LEU A 801 -1.91 -5.76 -21.50
CA LEU A 801 -0.50 -6.16 -21.32
C LEU A 801 -0.44 -7.26 -20.26
N GLY A 802 -0.25 -8.52 -20.64
CA GLY A 802 -0.17 -9.64 -19.69
C GLY A 802 1.11 -9.61 -18.85
N PHE A 803 1.10 -10.00 -17.58
CA PHE A 803 2.31 -10.15 -16.71
C PHE A 803 2.08 -11.34 -15.76
N GLY A 804 3.01 -12.28 -15.60
CA GLY A 804 2.81 -13.39 -14.63
C GLY A 804 4.06 -13.99 -14.03
N ALA A 805 3.95 -14.74 -12.91
CA ALA A 805 5.06 -15.45 -12.25
C ALA A 805 5.21 -16.92 -12.57
N TYR A 806 6.35 -17.37 -13.09
CA TYR A 806 6.60 -18.82 -13.31
C TYR A 806 6.43 -19.50 -11.94
N ASP A 807 6.90 -18.87 -10.87
CA ASP A 807 6.87 -19.44 -9.49
C ASP A 807 5.43 -19.61 -9.01
N ARG A 808 4.50 -18.76 -9.44
CA ARG A 808 3.07 -18.89 -9.08
C ARG A 808 2.57 -20.21 -9.66
N TYR A 809 3.05 -20.62 -10.84
CA TYR A 809 2.57 -21.83 -11.55
C TYR A 809 3.49 -23.00 -11.17
N ARG A 810 4.39 -22.79 -10.20
CA ARG A 810 5.35 -23.82 -9.75
C ARG A 810 4.66 -24.68 -8.69
N SER A 811 4.70 -26.00 -8.85
CA SER A 811 3.99 -26.96 -7.97
C SER A 811 4.42 -28.37 -8.37
N SER A 812 4.03 -29.40 -7.61
CA SER A 812 4.31 -30.80 -7.98
C SER A 812 3.62 -31.03 -9.33
N ASP A 813 4.24 -31.74 -10.28
CA ASP A 813 3.77 -31.98 -11.67
C ASP A 813 4.34 -30.88 -12.56
N HIS A 814 4.87 -29.80 -11.99
CA HIS A 814 5.53 -28.70 -12.75
C HIS A 814 6.91 -28.41 -12.14
N LYS A 815 7.93 -29.18 -12.52
CA LYS A 815 9.28 -29.09 -11.90
C LYS A 815 9.85 -27.70 -12.19
N ALA A 816 10.50 -27.07 -11.22
CA ALA A 816 10.94 -25.65 -11.33
C ALA A 816 11.82 -25.45 -12.57
N GLY A 817 12.69 -26.40 -12.89
CA GLY A 817 13.64 -26.26 -14.01
C GLY A 817 13.14 -26.91 -15.29
N LYS A 818 13.08 -26.19 -16.41
CA LYS A 818 12.74 -26.73 -17.76
C LYS A 818 11.28 -27.14 -17.85
N ALA A 819 10.80 -28.12 -17.08
CA ALA A 819 9.42 -28.64 -17.19
C ALA A 819 8.42 -27.53 -16.86
N LEU A 820 8.65 -26.81 -15.75
CA LEU A 820 7.76 -25.68 -15.35
C LEU A 820 7.89 -24.61 -16.44
N ASN A 821 9.10 -24.38 -16.92
CA ASN A 821 9.34 -23.32 -17.92
C ASN A 821 8.59 -23.68 -19.20
N ASP A 822 8.61 -24.95 -19.60
CA ASP A 822 7.98 -25.42 -20.86
C ASP A 822 6.45 -25.32 -20.80
N PHE A 823 5.83 -25.71 -19.68
CA PHE A 823 4.36 -25.70 -19.54
C PHE A 823 3.94 -24.23 -19.50
N VAL A 824 4.68 -23.39 -18.77
CA VAL A 824 4.33 -21.95 -18.61
C VAL A 824 4.39 -21.27 -19.98
N GLU A 825 5.45 -21.44 -20.75
CA GLU A 825 5.61 -20.72 -22.04
C GLU A 825 4.53 -21.19 -23.02
N GLU A 826 4.28 -22.50 -23.08
CA GLU A 826 3.27 -23.06 -24.00
C GLU A 826 1.90 -22.53 -23.58
N ASN A 827 1.63 -22.52 -22.28
CA ASN A 827 0.33 -22.04 -21.76
C ASN A 827 0.18 -20.57 -22.12
N ALA A 828 1.27 -19.79 -22.04
CA ALA A 828 1.22 -18.34 -22.32
C ALA A 828 0.78 -18.15 -23.77
N ARG A 829 1.31 -18.94 -24.70
CA ARG A 829 0.93 -18.84 -26.13
C ARG A 829 -0.55 -19.21 -26.27
N GLU A 830 -1.01 -20.25 -25.58
CA GLU A 830 -2.42 -20.72 -25.66
C GLU A 830 -3.36 -19.65 -25.13
N THR A 831 -3.04 -19.05 -23.99
CA THR A 831 -3.89 -18.00 -23.35
C THR A 831 -3.82 -16.76 -24.23
N ALA A 832 -2.66 -16.45 -24.80
CA ALA A 832 -2.48 -15.28 -25.67
C ALA A 832 -3.42 -15.46 -26.86
N LYS A 833 -3.53 -16.68 -27.38
CA LYS A 833 -4.48 -16.98 -28.47
C LYS A 833 -5.90 -16.76 -27.97
N ARG A 834 -6.21 -17.20 -26.75
CA ARG A 834 -7.59 -17.08 -26.18
C ARG A 834 -7.96 -15.61 -25.95
N GLN A 835 -7.03 -14.78 -25.46
CA GLN A 835 -7.32 -13.36 -25.12
C GLN A 835 -7.55 -12.55 -26.39
N ARG A 836 -6.66 -12.70 -27.37
CA ARG A 836 -6.65 -11.91 -28.62
C ARG A 836 -7.81 -12.31 -29.53
N ASP A 837 -8.26 -13.56 -29.47
CA ASP A 837 -9.45 -14.01 -30.24
C ASP A 837 -10.69 -13.31 -29.66
N HIS A 838 -10.80 -13.19 -28.34
CA HIS A 838 -11.96 -12.55 -27.66
C HIS A 838 -12.02 -11.07 -28.02
N TYR A 839 -10.87 -10.43 -28.20
CA TYR A 839 -10.80 -8.99 -28.50
C TYR A 839 -11.10 -8.82 -29.99
N ASP A 840 -10.60 -9.73 -30.83
CA ASP A 840 -10.88 -9.72 -32.28
C ASP A 840 -12.39 -9.93 -32.42
N TYR A 841 -12.98 -10.79 -31.59
CA TYR A 841 -14.45 -11.04 -31.61
C TYR A 841 -15.17 -9.75 -31.22
N TRP A 842 -14.67 -9.05 -30.21
CA TRP A 842 -15.31 -7.82 -29.71
C TRP A 842 -15.17 -6.73 -30.77
N TYR A 843 -14.11 -6.76 -31.57
CA TYR A 843 -13.85 -5.74 -32.63
C TYR A 843 -14.92 -5.88 -33.71
N ARG A 844 -15.24 -7.11 -34.14
CA ARG A 844 -16.25 -7.37 -35.20
C ARG A 844 -17.58 -6.78 -34.72
N ILE A 845 -17.91 -6.97 -33.45
CA ILE A 845 -19.17 -6.43 -32.86
C ILE A 845 -19.11 -4.91 -32.84
N LEU A 846 -17.94 -4.32 -32.55
CA LEU A 846 -17.80 -2.86 -32.36
C LEU A 846 -17.55 -2.10 -33.67
N ASP A 847 -18.59 -1.70 -34.41
CA ASP A 847 -18.46 -0.94 -35.69
C ASP A 847 -19.06 0.45 -35.50
N GLU A 848 -19.21 0.92 -34.25
CA GLU A 848 -19.88 2.22 -33.96
C GLU A 848 -18.85 3.34 -33.85
N GLN A 849 -17.61 3.10 -34.29
CA GLN A 849 -16.51 4.09 -34.21
C GLN A 849 -16.09 4.21 -32.75
N SER A 850 -16.44 3.21 -31.92
CA SER A 850 -15.97 3.13 -30.52
C SER A 850 -14.60 2.46 -30.59
N ARG A 851 -14.14 2.14 -31.80
CA ARG A 851 -12.78 1.58 -32.01
C ARG A 851 -11.79 2.72 -31.73
N GLU A 852 -12.27 3.95 -31.56
CA GLU A 852 -11.39 5.07 -31.14
C GLU A 852 -10.85 4.72 -29.75
N LYS A 853 -11.56 3.90 -28.96
CA LYS A 853 -11.12 3.43 -27.61
C LYS A 853 -10.76 1.94 -27.68
N LEU A 854 -10.50 1.40 -28.87
CA LEU A 854 -10.26 -0.06 -29.06
C LEU A 854 -9.01 -0.54 -28.32
N TYR A 855 -7.92 0.22 -28.30
CA TYR A 855 -6.62 -0.25 -27.76
C TYR A 855 -6.30 0.23 -26.35
N ARG A 856 -7.29 0.63 -25.55
CA ARG A 856 -7.01 1.00 -24.13
C ARG A 856 -6.29 -0.18 -23.46
N THR A 857 -5.11 0.01 -22.88
CA THR A 857 -4.28 -1.09 -22.30
C THR A 857 -4.39 -1.08 -20.78
N ILE A 858 -4.54 -2.25 -20.13
CA ILE A 858 -4.58 -2.37 -18.65
C ILE A 858 -3.73 -3.57 -18.25
N LEU A 859 -3.18 -3.60 -17.03
CA LEU A 859 -2.26 -4.69 -16.57
C LEU A 859 -3.01 -5.94 -16.15
N LEU A 860 -2.35 -7.11 -16.15
CA LEU A 860 -2.93 -8.41 -15.70
C LEU A 860 -1.97 -9.06 -14.69
N TYR A 861 -1.82 -8.54 -13.45
CA TYR A 861 -0.84 -9.05 -12.46
C TYR A 861 -1.32 -10.34 -11.77
N ASP A 862 -0.41 -11.21 -11.34
CA ASP A 862 -0.80 -12.53 -10.79
C ASP A 862 -0.96 -12.42 -9.27
N ALA A 863 -1.33 -13.50 -8.61
CA ALA A 863 -1.58 -13.52 -7.14
C ALA A 863 -0.32 -13.18 -6.37
N TYR A 864 0.86 -13.52 -6.89
CA TYR A 864 2.16 -13.36 -6.19
C TYR A 864 2.27 -14.51 -5.18
N LYS A 865 1.38 -15.51 -5.29
CA LYS A 865 1.41 -16.71 -4.42
C LYS A 865 2.46 -17.61 -5.08
N PHE A 866 3.74 -17.28 -4.90
CA PHE A 866 4.82 -18.01 -5.59
C PHE A 866 5.05 -19.32 -4.84
N GLY A 867 4.53 -20.43 -5.39
CA GLY A 867 4.59 -21.74 -4.72
C GLY A 867 5.89 -22.48 -4.93
N ASP A 868 6.21 -23.43 -4.05
CA ASP A 868 7.40 -24.30 -4.21
C ASP A 868 7.09 -25.32 -5.30
N ASP A 869 8.07 -26.08 -5.76
CA ASP A 869 7.79 -27.21 -6.69
C ASP A 869 7.23 -28.31 -5.79
N THR A 870 7.65 -28.35 -4.53
CA THR A 870 7.17 -29.34 -3.54
C THR A 870 5.65 -29.22 -3.35
N THR A 871 5.09 -28.01 -3.34
CA THR A 871 3.64 -27.83 -3.05
C THR A 871 2.84 -28.64 -4.08
N SER A 872 1.90 -29.47 -3.65
CA SER A 872 1.11 -30.36 -4.54
C SER A 872 0.19 -29.54 -5.45
N GLY A 873 -0.44 -28.48 -4.94
CA GLY A 873 -1.41 -27.66 -5.69
C GLY A 873 -1.06 -26.18 -5.60
N LYS A 874 -1.90 -25.29 -6.17
CA LYS A 874 -1.67 -23.82 -6.16
C LYS A 874 -1.35 -23.35 -4.74
N ALA A 875 -0.36 -22.48 -4.57
CA ALA A 875 0.06 -21.97 -3.24
C ALA A 875 -0.90 -20.90 -2.75
N THR A 876 -1.06 -20.77 -1.43
CA THR A 876 -1.90 -19.71 -0.80
C THR A 876 -0.98 -18.72 -0.11
N ALA A 877 0.34 -18.80 -0.31
CA ALA A 877 1.33 -17.94 0.38
C ALA A 877 1.14 -16.48 -0.04
N GLU A 878 1.11 -15.55 0.91
CA GLU A 878 1.02 -14.11 0.58
C GLU A 878 2.29 -13.69 -0.15
N ALA A 879 3.47 -14.15 0.30
CA ALA A 879 4.77 -13.75 -0.29
C ALA A 879 4.76 -12.22 -0.34
N LYS A 880 4.34 -11.57 0.74
CA LYS A 880 4.14 -10.10 0.75
C LYS A 880 5.43 -9.35 0.36
N PHE A 881 6.58 -9.65 0.96
CA PHE A 881 7.84 -8.90 0.71
C PHE A 881 9.07 -9.66 1.21
N ASP A 882 10.27 -9.22 0.82
CA ASP A 882 11.55 -9.78 1.34
C ASP A 882 11.54 -11.31 1.27
N SER A 883 11.18 -11.89 0.12
CA SER A 883 11.17 -13.36 -0.10
C SER A 883 12.35 -13.74 -1.00
N SER A 884 12.75 -15.01 -1.02
CA SER A 884 13.85 -15.51 -1.88
C SER A 884 13.31 -15.72 -3.29
N ASN A 885 12.01 -15.50 -3.51
CA ASN A 885 11.45 -15.56 -4.83
C ASN A 885 12.21 -14.61 -5.74
N PRO A 886 12.91 -15.12 -6.79
CA PRO A 886 13.60 -14.26 -7.75
C PRO A 886 12.54 -13.36 -8.40
N ALA A 887 11.33 -13.86 -8.58
CA ALA A 887 10.30 -13.07 -9.29
C ALA A 887 9.97 -11.85 -8.43
N MET A 888 9.82 -12.00 -7.12
CA MET A 888 9.46 -10.89 -6.19
C MET A 888 10.62 -9.92 -5.97
N LYS A 889 11.86 -10.40 -5.89
CA LYS A 889 13.03 -9.55 -5.49
C LYS A 889 13.51 -8.81 -6.73
N ASN A 890 13.30 -9.40 -7.89
CA ASN A 890 13.73 -8.78 -9.19
C ASN A 890 12.52 -8.17 -9.94
N PHE A 891 11.26 -8.43 -9.55
CA PHE A 891 10.18 -7.78 -10.33
C PHE A 891 8.92 -7.77 -9.46
N PHE A 892 7.98 -6.87 -9.74
CA PHE A 892 6.75 -6.69 -8.91
C PHE A 892 7.16 -5.94 -7.63
N GLY A 893 8.09 -6.47 -6.84
CA GLY A 893 8.59 -5.76 -5.65
C GLY A 893 9.31 -4.46 -5.99
N PRO A 894 10.26 -4.41 -6.94
CA PRO A 894 10.90 -3.15 -7.26
C PRO A 894 9.85 -2.17 -7.81
N VAL A 895 9.00 -2.63 -8.73
CA VAL A 895 7.87 -1.79 -9.25
C VAL A 895 6.72 -2.08 -8.29
N GLY A 896 6.81 -1.60 -7.05
CA GLY A 896 5.84 -1.96 -6.01
C GLY A 896 4.41 -1.71 -6.44
N ASN A 897 3.56 -2.74 -6.31
CA ASN A 897 2.11 -2.63 -6.61
C ASN A 897 1.40 -3.31 -5.43
N LYS A 898 1.31 -2.62 -4.30
CA LYS A 898 0.67 -3.18 -3.09
C LYS A 898 -0.80 -3.43 -3.44
N VAL A 899 -1.37 -4.57 -3.05
CA VAL A 899 -2.78 -4.93 -3.42
C VAL A 899 -3.48 -5.56 -2.21
N VAL A 900 -4.80 -5.62 -2.24
CA VAL A 900 -5.62 -6.22 -1.20
C VAL A 900 -5.37 -7.72 -1.11
N HIS A 901 -4.85 -8.32 -2.20
CA HIS A 901 -4.55 -9.77 -2.30
C HIS A 901 -5.44 -10.62 -1.39
N ASN A 902 -6.56 -11.10 -1.92
CA ASN A 902 -7.49 -11.97 -1.15
C ASN A 902 -6.96 -13.40 -1.09
N GLN A 903 -7.40 -14.18 -0.11
CA GLN A 903 -7.06 -15.62 -0.08
C GLN A 903 -7.72 -16.21 -1.33
N HIS A 904 -8.93 -15.76 -1.68
CA HIS A 904 -9.68 -16.23 -2.87
C HIS A 904 -10.34 -15.06 -3.59
N GLY A 905 -10.27 -15.00 -4.92
CA GLY A 905 -10.96 -13.98 -5.74
C GLY A 905 -10.05 -13.34 -6.79
N ALA A 906 -10.61 -12.58 -7.74
CA ALA A 906 -9.84 -11.85 -8.79
C ALA A 906 -10.49 -10.48 -8.96
N TYR A 907 -9.84 -9.36 -8.62
CA TYR A 907 -10.50 -8.02 -8.64
C TYR A 907 -9.76 -7.08 -9.56
N ALA A 908 -10.37 -5.97 -9.96
CA ALA A 908 -9.77 -4.96 -10.86
C ALA A 908 -9.97 -3.57 -10.27
N THR A 909 -9.02 -2.66 -10.43
CA THR A 909 -9.11 -1.26 -9.94
C THR A 909 -9.75 -0.40 -11.05
N GLY A 910 -10.06 -0.98 -12.22
CA GLY A 910 -10.65 -0.27 -13.36
C GLY A 910 -9.55 0.17 -14.31
N ASP A 911 -8.29 0.13 -13.88
CA ASP A 911 -7.11 0.41 -14.74
C ASP A 911 -6.21 -0.82 -14.77
N GLY A 912 -6.56 -1.90 -14.05
CA GLY A 912 -5.74 -3.12 -13.96
C GLY A 912 -6.57 -4.31 -13.54
N VAL A 913 -6.06 -5.53 -13.70
CA VAL A 913 -6.76 -6.79 -13.30
C VAL A 913 -5.83 -7.51 -12.33
N TYR A 914 -6.36 -8.38 -11.46
CA TYR A 914 -5.54 -9.07 -10.43
C TYR A 914 -6.07 -10.49 -10.32
N TYR A 915 -5.26 -11.54 -10.14
CA TYR A 915 -5.75 -12.94 -10.12
C TYR A 915 -5.34 -13.64 -8.83
N MET A 916 -6.28 -14.16 -8.02
CA MET A 916 -5.95 -14.96 -6.81
C MET A 916 -6.66 -16.32 -6.88
N SER A 917 -7.99 -16.34 -7.02
CA SER A 917 -8.79 -17.60 -7.09
C SER A 917 -8.38 -18.33 -8.35
N TYR A 918 -8.19 -17.59 -9.43
CA TYR A 918 -7.85 -18.16 -10.75
C TYR A 918 -6.40 -17.75 -11.06
N ARG A 919 -5.88 -18.16 -12.21
CA ARG A 919 -4.50 -17.81 -12.63
C ARG A 919 -4.61 -17.18 -14.01
N MET A 920 -3.78 -16.19 -14.32
CA MET A 920 -3.89 -15.46 -15.61
C MET A 920 -3.68 -16.45 -16.76
N LEU A 921 -2.82 -17.45 -16.58
CA LEU A 921 -2.49 -18.46 -17.63
C LEU A 921 -3.44 -19.65 -17.54
N ASP A 922 -4.33 -19.70 -16.55
CA ASP A 922 -5.31 -20.79 -16.40
C ASP A 922 -6.36 -20.64 -17.52
N LYS A 923 -6.77 -21.75 -18.15
CA LYS A 923 -7.79 -21.74 -19.23
C LYS A 923 -9.14 -21.30 -18.63
N ASP A 924 -9.45 -21.71 -17.40
CA ASP A 924 -10.71 -21.32 -16.71
C ASP A 924 -10.59 -19.85 -16.31
N GLY A 925 -9.37 -19.38 -16.02
CA GLY A 925 -9.11 -17.97 -15.71
C GLY A 925 -9.47 -17.06 -16.87
N ALA A 926 -9.57 -17.61 -18.09
CA ALA A 926 -9.94 -16.82 -19.28
C ALA A 926 -11.35 -16.27 -19.10
N ILE A 927 -12.27 -17.07 -18.58
CA ILE A 927 -13.69 -16.62 -18.39
C ILE A 927 -13.63 -15.47 -17.38
N THR A 928 -12.78 -15.58 -16.37
CA THR A 928 -12.64 -14.54 -15.32
C THR A 928 -12.03 -13.30 -16.00
N TYR A 929 -11.15 -13.49 -16.97
CA TYR A 929 -10.49 -12.35 -17.69
C TYR A 929 -11.59 -11.53 -18.36
N THR A 930 -12.55 -12.18 -19.03
CA THR A 930 -13.67 -11.47 -19.68
C THR A 930 -14.56 -10.84 -18.61
N HIS A 931 -14.76 -11.51 -17.47
CA HIS A 931 -15.62 -11.01 -16.38
C HIS A 931 -15.07 -9.67 -15.89
N GLU A 932 -13.75 -9.59 -15.68
CA GLU A 932 -13.09 -8.31 -15.28
C GLU A 932 -13.22 -7.31 -16.43
N MET A 933 -13.06 -7.77 -17.66
CA MET A 933 -13.20 -6.91 -18.86
C MET A 933 -14.64 -6.38 -18.91
N THR A 934 -15.62 -7.18 -18.52
CA THR A 934 -17.01 -6.68 -18.47
C THR A 934 -17.07 -5.58 -17.42
N HIS A 935 -16.44 -5.78 -16.27
CA HIS A 935 -16.48 -4.82 -15.15
C HIS A 935 -15.83 -3.49 -15.56
N ASP A 936 -14.73 -3.51 -16.31
CA ASP A 936 -13.99 -2.28 -16.66
C ASP A 936 -14.52 -1.74 -17.99
N SER A 937 -14.24 -2.40 -19.10
CA SER A 937 -14.56 -1.90 -20.46
C SER A 937 -16.07 -2.01 -20.66
N ASP A 938 -16.83 -0.96 -20.35
CA ASP A 938 -18.31 -0.99 -20.49
C ASP A 938 -18.80 0.45 -20.53
N GLN A 939 -18.56 1.25 -19.48
CA GLN A 939 -18.94 2.68 -19.39
C GLN A 939 -19.19 3.31 -20.76
N ASP A 940 -18.21 3.24 -21.66
CA ASP A 940 -18.34 3.78 -23.04
C ASP A 940 -17.69 2.79 -24.03
N ILE A 941 -17.34 1.57 -23.62
CA ILE A 941 -16.60 0.61 -24.48
C ILE A 941 -17.65 -0.32 -25.10
N TYR A 942 -18.11 -1.34 -24.36
CA TYR A 942 -19.18 -2.22 -24.85
C TYR A 942 -20.40 -1.31 -25.06
N LEU A 943 -20.60 -0.31 -24.21
CA LEU A 943 -21.72 0.66 -24.41
C LEU A 943 -21.32 1.66 -25.52
N GLY A 944 -22.26 2.35 -26.16
CA GLY A 944 -21.97 3.22 -27.32
C GLY A 944 -21.61 4.63 -26.93
N GLY A 945 -20.91 4.84 -25.81
CA GLY A 945 -20.56 6.18 -25.31
C GLY A 945 -21.65 6.76 -24.43
N TYR A 946 -22.40 5.91 -23.72
CA TYR A 946 -23.47 6.34 -22.77
C TYR A 946 -23.29 5.49 -21.52
N GLY A 947 -23.33 6.09 -20.32
CA GLY A 947 -23.06 5.37 -19.06
C GLY A 947 -24.09 4.28 -18.78
N ARG A 948 -23.70 3.16 -18.17
CA ARG A 948 -24.60 2.03 -17.83
C ARG A 948 -25.92 2.51 -17.22
N ARG A 949 -27.03 1.77 -17.41
CA ARG A 949 -28.30 2.08 -16.72
C ARG A 949 -28.09 2.69 -15.35
N ASN A 950 -28.88 3.69 -14.93
CA ASN A 950 -28.64 4.42 -13.65
C ASN A 950 -28.59 3.45 -12.48
N GLY A 951 -29.48 2.44 -12.43
CA GLY A 951 -29.49 1.42 -11.36
C GLY A 951 -28.80 0.14 -11.82
N LEU A 952 -28.85 -0.19 -13.11
CA LEU A 952 -28.22 -1.41 -13.69
C LEU A 952 -26.81 -1.52 -13.10
N GLY A 953 -26.51 -2.64 -12.46
CA GLY A 953 -25.26 -2.77 -11.71
C GLY A 953 -23.97 -3.06 -12.48
N PRO A 954 -22.78 -2.94 -11.83
CA PRO A 954 -21.48 -3.16 -12.47
C PRO A 954 -21.17 -4.62 -12.66
N GLU A 955 -21.60 -5.40 -11.66
CA GLU A 955 -21.52 -6.88 -11.75
C GLU A 955 -22.86 -7.46 -12.17
N PHE A 956 -23.83 -6.63 -12.55
CA PHE A 956 -25.12 -7.12 -13.12
C PHE A 956 -24.92 -7.27 -14.63
N PHE A 957 -23.80 -6.80 -15.17
CA PHE A 957 -23.56 -6.82 -16.63
C PHE A 957 -22.82 -8.08 -17.08
N ALA A 958 -22.30 -8.90 -16.18
CA ALA A 958 -21.47 -10.08 -16.54
C ALA A 958 -22.07 -11.42 -16.12
N LYS A 959 -22.66 -11.53 -14.92
CA LYS A 959 -23.07 -12.86 -14.38
C LYS A 959 -23.98 -13.52 -15.41
N GLY A 960 -24.89 -12.76 -16.02
CA GLY A 960 -25.75 -13.27 -17.10
C GLY A 960 -25.64 -12.45 -18.37
N LEU A 961 -25.66 -11.12 -18.27
CA LEU A 961 -25.73 -10.22 -19.47
C LEU A 961 -24.54 -10.36 -20.42
N LEU A 962 -23.30 -10.40 -19.93
CA LEU A 962 -22.11 -10.34 -20.82
C LEU A 962 -20.88 -11.02 -20.22
N GLN A 963 -20.83 -12.35 -20.15
CA GLN A 963 -19.63 -13.09 -19.69
C GLN A 963 -19.60 -14.43 -20.43
N ALA A 964 -18.43 -15.06 -20.55
CA ALA A 964 -18.28 -16.39 -21.19
C ALA A 964 -18.96 -17.42 -20.31
N PRO A 965 -19.45 -18.55 -20.85
CA PRO A 965 -20.01 -19.60 -20.01
C PRO A 965 -18.86 -20.05 -19.10
N ASP A 966 -19.13 -20.30 -17.82
CA ASP A 966 -18.08 -20.68 -16.84
C ASP A 966 -17.48 -22.01 -17.31
N GLN A 967 -18.27 -22.85 -17.98
CA GLN A 967 -17.78 -24.13 -18.57
C GLN A 967 -18.70 -24.51 -19.75
N PRO A 968 -18.24 -25.25 -20.79
CA PRO A 968 -19.13 -25.71 -21.85
C PRO A 968 -20.21 -26.60 -21.22
N SER A 969 -19.85 -27.42 -20.25
CA SER A 969 -20.79 -28.35 -19.57
C SER A 969 -21.90 -27.53 -18.89
N ASP A 970 -21.61 -26.31 -18.46
CA ASP A 970 -22.58 -25.43 -17.76
C ASP A 970 -23.64 -24.99 -18.77
N ALA A 971 -24.92 -24.94 -18.38
CA ALA A 971 -26.04 -24.60 -19.29
C ALA A 971 -26.61 -23.22 -18.93
N THR A 972 -26.36 -22.20 -19.75
CA THR A 972 -26.92 -20.83 -19.57
C THR A 972 -26.85 -20.17 -20.95
N ILE A 973 -27.85 -19.41 -21.36
CA ILE A 973 -27.74 -18.70 -22.66
C ILE A 973 -26.52 -17.81 -22.47
N THR A 974 -25.52 -17.89 -23.34
CA THR A 974 -24.27 -17.08 -23.27
C THR A 974 -23.53 -17.17 -24.60
N ILE A 975 -22.52 -16.33 -24.85
CA ILE A 975 -21.68 -16.42 -26.09
C ILE A 975 -20.32 -16.96 -25.64
N ASN A 976 -19.82 -18.02 -26.29
CA ASN A 976 -18.52 -18.66 -25.92
C ASN A 976 -17.41 -18.03 -26.77
N SER A 977 -17.31 -16.70 -26.80
CA SER A 977 -16.29 -15.96 -27.58
C SER A 977 -14.89 -16.29 -27.04
N ILE A 978 -14.76 -16.42 -25.72
CA ILE A 978 -13.44 -16.63 -25.07
C ILE A 978 -12.89 -18.01 -25.43
N LEU A 979 -13.68 -19.08 -25.30
CA LEU A 979 -13.14 -20.45 -25.47
C LEU A 979 -13.42 -21.03 -26.84
N LYS A 980 -12.38 -21.53 -27.53
CA LYS A 980 -12.54 -22.26 -28.81
C LYS A 980 -12.04 -23.67 -28.50
N HIS A 981 -12.82 -24.71 -28.75
CA HIS A 981 -12.42 -26.12 -28.47
C HIS A 981 -12.65 -26.97 -29.71
N SER A 982 -11.92 -28.07 -29.86
CA SER A 982 -12.02 -28.95 -31.06
C SER A 982 -13.33 -29.73 -31.01
N LYS A 983 -13.83 -30.18 -32.15
CA LYS A 983 -15.04 -30.97 -32.24
C LYS A 983 -14.78 -32.44 -31.93
N SER A 984 -13.54 -32.90 -32.14
CA SER A 984 -13.17 -34.31 -31.90
C SER A 984 -13.05 -34.57 -30.40
N ASP A 985 -12.90 -33.53 -29.58
CA ASP A 985 -12.75 -33.66 -28.10
C ASP A 985 -14.02 -34.28 -27.50
N SER A 986 -13.91 -35.03 -26.40
CA SER A 986 -15.05 -35.69 -25.71
C SER A 986 -16.03 -34.64 -25.17
N THR A 987 -15.57 -33.41 -24.94
CA THR A 987 -16.41 -32.29 -24.44
C THR A 987 -17.54 -31.99 -25.44
N GLU A 988 -17.50 -32.58 -26.63
CA GLU A 988 -18.56 -32.38 -27.66
C GLU A 988 -19.89 -32.80 -27.05
N GLY A 989 -19.91 -33.88 -26.27
CA GLY A 989 -21.14 -34.29 -25.56
C GLY A 989 -21.50 -33.21 -24.55
N SER A 990 -22.74 -32.72 -24.56
CA SER A 990 -23.20 -31.64 -23.65
C SER A 990 -22.28 -30.42 -23.76
N ARG A 991 -21.81 -30.09 -24.97
CA ARG A 991 -21.00 -28.87 -25.17
C ARG A 991 -21.88 -27.67 -24.82
N LEU A 992 -23.15 -27.67 -25.23
CA LEU A 992 -24.15 -26.60 -24.89
C LEU A 992 -23.65 -25.19 -25.18
N GLN A 993 -22.50 -24.98 -25.85
CA GLN A 993 -21.90 -23.64 -26.04
C GLN A 993 -21.20 -23.58 -27.39
N VAL A 994 -20.93 -22.38 -27.93
CA VAL A 994 -20.34 -22.24 -29.29
C VAL A 994 -19.03 -23.03 -29.31
N LEU A 995 -18.85 -23.94 -30.26
CA LEU A 995 -17.58 -24.71 -30.39
C LEU A 995 -16.47 -23.78 -30.87
N ASP A 996 -16.73 -22.98 -31.91
CA ASP A 996 -15.71 -22.06 -32.48
C ASP A 996 -16.34 -20.69 -32.68
N PRO A 997 -15.93 -19.64 -31.93
CA PRO A 997 -16.41 -18.29 -32.15
C PRO A 997 -15.53 -17.58 -33.19
N THR A 998 -15.95 -16.43 -33.71
CA THR A 998 -15.18 -15.61 -34.69
C THR A 998 -15.31 -16.19 -36.11
N GLU A 999 -15.65 -17.47 -36.25
CA GLU A 999 -15.81 -18.10 -37.59
C GLU A 999 -17.29 -17.99 -37.94
N ARG A 1000 -18.20 -18.36 -37.04
CA ARG A 1000 -19.65 -18.16 -37.30
C ARG A 1000 -19.92 -16.67 -37.12
N PHE A 1001 -19.11 -15.99 -36.30
CA PHE A 1001 -19.31 -14.54 -36.01
C PHE A 1001 -18.32 -13.70 -36.82
N GLN A 1002 -18.75 -13.12 -37.94
CA GLN A 1002 -17.90 -12.19 -38.74
C GLN A 1002 -18.45 -10.76 -38.60
N ASN A 1003 -19.61 -10.58 -37.97
CA ASN A 1003 -20.22 -9.23 -37.80
C ASN A 1003 -21.31 -9.27 -36.73
N ALA A 1004 -21.67 -8.13 -36.13
CA ALA A 1004 -22.78 -8.04 -35.14
C ALA A 1004 -24.07 -8.45 -35.84
N ALA A 1005 -24.21 -8.13 -37.12
CA ALA A 1005 -25.41 -8.51 -37.91
C ALA A 1005 -25.51 -10.03 -37.91
N ASP A 1006 -24.38 -10.74 -37.96
CA ASP A 1006 -24.38 -12.22 -37.98
C ASP A 1006 -24.74 -12.73 -36.59
N LEU A 1007 -24.39 -11.99 -35.53
CA LEU A 1007 -24.79 -12.37 -34.15
C LEU A 1007 -26.31 -12.26 -34.05
N GLN A 1008 -26.89 -11.23 -34.65
CA GLN A 1008 -28.35 -10.99 -34.56
C GLN A 1008 -29.06 -12.20 -35.17
N ASN A 1009 -28.56 -12.70 -36.30
CA ASN A 1009 -29.13 -13.92 -36.94
C ASN A 1009 -28.93 -15.11 -36.01
N TYR A 1010 -27.76 -15.22 -35.39
CA TYR A 1010 -27.40 -16.39 -34.54
C TYR A 1010 -28.34 -16.49 -33.35
N VAL A 1011 -28.75 -15.37 -32.74
CA VAL A 1011 -29.56 -15.39 -31.48
C VAL A 1011 -31.05 -15.51 -31.81
N HIS A 1012 -31.53 -14.94 -32.91
CA HIS A 1012 -32.95 -15.01 -33.34
C HIS A 1012 -33.32 -16.49 -33.43
N ASN A 1013 -32.44 -17.26 -34.09
CA ASN A 1013 -32.57 -18.73 -34.26
C ASN A 1013 -32.37 -19.39 -32.91
N MET A 1014 -31.31 -19.03 -32.16
CA MET A 1014 -31.01 -19.70 -30.87
C MET A 1014 -32.22 -19.49 -29.96
N PHE A 1015 -32.84 -18.32 -30.00
CA PHE A 1015 -33.99 -17.98 -29.12
C PHE A 1015 -35.27 -18.49 -29.75
N ASP A 1016 -35.36 -18.78 -31.05
CA ASP A 1016 -36.51 -19.43 -31.73
C ASP A 1016 -36.60 -20.86 -31.19
N LEU A 1017 -35.48 -21.56 -31.06
CA LEU A 1017 -35.45 -22.94 -30.48
C LEU A 1017 -35.88 -22.84 -29.02
N ILE A 1018 -35.35 -21.86 -28.29
CA ILE A 1018 -35.71 -21.66 -26.86
C ILE A 1018 -37.19 -21.32 -26.82
N TYR A 1019 -37.66 -20.51 -27.75
CA TYR A 1019 -39.07 -20.06 -27.80
C TYR A 1019 -39.95 -21.24 -28.20
N MET A 1020 -39.43 -22.12 -29.04
CA MET A 1020 -40.22 -23.30 -29.46
C MET A 1020 -40.45 -24.18 -28.24
N MET A 1021 -39.42 -24.48 -27.46
CA MET A 1021 -39.56 -25.45 -26.33
C MET A 1021 -40.36 -24.87 -25.16
N GLU A 1022 -40.38 -23.56 -24.93
CA GLU A 1022 -41.03 -22.97 -23.79
C GLU A 1022 -42.55 -23.05 -23.93
N TYR A 1023 -43.01 -22.87 -25.18
CA TYR A 1023 -44.44 -22.96 -25.52
C TYR A 1023 -44.78 -24.43 -25.50
N LEU A 1024 -43.89 -25.30 -25.97
CA LEU A 1024 -44.17 -26.76 -25.87
C LEU A 1024 -44.36 -27.09 -24.39
N GLU A 1025 -43.61 -26.44 -23.50
CA GLU A 1025 -43.69 -26.69 -22.03
C GLU A 1025 -45.01 -26.18 -21.45
N GLY A 1026 -45.35 -24.89 -21.56
CA GLY A 1026 -46.52 -24.31 -20.93
C GLY A 1026 -47.79 -25.01 -21.38
N GLN A 1027 -47.91 -25.25 -22.69
CA GLN A 1027 -49.10 -25.91 -23.20
C GLN A 1027 -49.35 -27.21 -22.49
N SER A 1028 -48.34 -28.09 -22.45
CA SER A 1028 -48.52 -29.31 -21.68
C SER A 1028 -48.99 -28.99 -20.28
N ILE A 1029 -48.37 -27.99 -19.64
CA ILE A 1029 -48.65 -27.59 -18.23
C ILE A 1029 -50.05 -27.00 -18.07
N VAL A 1030 -50.37 -25.91 -18.76
CA VAL A 1030 -51.69 -25.22 -18.62
C VAL A 1030 -52.77 -26.24 -18.97
N ASN A 1031 -52.46 -27.19 -19.84
CA ASN A 1031 -53.46 -28.19 -20.30
C ASN A 1031 -53.57 -29.30 -19.26
N LYS A 1032 -52.52 -30.10 -19.02
CA LYS A 1032 -52.60 -31.31 -18.17
C LYS A 1032 -51.76 -31.15 -16.91
N LEU A 1033 -52.33 -30.61 -15.84
CA LEU A 1033 -51.62 -30.51 -14.54
C LEU A 1033 -52.63 -30.60 -13.40
N SER A 1034 -52.32 -31.32 -12.32
CA SER A 1034 -53.18 -31.38 -11.12
C SER A 1034 -53.08 -30.04 -10.42
N VAL A 1035 -54.09 -29.66 -9.63
CA VAL A 1035 -54.11 -28.33 -8.95
C VAL A 1035 -52.88 -28.27 -8.06
N TYR A 1036 -52.55 -29.35 -7.36
CA TYR A 1036 -51.37 -29.41 -6.45
C TYR A 1036 -50.11 -29.44 -7.30
N GLN A 1037 -50.15 -30.09 -8.46
CA GLN A 1037 -48.99 -30.14 -9.39
C GLN A 1037 -48.76 -28.74 -9.96
N LYS A 1038 -49.80 -27.91 -10.01
CA LYS A 1038 -49.68 -26.53 -10.54
C LYS A 1038 -48.99 -25.69 -9.48
N MET A 1039 -49.24 -26.01 -8.19
CA MET A 1039 -48.64 -25.22 -7.09
C MET A 1039 -47.12 -25.38 -7.12
N ALA A 1040 -46.58 -26.58 -7.29
CA ALA A 1040 -45.12 -26.79 -7.20
C ALA A 1040 -44.46 -26.43 -8.53
N ALA A 1041 -45.23 -26.36 -9.62
CA ALA A 1041 -44.65 -26.18 -10.93
C ALA A 1041 -44.13 -24.76 -11.11
N LEU A 1042 -44.88 -23.80 -10.54
CA LEU A 1042 -44.69 -22.35 -10.83
C LEU A 1042 -44.21 -21.47 -9.66
N ARG A 1043 -43.87 -20.21 -9.96
CA ARG A 1043 -43.41 -19.20 -8.98
C ARG A 1043 -43.95 -17.86 -9.45
N LYS A 1044 -44.09 -16.85 -8.59
CA LYS A 1044 -44.50 -15.48 -8.98
C LYS A 1044 -43.34 -14.52 -8.72
N ILE A 1045 -43.22 -13.43 -9.49
CA ILE A 1045 -42.13 -12.42 -9.34
C ILE A 1045 -42.77 -11.05 -9.08
N GLU A 1046 -42.18 -10.23 -8.20
CA GLU A 1046 -42.72 -8.88 -7.87
C GLU A 1046 -41.55 -7.91 -7.99
N ASN A 1047 -41.76 -6.61 -7.83
CA ASN A 1047 -40.66 -5.61 -7.82
C ASN A 1047 -40.83 -4.70 -6.61
N LYS A 1048 -39.78 -4.51 -5.80
CA LYS A 1048 -39.84 -3.64 -4.60
C LYS A 1048 -39.05 -2.36 -4.87
N TYR A 1049 -39.70 -1.20 -4.79
CA TYR A 1049 -39.03 0.12 -4.98
C TYR A 1049 -38.48 0.51 -3.60
N VAL A 1050 -37.45 -0.20 -3.13
CA VAL A 1050 -36.90 0.00 -1.76
C VAL A 1050 -35.90 1.15 -1.68
N LYS A 1051 -35.76 1.80 -0.52
CA LYS A 1051 -34.70 2.82 -0.29
C LYS A 1051 -33.33 2.17 -0.43
N ASP A 1052 -32.37 2.86 -1.04
CA ASP A 1052 -30.97 2.36 -1.17
C ASP A 1052 -30.07 3.40 -0.51
N PRO A 1053 -28.99 3.04 0.23
CA PRO A 1053 -28.21 4.05 0.94
C PRO A 1053 -27.58 5.07 -0.01
N ALA A 1054 -27.09 4.63 -1.18
CA ALA A 1054 -26.38 5.51 -2.14
C ALA A 1054 -27.29 6.64 -2.64
N ASP A 1055 -28.57 6.35 -2.92
CA ASP A 1055 -29.51 7.35 -3.49
C ASP A 1055 -30.67 7.57 -2.51
N GLY A 1056 -31.00 8.83 -2.21
CA GLY A 1056 -32.15 9.14 -1.35
C GLY A 1056 -33.41 8.59 -1.98
N ASN A 1057 -33.52 8.68 -3.31
CA ASN A 1057 -34.70 8.18 -4.06
C ASN A 1057 -34.78 6.66 -3.90
N GLU A 1058 -35.99 6.10 -3.81
CA GLU A 1058 -36.24 4.65 -3.61
C GLU A 1058 -36.84 4.07 -4.89
N VAL A 1059 -36.65 4.73 -6.04
CA VAL A 1059 -37.33 4.34 -7.31
C VAL A 1059 -36.73 3.09 -7.96
N TYR A 1060 -35.62 2.54 -7.45
CA TYR A 1060 -34.97 1.38 -8.11
C TYR A 1060 -35.79 0.12 -7.81
N ALA A 1061 -36.37 -0.52 -8.84
CA ALA A 1061 -37.24 -1.66 -8.70
C ALA A 1061 -36.40 -2.91 -8.53
N THR A 1062 -36.69 -3.84 -7.63
CA THR A 1062 -35.77 -5.00 -7.35
C THR A 1062 -36.48 -6.34 -7.51
N ASN A 1063 -36.08 -7.13 -8.50
CA ASN A 1063 -36.80 -8.39 -8.76
C ASN A 1063 -36.75 -9.18 -7.47
N VAL A 1064 -37.90 -9.58 -6.94
CA VAL A 1064 -38.01 -10.39 -5.72
C VAL A 1064 -38.86 -11.56 -6.18
N VAL A 1065 -38.68 -12.76 -5.66
CA VAL A 1065 -39.39 -13.99 -6.14
C VAL A 1065 -40.14 -14.63 -4.97
N LYS A 1066 -41.33 -15.19 -5.21
CA LYS A 1066 -42.16 -15.86 -4.15
C LYS A 1066 -43.11 -16.85 -4.82
N GLU A 1067 -43.62 -17.84 -4.08
CA GLU A 1067 -44.59 -18.84 -4.62
C GLU A 1067 -45.95 -18.17 -4.82
N LEU A 1068 -46.66 -18.49 -5.91
CA LEU A 1068 -48.01 -17.93 -6.19
C LEU A 1068 -49.06 -18.62 -5.31
N THR A 1069 -50.19 -17.98 -5.05
CA THR A 1069 -51.25 -18.53 -4.15
C THR A 1069 -52.11 -19.57 -4.87
N GLU A 1070 -52.79 -20.43 -4.11
CA GLU A 1070 -53.69 -21.47 -4.69
C GLU A 1070 -54.83 -20.79 -5.44
N ALA A 1071 -55.41 -19.72 -4.90
CA ALA A 1071 -56.48 -18.96 -5.57
C ALA A 1071 -55.92 -18.37 -6.87
N GLU A 1072 -54.69 -17.88 -6.84
CA GLU A 1072 -54.03 -17.28 -8.02
C GLU A 1072 -53.85 -18.35 -9.09
N ALA A 1073 -53.63 -19.61 -8.71
CA ALA A 1073 -53.32 -20.71 -9.67
C ALA A 1073 -54.61 -21.18 -10.34
N ARG A 1074 -55.72 -21.27 -9.61
CA ARG A 1074 -57.05 -21.67 -10.14
C ARG A 1074 -57.42 -20.70 -11.27
N ASN A 1075 -57.13 -19.40 -11.11
CA ASN A 1075 -57.47 -18.38 -12.13
C ASN A 1075 -56.85 -18.74 -13.48
N LEU A 1076 -55.60 -19.20 -13.50
CA LEU A 1076 -54.90 -19.47 -14.79
C LEU A 1076 -55.68 -20.55 -15.55
N ASN A 1077 -56.13 -20.28 -16.77
CA ASN A 1077 -56.82 -21.27 -17.63
C ASN A 1077 -56.29 -21.20 -19.07
N SER A 1078 -55.21 -20.45 -19.33
CA SER A 1078 -54.69 -20.24 -20.70
C SER A 1078 -53.18 -20.02 -20.70
N PHE A 1079 -52.52 -20.19 -21.84
CA PHE A 1079 -51.08 -19.87 -21.97
C PHE A 1079 -50.91 -18.38 -21.74
N GLU A 1080 -51.86 -17.59 -22.25
CA GLU A 1080 -51.85 -16.11 -22.11
C GLU A 1080 -51.95 -15.79 -20.62
N SER A 1081 -52.72 -16.57 -19.85
CA SER A 1081 -52.89 -16.35 -18.40
C SER A 1081 -51.53 -16.47 -17.72
N LEU A 1082 -50.61 -17.31 -18.22
CA LEU A 1082 -49.22 -17.36 -17.65
C LEU A 1082 -48.59 -16.01 -17.94
N ILE A 1083 -48.83 -15.46 -19.13
CA ILE A 1083 -48.30 -14.14 -19.55
C ILE A 1083 -48.95 -13.05 -18.70
N ASP A 1084 -50.21 -13.23 -18.29
CA ASP A 1084 -50.99 -12.20 -17.56
C ASP A 1084 -50.71 -12.29 -16.06
N HIS A 1085 -50.48 -13.49 -15.54
CA HIS A 1085 -50.20 -13.72 -14.10
C HIS A 1085 -48.71 -13.52 -13.85
N ASN A 1086 -47.90 -13.44 -14.91
CA ASN A 1086 -46.44 -13.16 -14.80
C ASN A 1086 -45.81 -14.19 -13.86
N ILE A 1087 -46.17 -15.46 -13.98
CA ILE A 1087 -45.63 -16.54 -13.10
C ILE A 1087 -44.69 -17.43 -13.91
N LEU A 1088 -43.49 -17.75 -13.41
CA LEU A 1088 -42.45 -18.53 -14.13
C LEU A 1088 -42.06 -19.76 -13.31
N SER A 1089 -41.60 -20.86 -13.91
CA SER A 1089 -41.36 -22.14 -13.18
C SER A 1089 -40.40 -21.94 -12.00
N ALA A 1090 -40.64 -22.63 -10.88
CA ALA A 1090 -39.79 -22.58 -9.67
C ALA A 1090 -38.77 -23.72 -9.71
N ARG A 1091 -38.63 -24.39 -10.86
CA ARG A 1091 -37.73 -25.58 -10.98
C ARG A 1091 -36.28 -25.17 -10.73
N GLU A 1092 -35.84 -24.03 -11.27
CA GLU A 1092 -34.43 -23.56 -11.13
C GLU A 1092 -34.35 -22.26 -10.30
N TYR A 1093 -35.40 -21.88 -9.56
CA TYR A 1093 -35.43 -20.61 -8.80
C TYR A 1093 -35.94 -20.85 -7.37
N GLN A 1094 -35.41 -20.10 -6.38
CA GLN A 1094 -35.85 -20.19 -4.96
C GLN A 1094 -36.46 -18.84 -4.57
N SER A 1095 -37.42 -18.79 -3.62
CA SER A 1095 -38.14 -17.54 -3.26
C SER A 1095 -37.23 -16.52 -2.56
N GLY A 1096 -36.02 -16.86 -2.17
CA GLY A 1096 -35.12 -15.83 -1.62
C GLY A 1096 -35.06 -14.69 -2.63
N ASP A 1097 -35.40 -13.46 -2.21
CA ASP A 1097 -35.42 -12.27 -3.09
C ASP A 1097 -34.04 -12.10 -3.71
N TYR A 1098 -33.96 -11.42 -4.86
CA TYR A 1098 -32.68 -11.22 -5.57
C TYR A 1098 -32.17 -9.80 -5.27
N GLU A 1099 -31.01 -9.68 -4.63
CA GLU A 1099 -30.44 -8.38 -4.24
C GLU A 1099 -29.96 -7.63 -5.49
N ARG A 1100 -30.12 -6.30 -5.53
CA ARG A 1100 -29.75 -5.51 -6.73
C ARG A 1100 -28.24 -5.62 -6.95
N ASN A 1101 -27.79 -5.79 -8.20
CA ASN A 1101 -26.36 -5.98 -8.54
C ASN A 1101 -25.91 -7.31 -7.93
N GLY A 1102 -26.87 -8.21 -7.64
CA GLY A 1102 -26.56 -9.55 -7.08
C GLY A 1102 -26.19 -10.48 -8.21
N TYR A 1103 -25.63 -11.65 -7.89
CA TYR A 1103 -25.15 -12.62 -8.92
C TYR A 1103 -26.34 -13.47 -9.36
N TYR A 1104 -27.07 -13.06 -10.41
CA TYR A 1104 -28.25 -13.80 -10.95
C TYR A 1104 -28.03 -13.94 -12.46
N THR A 1105 -28.28 -15.10 -13.06
CA THR A 1105 -27.92 -15.40 -14.47
C THR A 1105 -29.16 -15.97 -15.13
N ILE A 1106 -29.10 -16.34 -16.42
CA ILE A 1106 -30.30 -16.87 -17.16
C ILE A 1106 -30.12 -18.36 -17.44
N LYS A 1107 -30.92 -19.21 -16.80
CA LYS A 1107 -30.81 -20.68 -16.97
C LYS A 1107 -31.13 -20.96 -18.45
N LEU A 1108 -30.50 -21.98 -19.05
CA LEU A 1108 -30.62 -22.22 -20.51
C LEU A 1108 -32.07 -22.44 -20.94
N PHE A 1109 -32.86 -23.24 -20.21
CA PHE A 1109 -34.29 -23.51 -20.54
C PHE A 1109 -35.25 -23.34 -19.35
N ALA A 1110 -35.05 -22.35 -18.48
CA ALA A 1110 -36.03 -22.09 -17.39
C ALA A 1110 -37.16 -21.27 -18.01
N PRO A 1111 -38.43 -21.73 -18.04
CA PRO A 1111 -39.48 -20.97 -18.72
C PRO A 1111 -39.74 -19.67 -17.97
N ILE A 1112 -39.80 -18.55 -18.67
CA ILE A 1112 -40.13 -17.24 -18.06
C ILE A 1112 -41.34 -16.69 -18.82
N TYR A 1113 -42.54 -16.85 -18.27
CA TYR A 1113 -43.78 -16.30 -18.87
C TYR A 1113 -44.02 -14.93 -18.24
N SER A 1114 -43.04 -14.32 -17.57
CA SER A 1114 -43.20 -13.04 -16.86
C SER A 1114 -42.60 -11.87 -17.64
N ALA A 1115 -43.32 -10.74 -17.75
CA ALA A 1115 -42.82 -9.50 -18.38
C ALA A 1115 -43.12 -8.41 -17.35
N LEU A 1116 -42.47 -8.47 -16.20
CA LEU A 1116 -42.74 -7.52 -15.09
C LEU A 1116 -41.91 -6.26 -15.33
N SER A 1117 -42.30 -5.42 -16.30
CA SER A 1117 -41.54 -4.21 -16.66
C SER A 1117 -41.95 -3.05 -15.75
N SER A 1118 -41.02 -2.53 -14.95
CA SER A 1118 -41.27 -1.43 -13.99
C SER A 1118 -41.57 -0.11 -14.69
N GLU A 1119 -42.67 0.57 -14.35
CA GLU A 1119 -42.93 1.96 -14.80
C GLU A 1119 -41.76 2.78 -14.25
N LYS A 1120 -41.12 2.31 -13.18
CA LYS A 1120 -39.95 2.98 -12.56
C LYS A 1120 -38.75 2.91 -13.49
N GLY A 1121 -37.75 3.76 -13.27
CA GLY A 1121 -36.57 3.85 -14.15
C GLY A 1121 -35.79 2.55 -14.22
N THR A 1122 -35.55 1.89 -13.09
CA THR A 1122 -34.80 0.62 -13.00
C THR A 1122 -35.83 -0.49 -12.77
N PRO A 1123 -35.71 -1.70 -13.36
CA PRO A 1123 -36.63 -2.81 -13.06
C PRO A 1123 -36.17 -3.88 -12.07
N GLY A 1124 -34.87 -4.16 -11.96
CA GLY A 1124 -34.36 -5.27 -11.13
C GLY A 1124 -33.23 -5.97 -11.85
N ASP A 1125 -32.94 -7.23 -11.49
CA ASP A 1125 -31.78 -7.96 -12.06
C ASP A 1125 -32.22 -8.99 -13.11
N LEU A 1126 -32.89 -10.07 -12.72
CA LEU A 1126 -33.22 -11.16 -13.67
C LEU A 1126 -34.13 -10.62 -14.78
N MET A 1127 -35.11 -9.80 -14.43
CA MET A 1127 -36.06 -9.26 -15.43
C MET A 1127 -35.26 -8.35 -16.34
N GLY A 1128 -34.38 -7.53 -15.76
CA GLY A 1128 -33.55 -6.61 -16.56
C GLY A 1128 -32.67 -7.39 -17.48
N ARG A 1129 -31.97 -8.48 -17.15
CA ARG A 1129 -31.08 -9.47 -17.79
C ARG A 1129 -31.90 -10.26 -18.80
N ARG A 1130 -33.08 -10.73 -18.39
CA ARG A 1130 -33.96 -11.61 -19.21
C ARG A 1130 -34.46 -10.81 -20.41
N ILE A 1131 -35.11 -9.68 -20.14
CA ILE A 1131 -35.75 -8.85 -21.20
C ILE A 1131 -34.67 -8.35 -22.15
N ALA A 1132 -33.44 -8.12 -21.68
CA ALA A 1132 -32.30 -7.66 -22.52
C ALA A 1132 -31.82 -8.81 -23.40
N TYR A 1133 -31.97 -10.07 -22.98
CA TYR A 1133 -31.61 -11.27 -23.77
C TYR A 1133 -32.56 -11.41 -24.95
N GLU A 1134 -33.85 -11.10 -24.77
CA GLU A 1134 -34.87 -11.18 -25.86
C GLU A 1134 -34.73 -9.93 -26.73
N LEU A 1135 -34.28 -8.83 -26.15
CA LEU A 1135 -34.03 -7.55 -26.86
C LEU A 1135 -32.84 -7.76 -27.80
N LEU A 1136 -31.85 -8.56 -27.43
CA LEU A 1136 -30.75 -8.93 -28.36
C LEU A 1136 -31.34 -9.89 -29.40
N ALA A 1137 -32.20 -10.82 -28.97
CA ALA A 1137 -32.81 -11.86 -29.84
C ALA A 1137 -33.81 -11.22 -30.79
N ALA A 1138 -34.11 -9.93 -30.61
CA ALA A 1138 -35.01 -9.16 -31.50
C ALA A 1138 -34.22 -8.07 -32.21
N LYS A 1139 -33.59 -7.16 -31.46
CA LYS A 1139 -32.86 -6.00 -32.03
C LYS A 1139 -31.36 -6.20 -31.82
N GLY A 1140 -30.54 -5.61 -32.69
CA GLY A 1140 -29.07 -5.75 -32.60
C GLY A 1140 -28.59 -5.20 -31.28
N PHE A 1141 -27.45 -5.66 -30.77
CA PHE A 1141 -26.97 -5.26 -29.42
C PHE A 1141 -26.88 -3.73 -29.40
N LYS A 1142 -26.27 -3.13 -30.42
CA LYS A 1142 -26.19 -1.66 -30.53
C LYS A 1142 -27.60 -1.10 -30.74
N ASP A 1143 -28.39 -1.74 -31.60
CA ASP A 1143 -29.73 -1.22 -31.99
C ASP A 1143 -30.71 -1.19 -30.81
N GLY A 1144 -30.76 -2.23 -29.98
CA GLY A 1144 -31.76 -2.34 -28.90
C GLY A 1144 -31.17 -2.52 -27.50
N MET A 1145 -30.29 -3.49 -27.30
CA MET A 1145 -29.78 -3.79 -25.93
C MET A 1145 -29.09 -2.57 -25.38
N VAL A 1146 -28.24 -1.91 -26.17
CA VAL A 1146 -27.44 -0.75 -25.67
C VAL A 1146 -28.41 0.34 -25.23
N PRO A 1147 -29.48 0.69 -25.99
CA PRO A 1147 -30.44 1.64 -25.49
C PRO A 1147 -31.04 1.24 -24.14
N TYR A 1148 -31.27 -0.05 -23.91
CA TYR A 1148 -31.96 -0.52 -22.69
C TYR A 1148 -31.01 -0.61 -21.50
N ILE A 1149 -29.69 -0.60 -21.73
CA ILE A 1149 -28.69 -0.77 -20.65
C ILE A 1149 -27.60 0.31 -20.69
N SER A 1150 -27.87 1.48 -21.28
CA SER A 1150 -26.90 2.61 -21.30
C SER A 1150 -27.55 3.95 -20.94
N ASN A 1151 -28.75 3.97 -20.38
CA ASN A 1151 -29.48 5.20 -19.96
C ASN A 1151 -29.22 6.33 -20.97
N GLN A 1152 -29.20 6.02 -22.27
CA GLN A 1152 -28.88 7.01 -23.35
C GLN A 1152 -30.06 7.96 -23.60
N TYR A 1153 -31.27 7.61 -23.19
CA TYR A 1153 -32.50 8.40 -23.45
C TYR A 1153 -32.74 9.36 -22.28
N GLU A 1154 -31.76 9.57 -21.42
CA GLU A 1154 -31.91 10.44 -20.22
C GLU A 1154 -32.28 11.84 -20.70
N GLU A 1155 -31.66 12.33 -21.78
CA GLU A 1155 -32.00 13.65 -22.35
C GLU A 1155 -33.45 13.60 -22.85
N ASP A 1156 -33.85 12.50 -23.50
CA ASP A 1156 -35.25 12.31 -23.98
C ASP A 1156 -36.16 12.27 -22.75
N ALA A 1157 -35.71 11.65 -21.65
CA ALA A 1157 -36.50 11.53 -20.42
C ALA A 1157 -36.73 12.91 -19.82
N LYS A 1158 -35.72 13.78 -19.86
CA LYS A 1158 -35.88 15.18 -19.38
C LYS A 1158 -36.90 15.87 -20.29
N GLN A 1159 -36.84 15.61 -21.60
CA GLN A 1159 -37.84 16.16 -22.55
C GLN A 1159 -39.21 15.57 -22.17
N GLN A 1160 -39.25 14.29 -21.82
CA GLN A 1160 -40.50 13.61 -21.35
C GLN A 1160 -40.89 14.26 -20.03
N GLY A 1161 -39.91 14.63 -19.18
CA GLY A 1161 -40.14 15.25 -17.86
C GLY A 1161 -39.85 14.30 -16.71
N GLN A 1162 -39.35 13.10 -16.96
CA GLN A 1162 -38.94 12.14 -15.89
C GLN A 1162 -37.55 12.53 -15.41
N THR A 1163 -37.31 12.61 -14.10
CA THR A 1163 -36.00 13.03 -13.52
C THR A 1163 -35.71 12.35 -12.18
N ILE A 1164 -34.42 12.10 -11.84
CA ILE A 1164 -34.03 11.59 -10.49
C ILE A 1164 -32.83 12.45 -10.08
N ASN A 1165 -32.77 12.99 -8.86
CA ASN A 1165 -31.57 13.74 -8.41
C ASN A 1165 -30.47 12.72 -8.10
N LEU A 1166 -29.25 12.91 -8.60
CA LEU A 1166 -28.10 12.00 -8.35
C LEU A 1166 -26.90 12.81 -7.87
N TYR A 1167 -26.23 12.39 -6.79
CA TYR A 1167 -25.02 13.06 -6.25
C TYR A 1167 -25.33 14.54 -5.99
N GLY A 1168 -26.52 14.84 -5.45
CA GLY A 1168 -26.92 16.23 -5.16
C GLY A 1168 -26.96 17.05 -6.43
N LYS A 1169 -27.24 16.42 -7.57
CA LYS A 1169 -27.34 17.10 -8.89
C LYS A 1169 -28.68 16.69 -9.48
N GLU A 1170 -29.54 17.64 -9.85
CA GLU A 1170 -30.82 17.28 -10.50
C GLU A 1170 -30.40 16.55 -11.78
N ARG A 1171 -30.96 15.36 -12.02
CA ARG A 1171 -30.56 14.53 -13.19
C ARG A 1171 -31.81 13.90 -13.78
N GLY A 1172 -31.72 13.35 -15.00
CA GLY A 1172 -32.85 12.69 -15.68
C GLY A 1172 -32.99 11.25 -15.25
N LEU A 1173 -34.19 10.66 -15.38
CA LEU A 1173 -34.47 9.24 -15.03
C LEU A 1173 -35.06 8.61 -16.28
N VAL A 1174 -34.72 7.35 -16.63
CA VAL A 1174 -35.19 6.67 -17.88
C VAL A 1174 -36.03 5.46 -17.49
N THR A 1175 -37.27 5.31 -18.01
CA THR A 1175 -38.19 4.20 -17.62
C THR A 1175 -38.39 3.16 -18.71
N ASP A 1176 -38.72 1.92 -18.33
CA ASP A 1176 -38.88 0.79 -19.27
C ASP A 1176 -39.94 1.13 -20.31
N GLU A 1177 -41.04 1.76 -19.90
CA GLU A 1177 -42.11 2.17 -20.84
C GLU A 1177 -41.54 3.18 -21.85
N LEU A 1178 -40.68 4.09 -21.40
CA LEU A 1178 -40.12 5.14 -22.28
C LEU A 1178 -39.24 4.46 -23.33
N VAL A 1179 -38.36 3.54 -22.93
CA VAL A 1179 -37.45 2.82 -23.86
C VAL A 1179 -38.28 1.79 -24.64
N LEU A 1180 -39.38 1.30 -24.08
CA LEU A 1180 -40.27 0.35 -24.78
C LEU A 1180 -40.75 1.06 -26.03
N LYS A 1181 -41.00 2.36 -25.92
CA LYS A 1181 -41.54 3.14 -27.06
C LYS A 1181 -40.41 3.53 -28.01
N LYS A 1182 -39.28 3.99 -27.49
CA LYS A 1182 -38.19 4.46 -28.38
C LYS A 1182 -37.86 3.27 -29.29
N VAL A 1183 -37.67 2.08 -28.71
CA VAL A 1183 -37.32 0.85 -29.49
C VAL A 1183 -38.52 0.44 -30.37
N PHE A 1184 -39.75 0.47 -29.86
CA PHE A 1184 -40.96 0.04 -30.59
C PHE A 1184 -42.13 0.98 -30.27
N ASP A 1185 -42.19 2.17 -30.89
CA ASP A 1185 -43.23 3.18 -30.55
C ASP A 1185 -44.61 2.69 -30.96
N GLY A 1186 -44.76 2.14 -32.17
CA GLY A 1186 -46.07 1.72 -32.69
C GLY A 1186 -46.23 0.22 -32.85
N LYS A 1187 -45.13 -0.54 -32.91
CA LYS A 1187 -45.22 -2.00 -33.18
C LYS A 1187 -45.99 -2.64 -32.04
N TYR A 1188 -45.71 -2.26 -30.79
CA TYR A 1188 -46.46 -2.74 -29.60
C TYR A 1188 -46.32 -1.66 -28.51
N LYS A 1189 -47.42 -1.30 -27.84
CA LYS A 1189 -47.41 -0.24 -26.80
C LYS A 1189 -47.21 -0.84 -25.40
N THR A 1190 -47.15 -2.17 -25.27
CA THR A 1190 -46.94 -2.87 -23.98
C THR A 1190 -45.87 -3.94 -24.14
N TRP A 1191 -45.06 -4.21 -23.10
CA TRP A 1191 -44.05 -5.29 -23.14
C TRP A 1191 -44.80 -6.60 -23.32
N ALA A 1192 -45.97 -6.73 -22.70
CA ALA A 1192 -46.81 -7.94 -22.82
C ALA A 1192 -47.18 -8.14 -24.29
N GLU A 1193 -47.50 -7.06 -25.00
CA GLU A 1193 -47.83 -7.13 -26.45
C GLU A 1193 -46.56 -7.56 -27.20
N PHE A 1194 -45.39 -7.00 -26.84
CA PHE A 1194 -44.12 -7.29 -27.55
C PHE A 1194 -43.79 -8.77 -27.41
N LYS A 1195 -43.88 -9.32 -26.20
CA LYS A 1195 -43.62 -10.76 -25.96
C LYS A 1195 -44.74 -11.59 -26.59
N THR A 1196 -45.98 -11.10 -26.59
CA THR A 1196 -47.15 -11.82 -27.16
C THR A 1196 -46.96 -11.97 -28.67
N ALA A 1197 -46.48 -10.93 -29.36
CA ALA A 1197 -46.29 -10.94 -30.83
C ALA A 1197 -45.08 -11.82 -31.12
N MET A 1198 -44.08 -11.82 -30.24
CA MET A 1198 -42.88 -12.68 -30.34
C MET A 1198 -43.39 -14.11 -30.37
N TYR A 1199 -44.37 -14.46 -29.54
CA TYR A 1199 -44.92 -15.84 -29.42
C TYR A 1199 -45.76 -16.28 -30.61
N GLN A 1200 -46.67 -15.48 -31.18
CA GLN A 1200 -47.61 -15.94 -32.25
C GLN A 1200 -46.83 -15.97 -33.56
N GLU A 1201 -45.95 -15.01 -33.78
CA GLU A 1201 -44.96 -15.01 -34.86
C GLU A 1201 -44.25 -16.32 -34.62
N ARG A 1202 -43.83 -16.58 -33.39
CA ARG A 1202 -43.06 -17.80 -33.08
C ARG A 1202 -43.89 -19.03 -33.37
N VAL A 1203 -45.20 -18.97 -33.13
CA VAL A 1203 -46.11 -20.15 -33.27
C VAL A 1203 -46.12 -20.55 -34.74
N ASP A 1204 -46.31 -19.57 -35.61
CA ASP A 1204 -46.32 -19.83 -37.07
C ASP A 1204 -44.95 -20.35 -37.47
N GLN A 1205 -43.89 -19.80 -36.87
CA GLN A 1205 -42.50 -20.18 -37.25
C GLN A 1205 -42.24 -21.67 -36.97
N PHE A 1206 -42.63 -22.18 -35.80
CA PHE A 1206 -42.49 -23.64 -35.49
C PHE A 1206 -43.51 -24.42 -36.31
N GLY A 1207 -44.74 -23.93 -36.41
CA GLY A 1207 -45.82 -24.68 -37.07
C GLY A 1207 -45.58 -24.92 -38.55
N ASN A 1208 -45.13 -23.92 -39.29
CA ASN A 1208 -45.00 -24.04 -40.77
C ASN A 1208 -43.94 -25.09 -41.11
N LEU A 1209 -42.77 -25.05 -40.47
CA LEU A 1209 -41.65 -25.97 -40.81
C LEU A 1209 -40.79 -26.28 -39.58
N LYS A 1210 -40.40 -27.54 -39.37
CA LYS A 1210 -39.44 -27.94 -38.30
C LYS A 1210 -38.76 -29.20 -38.84
N GLN A 1211 -37.43 -29.34 -38.71
CA GLN A 1211 -36.73 -30.49 -39.35
C GLN A 1211 -37.17 -31.81 -38.69
N VAL A 1212 -37.26 -32.90 -39.44
CA VAL A 1212 -37.44 -34.25 -38.91
C VAL A 1212 -36.18 -34.83 -38.30
N THR A 1213 -35.04 -34.17 -38.49
CA THR A 1213 -33.75 -34.78 -38.20
C THR A 1213 -33.32 -34.43 -36.77
N PHE A 1214 -34.22 -34.68 -35.79
CA PHE A 1214 -33.93 -34.46 -34.35
C PHE A 1214 -33.94 -35.83 -33.65
N LYS A 1215 -32.76 -36.38 -33.32
CA LYS A 1215 -32.64 -37.71 -32.66
C LYS A 1215 -31.82 -37.53 -31.40
N ASP A 1216 -32.24 -38.12 -30.27
CA ASP A 1216 -31.56 -37.90 -28.96
C ASP A 1216 -31.63 -39.13 -28.07
N PRO A 1217 -30.65 -39.40 -27.17
CA PRO A 1217 -30.75 -40.48 -26.19
C PRO A 1217 -31.81 -40.16 -25.13
N THR A 1218 -31.63 -39.14 -24.27
CA THR A 1218 -32.67 -38.75 -23.28
C THR A 1218 -33.12 -40.02 -22.57
N LYS A 1219 -32.23 -41.02 -22.47
CA LYS A 1219 -32.57 -42.34 -21.92
C LYS A 1219 -31.45 -42.70 -20.95
N PRO A 1220 -31.55 -43.80 -20.18
CA PRO A 1220 -30.53 -44.10 -19.17
C PRO A 1220 -29.21 -44.48 -19.81
N TRP A 1221 -28.19 -44.75 -19.00
CA TRP A 1221 -26.88 -45.08 -19.55
C TRP A 1221 -26.95 -45.95 -20.80
N PRO A 1222 -27.70 -47.05 -20.82
CA PRO A 1222 -27.85 -47.81 -22.06
C PRO A 1222 -28.21 -46.86 -23.18
N SER A 1223 -27.32 -46.66 -24.16
CA SER A 1223 -27.52 -45.66 -25.23
C SER A 1223 -28.85 -45.87 -25.98
N TYR A 1224 -29.57 -44.79 -26.29
CA TYR A 1224 -30.81 -44.85 -27.13
C TYR A 1224 -30.40 -44.19 -28.44
N GLY A 1225 -30.73 -44.77 -29.60
CA GLY A 1225 -30.19 -44.29 -30.88
C GLY A 1225 -30.92 -43.14 -31.56
N THR A 1226 -32.19 -43.29 -31.97
CA THR A 1226 -32.87 -42.27 -32.81
C THR A 1226 -34.30 -41.95 -32.39
N LYS A 1227 -34.56 -40.76 -31.84
CA LYS A 1227 -35.95 -40.30 -31.57
C LYS A 1227 -36.61 -39.97 -32.91
N THR A 1228 -35.89 -39.35 -33.84
CA THR A 1228 -36.40 -38.97 -35.20
C THR A 1228 -37.75 -38.29 -35.04
N ILE A 1229 -37.85 -37.28 -34.17
CA ILE A 1229 -39.12 -36.53 -33.95
C ILE A 1229 -39.46 -35.83 -35.27
N ASN A 1230 -40.40 -36.37 -36.06
CA ASN A 1230 -40.74 -35.80 -37.39
C ASN A 1230 -41.53 -34.49 -37.25
N ASN A 1231 -42.46 -34.39 -36.28
CA ASN A 1231 -43.36 -33.20 -36.17
C ASN A 1231 -43.42 -32.68 -34.74
N VAL A 1232 -43.79 -31.40 -34.55
CA VAL A 1232 -43.94 -30.79 -33.22
C VAL A 1232 -44.94 -31.48 -32.32
N ASP A 1233 -46.04 -31.96 -32.91
CA ASP A 1233 -47.10 -32.67 -32.15
C ASP A 1233 -46.49 -33.93 -31.54
N GLU A 1234 -45.63 -34.63 -32.30
CA GLU A 1234 -44.96 -35.84 -31.78
C GLU A 1234 -44.09 -35.41 -30.60
N LEU A 1235 -43.38 -34.29 -30.74
CA LEU A 1235 -42.51 -33.77 -29.66
C LEU A 1235 -43.39 -33.45 -28.46
N GLN A 1236 -44.54 -32.81 -28.69
CA GLN A 1236 -45.46 -32.39 -27.61
C GLN A 1236 -46.02 -33.63 -26.92
N ALA A 1237 -46.39 -34.66 -27.68
CA ALA A 1237 -46.96 -35.90 -27.12
C ALA A 1237 -45.92 -36.54 -26.22
N LEU A 1238 -44.67 -36.60 -26.69
CA LEU A 1238 -43.55 -37.15 -25.89
C LEU A 1238 -43.34 -36.22 -24.71
N MET A 1239 -43.46 -34.91 -24.93
CA MET A 1239 -43.24 -33.90 -23.87
C MET A 1239 -44.27 -34.14 -22.78
N ASP A 1240 -45.54 -34.39 -23.12
CA ASP A 1240 -46.63 -34.53 -22.12
C ASP A 1240 -46.29 -35.64 -21.12
N GLN A 1241 -45.68 -36.72 -21.62
CA GLN A 1241 -45.32 -37.89 -20.79
C GLN A 1241 -44.13 -37.53 -19.93
N ALA A 1242 -43.06 -36.99 -20.52
CA ALA A 1242 -41.81 -36.70 -19.78
C ALA A 1242 -42.11 -35.74 -18.63
N VAL A 1243 -42.85 -34.66 -18.89
CA VAL A 1243 -43.19 -33.66 -17.85
C VAL A 1243 -44.15 -34.28 -16.83
N LEU A 1244 -45.11 -35.09 -17.30
CA LEU A 1244 -46.11 -35.72 -16.40
C LEU A 1244 -45.32 -36.61 -15.44
N LYS A 1245 -44.35 -37.37 -15.95
CA LYS A 1245 -43.50 -38.26 -15.13
C LYS A 1245 -42.68 -37.39 -14.19
N ASP A 1246 -42.20 -36.24 -14.67
CA ASP A 1246 -41.37 -35.32 -13.86
C ASP A 1246 -42.21 -34.82 -12.69
N ALA A 1247 -43.51 -34.58 -12.90
CA ALA A 1247 -44.41 -34.05 -11.85
C ALA A 1247 -44.83 -35.19 -10.91
N GLU A 1248 -44.82 -36.44 -11.39
CA GLU A 1248 -45.11 -37.62 -10.54
C GLU A 1248 -43.94 -37.86 -9.58
N GLY A 1249 -44.21 -38.08 -8.29
CA GLY A 1249 -43.16 -38.44 -7.31
C GLY A 1249 -41.94 -37.53 -7.36
N PRO A 1250 -42.06 -36.19 -7.31
CA PRO A 1250 -40.88 -35.33 -7.47
C PRO A 1250 -40.10 -35.19 -6.16
N ARG A 1251 -38.77 -35.41 -6.20
CA ARG A 1251 -37.91 -35.23 -5.00
C ARG A 1251 -37.91 -33.73 -4.68
N TRP A 1252 -37.57 -32.89 -5.66
CA TRP A 1252 -37.55 -31.42 -5.50
C TRP A 1252 -36.79 -31.11 -4.21
N SER A 1253 -35.73 -31.85 -3.93
CA SER A 1253 -34.95 -31.73 -2.66
C SER A 1253 -33.57 -32.31 -2.93
N ASN A 1254 -32.71 -32.35 -1.91
CA ASN A 1254 -31.30 -32.81 -2.09
C ASN A 1254 -30.69 -31.83 -3.09
N TYR A 1255 -30.09 -32.28 -4.20
CA TYR A 1255 -29.39 -31.39 -5.16
C TYR A 1255 -29.66 -31.83 -6.60
N ASP A 1256 -29.43 -30.93 -7.56
CA ASP A 1256 -29.57 -31.23 -9.02
C ASP A 1256 -30.97 -31.70 -9.41
N PRO A 1257 -32.11 -31.10 -8.95
CA PRO A 1257 -33.43 -31.49 -9.44
C PRO A 1257 -33.62 -30.72 -10.76
N GLU A 1258 -32.81 -31.00 -11.78
CA GLU A 1258 -32.83 -30.26 -13.07
C GLU A 1258 -31.99 -31.04 -14.10
N ILE A 1259 -30.68 -31.06 -13.98
CA ILE A 1259 -29.86 -31.89 -14.91
C ILE A 1259 -30.37 -33.32 -14.76
N ASP A 1260 -30.78 -33.73 -13.55
CA ASP A 1260 -31.37 -35.07 -13.32
C ASP A 1260 -32.83 -35.06 -13.80
N SER A 1261 -33.55 -33.94 -13.71
CA SER A 1261 -35.00 -33.85 -14.05
C SER A 1261 -35.28 -34.25 -15.50
N ALA A 1262 -36.35 -34.99 -15.75
CA ALA A 1262 -36.73 -35.47 -17.09
C ALA A 1262 -37.01 -34.30 -18.01
N VAL A 1263 -37.68 -33.25 -17.51
CA VAL A 1263 -38.07 -32.12 -18.38
C VAL A 1263 -36.80 -31.49 -18.94
N HIS A 1264 -35.80 -31.20 -18.10
CA HIS A 1264 -34.54 -30.56 -18.54
C HIS A 1264 -33.80 -31.54 -19.44
N LYS A 1265 -33.86 -32.83 -19.10
CA LYS A 1265 -33.19 -33.85 -19.94
C LYS A 1265 -33.79 -33.76 -21.33
N LEU A 1266 -35.13 -33.69 -21.43
CA LEU A 1266 -35.83 -33.59 -22.74
C LEU A 1266 -35.55 -32.21 -23.35
N LYS A 1267 -35.49 -31.16 -22.55
CA LYS A 1267 -35.25 -29.78 -23.05
C LYS A 1267 -33.87 -29.71 -23.69
N ARG A 1268 -32.86 -30.36 -23.08
CA ARG A 1268 -31.48 -30.37 -23.61
C ARG A 1268 -31.32 -31.59 -24.52
N ALA A 1269 -32.36 -32.42 -24.63
CA ALA A 1269 -32.35 -33.58 -25.54
C ALA A 1269 -32.55 -33.08 -26.96
N ILE A 1270 -33.58 -32.26 -27.20
CA ILE A 1270 -33.88 -31.80 -28.57
C ILE A 1270 -33.06 -30.53 -28.84
N PHE A 1271 -32.63 -29.81 -27.80
CA PHE A 1271 -31.73 -28.63 -28.00
C PHE A 1271 -30.38 -29.11 -28.53
N LYS A 1272 -29.82 -30.15 -27.91
CA LYS A 1272 -28.51 -30.70 -28.34
C LYS A 1272 -28.73 -31.30 -29.72
N ALA A 1273 -29.89 -31.91 -29.96
CA ALA A 1273 -30.19 -32.55 -31.26
C ALA A 1273 -30.10 -31.47 -32.33
N TYR A 1274 -30.67 -30.27 -32.09
CA TYR A 1274 -30.57 -29.13 -33.04
C TYR A 1274 -29.13 -28.67 -33.19
N LEU A 1275 -28.42 -28.55 -32.07
CA LEU A 1275 -27.03 -28.02 -32.08
C LEU A 1275 -26.19 -28.97 -32.94
N ASP A 1276 -26.36 -30.27 -32.74
CA ASP A 1276 -25.65 -31.30 -33.54
C ASP A 1276 -26.17 -31.26 -34.99
N GLN A 1277 -27.48 -31.13 -35.17
CA GLN A 1277 -28.10 -31.18 -36.52
C GLN A 1277 -27.62 -30.03 -37.39
N THR A 1278 -27.52 -28.82 -36.85
CA THR A 1278 -27.18 -27.61 -37.64
C THR A 1278 -25.71 -27.27 -37.43
N ASN A 1279 -25.02 -26.83 -38.49
CA ASN A 1279 -23.58 -26.45 -38.39
C ASN A 1279 -23.52 -25.34 -37.36
N ASP A 1280 -24.49 -24.43 -37.37
CA ASP A 1280 -24.60 -23.32 -36.40
C ASP A 1280 -26.09 -23.06 -36.25
N PHE A 1281 -26.50 -22.25 -35.29
CA PHE A 1281 -27.92 -21.89 -35.11
C PHE A 1281 -28.13 -20.86 -36.21
N ARG A 1282 -28.42 -21.30 -37.44
CA ARG A 1282 -28.53 -20.40 -38.63
C ARG A 1282 -29.98 -20.32 -39.12
N SER A 1283 -30.77 -21.40 -39.00
CA SER A 1283 -32.22 -21.40 -39.38
C SER A 1283 -32.89 -22.69 -38.91
N SER A 1284 -34.11 -22.61 -38.34
CA SER A 1284 -34.83 -23.77 -37.75
C SER A 1284 -36.01 -24.23 -38.62
N ILE A 1285 -36.76 -23.31 -39.22
CA ILE A 1285 -37.92 -23.66 -40.11
C ILE A 1285 -37.70 -25.07 -40.66
N GLU B 1 8.53 -10.15 13.98
CA GLU B 1 8.04 -9.92 15.37
C GLU B 1 9.13 -9.18 16.16
N GLU B 2 8.73 -8.31 17.08
CA GLU B 2 9.75 -7.66 17.96
C GLU B 2 9.45 -8.08 19.40
N VAL B 3 10.41 -8.72 20.06
CA VAL B 3 10.15 -9.21 21.45
C VAL B 3 10.40 -8.02 22.37
N LEU B 4 10.04 -8.11 23.65
CA LEU B 4 10.30 -7.04 24.62
C LEU B 4 10.68 -7.87 25.86
N THR B 5 11.81 -7.64 26.55
CA THR B 5 12.30 -8.55 27.64
C THR B 5 12.53 -7.84 28.98
N GLN B 6 11.47 -7.48 29.71
CA GLN B 6 11.56 -6.81 31.04
C GLN B 6 12.22 -7.70 32.08
N SER B 7 13.10 -7.16 32.93
CA SER B 7 13.74 -7.90 34.05
C SER B 7 14.01 -6.92 35.20
N PRO B 8 14.07 -7.33 36.48
CA PRO B 8 13.66 -8.66 36.95
C PRO B 8 12.13 -8.83 36.93
N ALA B 9 11.63 -10.05 36.83
CA ALA B 9 10.17 -10.33 36.74
C ALA B 9 9.51 -9.78 38.00
N ILE B 10 10.18 -9.88 39.16
CA ILE B 10 9.65 -9.33 40.44
C ILE B 10 10.84 -8.70 41.18
N MET B 11 10.65 -7.52 41.76
CA MET B 11 11.73 -6.81 42.50
C MET B 11 11.21 -6.43 43.89
N SER B 12 11.96 -6.70 44.97
CA SER B 12 11.58 -6.32 46.35
C SER B 12 12.48 -5.16 46.79
N ALA B 13 11.90 -3.98 47.07
CA ALA B 13 12.66 -2.78 47.45
C ALA B 13 11.98 -2.06 48.62
N SER B 14 12.75 -1.58 49.60
CA SER B 14 12.21 -0.84 50.77
C SER B 14 11.70 0.52 50.29
N PRO B 15 10.68 1.17 50.91
CA PRO B 15 10.25 2.47 50.43
C PRO B 15 11.41 3.47 50.41
N GLY B 16 11.50 4.30 49.37
CA GLY B 16 12.57 5.29 49.20
C GLY B 16 13.78 4.74 48.46
N GLU B 17 13.78 3.45 48.10
CA GLU B 17 14.92 2.80 47.41
C GLU B 17 14.91 3.11 45.91
N LYS B 18 16.05 2.97 45.23
CA LYS B 18 16.17 3.20 43.78
C LYS B 18 15.87 1.89 43.06
N VAL B 19 14.84 1.85 42.21
CA VAL B 19 14.42 0.61 41.48
C VAL B 19 14.33 0.93 39.99
N THR B 20 14.89 0.09 39.12
CA THR B 20 14.85 0.27 37.64
C THR B 20 14.53 -1.09 36.98
N MET B 21 13.81 -1.15 35.85
CA MET B 21 13.57 -2.42 35.13
C MET B 21 14.23 -2.35 33.75
N THR B 22 14.73 -3.46 33.22
CA THR B 22 15.43 -3.51 31.90
C THR B 22 14.62 -4.35 30.91
N CYS B 23 14.14 -3.76 29.81
CA CYS B 23 13.36 -4.43 28.80
C CYS B 23 14.14 -4.40 27.64
N SER B 24 14.42 -5.45 26.87
CA SER B 24 15.10 -5.33 25.56
C SER B 24 14.25 -5.88 24.40
N ALA B 25 14.18 -5.21 23.24
CA ALA B 25 13.33 -5.64 22.10
C ALA B 25 14.07 -6.60 21.17
N SER B 26 13.46 -7.10 20.07
CA SER B 26 14.17 -7.90 19.03
C SER B 26 14.62 -6.96 17.91
N SER B 27 14.13 -5.71 17.93
CA SER B 27 14.43 -4.72 16.87
C SER B 27 14.70 -3.37 17.53
N SER B 28 14.97 -2.33 16.72
CA SER B 28 15.17 -0.98 17.28
C SER B 28 14.02 -0.07 16.84
N VAL B 29 13.36 0.59 17.80
CA VAL B 29 12.20 1.47 17.48
C VAL B 29 12.42 2.83 18.15
N SER B 30 11.92 3.91 17.52
CA SER B 30 12.16 5.26 18.06
C SER B 30 11.52 5.45 19.44
N TYR B 31 10.30 4.97 19.63
CA TYR B 31 9.61 5.26 20.92
C TYR B 31 9.16 3.99 21.62
N ILE B 32 9.09 4.02 22.96
CA ILE B 32 8.56 2.86 23.74
C ILE B 32 7.46 3.39 24.66
N HIS B 33 6.38 2.64 24.83
CA HIS B 33 5.26 3.18 25.65
C HIS B 33 5.09 2.33 26.91
N TRP B 34 5.46 2.88 28.06
CA TRP B 34 5.27 2.14 29.34
C TRP B 34 3.80 1.98 29.72
N TYR B 35 3.50 1.12 30.69
CA TYR B 35 2.10 0.80 31.07
C TYR B 35 2.06 0.14 32.45
N GLN B 36 1.74 0.89 33.51
CA GLN B 36 1.57 0.30 34.86
C GLN B 36 0.31 -0.56 34.85
N GLN B 37 0.22 -1.64 35.62
CA GLN B 37 -1.02 -2.44 35.79
C GLN B 37 -1.11 -2.84 37.25
N LYS B 38 -2.24 -2.63 37.93
CA LYS B 38 -2.41 -3.13 39.33
C LYS B 38 -2.86 -4.58 39.20
N SER B 39 -2.88 -5.35 40.28
CA SER B 39 -3.21 -6.79 40.23
C SER B 39 -4.69 -6.94 39.91
N ASN B 40 -5.05 -7.61 38.82
CA ASN B 40 -6.49 -7.87 38.51
C ASN B 40 -7.23 -6.55 38.23
N THR B 41 -6.61 -5.59 37.54
CA THR B 41 -7.26 -4.32 37.12
C THR B 41 -6.87 -3.99 35.68
N SER B 42 -7.66 -3.18 34.96
CA SER B 42 -7.30 -2.73 33.60
C SER B 42 -6.05 -1.85 33.72
N PRO B 43 -4.97 -2.02 32.94
CA PRO B 43 -3.77 -1.21 33.12
C PRO B 43 -3.87 0.20 32.52
N LYS B 44 -2.98 1.11 32.90
CA LYS B 44 -2.96 2.51 32.39
C LYS B 44 -1.52 2.88 32.00
N LEU B 45 -1.35 3.77 31.03
CA LEU B 45 -0.02 4.23 30.55
C LEU B 45 0.65 5.06 31.64
N TRP B 46 1.96 4.86 31.91
CA TRP B 46 2.69 5.70 32.90
C TRP B 46 3.79 6.52 32.21
N ILE B 47 4.37 6.06 31.10
CA ILE B 47 5.38 6.82 30.28
C ILE B 47 5.08 6.42 28.84
N TYR B 48 5.54 7.19 27.86
CA TYR B 48 5.35 6.84 26.44
C TYR B 48 6.44 7.54 25.61
N ALA B 49 6.63 7.12 24.37
CA ALA B 49 7.65 7.75 23.51
C ALA B 49 9.00 7.67 24.23
N THR B 50 9.28 6.54 24.88
CA THR B 50 10.56 6.31 25.61
C THR B 50 10.65 7.13 26.91
N SER B 51 10.60 8.46 26.83
CA SER B 51 10.80 9.29 28.05
C SER B 51 9.60 10.19 28.33
N LYS B 52 8.67 10.30 27.37
CA LYS B 52 7.56 11.28 27.57
C LYS B 52 6.62 10.71 28.62
N LEU B 53 6.58 11.32 29.82
CA LEU B 53 5.78 10.76 30.94
C LEU B 53 4.28 10.89 30.67
N ALA B 54 3.47 9.96 31.19
CA ALA B 54 2.00 9.99 31.08
C ALA B 54 1.45 10.91 32.18
N SER B 55 0.20 11.37 32.05
CA SER B 55 -0.44 12.29 33.04
C SER B 55 -0.81 11.53 34.32
N GLY B 56 -1.00 12.24 35.44
CA GLY B 56 -1.36 11.63 36.74
C GLY B 56 -0.28 10.70 37.25
N VAL B 57 1.00 11.01 36.98
CA VAL B 57 2.15 10.17 37.38
C VAL B 57 3.07 11.01 38.29
N PRO B 58 3.70 10.47 39.37
CA PRO B 58 4.66 11.22 40.19
C PRO B 58 5.99 11.45 39.46
N GLY B 59 6.73 12.49 39.85
CA GLY B 59 8.01 12.85 39.22
C GLY B 59 9.07 11.78 39.36
N ARG B 60 8.98 10.95 40.41
CA ARG B 60 10.02 9.92 40.69
C ARG B 60 10.17 8.99 39.47
N PHE B 61 9.08 8.68 38.79
CA PHE B 61 9.09 7.75 37.63
C PHE B 61 9.83 8.39 36.44
N SER B 62 10.82 7.70 35.86
CA SER B 62 11.59 8.19 34.68
C SER B 62 11.77 7.06 33.67
N GLY B 63 12.18 7.34 32.42
CA GLY B 63 12.47 6.33 31.38
C GLY B 63 13.61 6.71 30.43
N SER B 64 14.32 5.73 29.85
CA SER B 64 15.44 5.97 28.89
C SER B 64 15.68 4.73 28.02
N GLY B 65 16.33 4.88 26.85
CA GLY B 65 16.69 3.73 25.99
C GLY B 65 17.15 4.11 24.59
N SER B 66 17.83 3.20 23.86
CA SER B 66 18.28 3.46 22.47
C SER B 66 18.51 2.09 21.83
N GLY B 67 18.47 1.99 20.50
CA GLY B 67 18.73 0.71 19.83
C GLY B 67 17.79 -0.38 20.32
N ASN B 68 18.32 -1.54 20.73
CA ASN B 68 17.51 -2.64 21.30
C ASN B 68 17.52 -2.57 22.83
N SER B 69 18.21 -1.60 23.42
CA SER B 69 18.34 -1.47 24.90
C SER B 69 17.41 -0.39 25.44
N TYR B 70 16.37 -0.72 26.21
CA TYR B 70 15.41 0.26 26.81
C TYR B 70 15.21 -0.05 28.29
N SER B 71 14.75 0.91 29.10
CA SER B 71 14.55 0.73 30.57
C SER B 71 13.64 1.81 31.17
N LEU B 72 13.02 1.56 32.33
CA LEU B 72 12.24 2.59 33.08
C LEU B 72 12.96 2.76 34.41
N THR B 73 13.26 4.00 34.82
CA THR B 73 14.04 4.33 36.04
C THR B 73 13.18 5.10 37.04
N ILE B 74 12.75 4.49 38.15
CA ILE B 74 11.93 5.19 39.20
C ILE B 74 12.88 5.56 40.34
N SER B 75 13.09 6.84 40.62
CA SER B 75 14.09 7.31 41.63
C SER B 75 13.78 6.80 43.04
N SER B 76 12.49 6.73 43.44
CA SER B 76 12.10 6.37 44.83
C SER B 76 10.95 5.36 44.82
N MET B 77 10.93 4.43 45.77
CA MET B 77 9.92 3.33 45.85
C MET B 77 8.81 3.71 46.84
N GLU B 78 7.53 3.57 46.46
CA GLU B 78 6.36 3.84 47.35
C GLU B 78 5.36 2.68 47.31
N ALA B 79 4.36 2.65 48.20
CA ALA B 79 3.31 1.61 48.21
C ALA B 79 2.46 1.72 46.95
N GLU B 80 2.16 2.94 46.50
CA GLU B 80 1.37 3.18 45.27
C GLU B 80 2.15 2.58 44.09
N ASP B 81 3.49 2.64 44.13
CA ASP B 81 4.36 2.14 43.03
C ASP B 81 4.16 0.63 42.87
N VAL B 82 3.78 -0.13 43.90
CA VAL B 82 3.71 -1.62 43.80
C VAL B 82 2.71 -2.00 42.71
N ALA B 83 3.18 -2.29 41.49
CA ALA B 83 2.30 -2.62 40.34
C ALA B 83 3.08 -3.35 39.25
N THR B 84 2.39 -3.96 38.28
CA THR B 84 3.03 -4.60 37.09
C THR B 84 3.52 -3.48 36.19
N TYR B 85 4.40 -3.76 35.23
CA TYR B 85 4.86 -2.74 34.25
C TYR B 85 5.07 -3.41 32.90
N TYR B 86 4.76 -2.74 31.79
CA TYR B 86 5.04 -3.25 30.42
C TYR B 86 5.52 -2.10 29.56
N CYS B 87 6.75 -2.12 29.02
CA CYS B 87 7.21 -1.13 28.01
C CYS B 87 6.55 -1.44 26.68
N PHE B 88 5.22 -1.55 26.62
CA PHE B 88 4.56 -1.98 25.35
C PHE B 88 5.12 -1.17 24.16
N GLN B 89 5.27 -1.80 23.00
CA GLN B 89 5.71 -1.00 21.82
C GLN B 89 4.68 -1.13 20.70
N GLY B 90 4.42 -0.02 20.01
CA GLY B 90 3.47 -0.02 18.88
C GLY B 90 4.13 0.66 17.69
N SER B 91 5.40 1.04 17.86
CA SER B 91 6.11 1.78 16.79
C SER B 91 6.15 0.91 15.53
N GLY B 92 6.34 -0.39 15.71
CA GLY B 92 6.36 -1.30 14.54
C GLY B 92 5.26 -2.34 14.61
N TYR B 93 4.63 -2.64 13.47
CA TYR B 93 3.64 -3.73 13.42
C TYR B 93 4.40 -5.06 13.45
N PRO B 94 3.88 -6.13 14.09
CA PRO B 94 2.73 -6.03 14.98
C PRO B 94 3.05 -5.32 16.30
N PHE B 95 2.08 -4.59 16.86
CA PHE B 95 2.28 -3.93 18.16
C PHE B 95 2.55 -5.02 19.21
N THR B 96 3.52 -4.83 20.09
CA THR B 96 3.86 -5.92 21.06
C THR B 96 4.01 -5.38 22.47
N PHE B 97 3.81 -6.23 23.48
CA PHE B 97 3.91 -5.79 24.90
C PHE B 97 5.22 -6.29 25.52
N GLY B 98 5.69 -5.64 26.59
CA GLY B 98 6.92 -6.03 27.29
C GLY B 98 6.76 -7.37 27.97
N SER B 99 7.82 -8.04 28.45
CA SER B 99 7.67 -9.46 28.86
C SER B 99 6.86 -9.48 30.16
N GLY B 100 6.97 -8.43 30.99
CA GLY B 100 6.21 -8.27 32.24
C GLY B 100 7.10 -8.21 33.46
N THR B 101 7.10 -7.08 34.19
CA THR B 101 7.87 -6.92 35.46
C THR B 101 6.94 -6.27 36.49
N LYS B 102 6.94 -6.76 37.75
CA LYS B 102 6.10 -6.22 38.85
C LYS B 102 6.94 -5.79 40.05
N LEU B 103 6.71 -4.55 40.52
CA LEU B 103 7.43 -4.00 41.69
C LEU B 103 6.85 -4.67 42.94
N GLU B 104 7.66 -4.85 43.99
CA GLU B 104 7.20 -5.41 45.27
C GLU B 104 7.95 -4.65 46.38
N ILE B 105 7.36 -4.54 47.58
CA ILE B 105 8.00 -3.85 48.74
C ILE B 105 9.11 -4.76 49.25
N LYS B 106 10.08 -4.25 50.01
CA LYS B 106 11.07 -5.10 50.72
C LYS B 106 10.63 -4.96 52.17
N ARG B 107 10.22 -6.04 52.83
CA ARG B 107 9.64 -5.96 54.20
C ARG B 107 10.34 -6.93 55.15
N ALA B 108 10.16 -6.76 56.46
CA ALA B 108 10.73 -7.68 57.46
C ALA B 108 10.07 -9.05 57.33
N ASP B 109 10.76 -10.15 57.60
CA ASP B 109 10.25 -11.49 57.27
C ASP B 109 9.42 -11.99 58.45
N ALA B 110 8.10 -11.89 58.39
CA ALA B 110 7.18 -12.35 59.47
C ALA B 110 7.11 -13.88 59.48
N ALA B 111 6.80 -14.49 60.63
CA ALA B 111 6.68 -15.97 60.78
C ALA B 111 5.20 -16.30 60.94
N PRO B 112 4.63 -17.30 60.22
CA PRO B 112 3.19 -17.55 60.28
C PRO B 112 2.52 -18.36 61.39
N THR B 113 1.23 -18.11 61.65
CA THR B 113 0.42 -18.95 62.57
C THR B 113 -0.19 -20.00 61.65
N VAL B 114 0.24 -21.26 61.74
CA VAL B 114 -0.18 -22.33 60.77
C VAL B 114 -1.59 -22.85 61.09
N SER B 115 -2.32 -23.38 60.10
CA SER B 115 -3.68 -23.95 60.24
C SER B 115 -3.79 -25.47 60.30
N ILE B 116 -5.00 -26.07 60.16
CA ILE B 116 -5.25 -27.56 60.03
C ILE B 116 -6.63 -27.86 60.63
N PHE B 117 -7.65 -28.11 59.80
CA PHE B 117 -9.03 -28.40 60.29
C PHE B 117 -9.63 -29.64 59.62
N PRO B 118 -10.12 -30.66 60.36
CA PRO B 118 -10.68 -31.84 59.75
C PRO B 118 -11.77 -31.85 58.66
N PRO B 119 -12.14 -32.96 58.00
CA PRO B 119 -13.27 -32.93 57.08
C PRO B 119 -14.58 -32.80 57.87
N SER B 120 -15.45 -31.87 57.49
CA SER B 120 -16.71 -31.58 58.23
C SER B 120 -17.69 -32.72 58.10
N SER B 121 -18.69 -32.78 58.99
CA SER B 121 -19.75 -33.81 58.94
C SER B 121 -20.43 -33.70 57.57
N GLU B 122 -20.59 -32.49 57.04
CA GLU B 122 -21.18 -32.25 55.69
C GLU B 122 -20.27 -32.87 54.62
N GLN B 123 -18.95 -32.82 54.79
CA GLN B 123 -18.00 -33.47 53.86
C GLN B 123 -18.11 -35.00 53.98
N LEU B 124 -18.30 -35.53 55.18
CA LEU B 124 -18.34 -37.00 55.42
C LEU B 124 -19.61 -37.61 54.83
N THR B 125 -20.76 -36.93 54.87
CA THR B 125 -22.00 -37.41 54.21
C THR B 125 -21.69 -37.54 52.71
N SER B 126 -20.91 -36.61 52.14
CA SER B 126 -20.49 -36.67 50.71
C SER B 126 -19.64 -37.93 50.52
N GLY B 127 -18.88 -38.35 51.54
CA GLY B 127 -18.03 -39.55 51.48
C GLY B 127 -16.58 -39.20 51.24
N GLY B 128 -16.26 -37.91 51.02
CA GLY B 128 -14.88 -37.45 50.81
C GLY B 128 -14.26 -36.94 52.10
N ALA B 129 -13.05 -36.38 52.04
CA ALA B 129 -12.36 -35.76 53.20
C ALA B 129 -11.44 -34.64 52.67
N SER B 130 -11.37 -33.50 53.35
CA SER B 130 -10.48 -32.38 52.95
C SER B 130 -10.01 -31.62 54.19
N VAL B 131 -8.75 -31.76 54.58
CA VAL B 131 -8.15 -30.98 55.69
C VAL B 131 -7.41 -29.88 54.96
N VAL B 132 -7.21 -28.73 55.59
CA VAL B 132 -6.59 -27.57 54.91
C VAL B 132 -5.85 -26.77 55.94
N CYS B 133 -4.65 -26.33 55.62
CA CYS B 133 -4.06 -25.28 56.53
C CYS B 133 -3.46 -23.94 56.02
N PHE B 134 -3.42 -22.87 56.78
CA PHE B 134 -2.92 -21.56 56.31
C PHE B 134 -1.62 -21.23 57.00
N LEU B 135 -0.92 -20.22 56.51
CA LEU B 135 0.31 -19.73 57.15
C LEU B 135 0.00 -18.24 57.30
N ASN B 136 -0.12 -17.72 58.53
CA ASN B 136 -0.56 -16.33 58.79
C ASN B 136 0.40 -15.21 58.39
N ASN B 137 -0.10 -14.07 57.88
CA ASN B 137 0.69 -12.85 57.61
C ASN B 137 2.19 -13.10 57.75
N PHE B 138 2.82 -13.79 56.80
CA PHE B 138 4.27 -14.15 56.86
C PHE B 138 5.00 -13.50 55.69
N TYR B 139 6.29 -13.17 55.85
CA TYR B 139 7.13 -12.59 54.77
C TYR B 139 8.50 -13.28 54.87
N PRO B 140 9.37 -13.34 53.82
CA PRO B 140 8.98 -13.11 52.44
C PRO B 140 8.09 -14.27 52.01
N LYS B 141 7.40 -14.12 50.89
CA LYS B 141 6.60 -15.21 50.35
C LYS B 141 7.19 -16.55 50.70
N ASP B 142 8.43 -16.77 50.23
CA ASP B 142 9.15 -18.08 50.33
C ASP B 142 8.65 -18.87 51.52
N ILE B 143 7.89 -19.95 51.31
CA ILE B 143 7.50 -20.86 52.42
C ILE B 143 7.35 -22.26 51.81
N ASN B 144 7.70 -23.32 52.55
CA ASN B 144 7.54 -24.71 52.08
C ASN B 144 6.67 -25.42 53.10
N VAL B 145 5.61 -26.12 52.67
CA VAL B 145 4.66 -26.79 53.61
C VAL B 145 4.61 -28.28 53.30
N LYS B 146 4.53 -29.13 54.32
CA LYS B 146 4.37 -30.59 54.15
C LYS B 146 2.99 -30.95 54.69
N TRP B 147 2.49 -32.16 54.41
CA TRP B 147 1.20 -32.70 54.91
C TRP B 147 1.52 -34.08 55.48
N LYS B 148 0.60 -34.71 56.20
CA LYS B 148 0.86 -36.00 56.88
C LYS B 148 -0.45 -36.76 57.07
N ILE B 149 -0.41 -38.09 57.21
CA ILE B 149 -1.61 -38.93 57.51
C ILE B 149 -1.27 -39.80 58.74
N ASP B 150 -1.88 -39.55 59.90
CA ASP B 150 -1.55 -40.26 61.15
C ASP B 150 -0.08 -39.98 61.49
N GLY B 151 0.43 -38.80 61.15
CA GLY B 151 1.85 -38.43 61.38
C GLY B 151 2.79 -39.02 60.34
N SER B 152 2.30 -39.56 59.22
CA SER B 152 3.12 -40.15 58.12
C SER B 152 3.16 -39.15 56.97
N GLU B 153 4.33 -38.66 56.55
CA GLU B 153 4.43 -37.58 55.54
C GLU B 153 3.62 -37.92 54.29
N ARG B 154 2.81 -36.98 53.79
CA ARG B 154 2.00 -37.15 52.56
C ARG B 154 2.17 -35.90 51.70
N GLN B 155 2.20 -36.04 50.37
CA GLN B 155 2.33 -34.90 49.41
C GLN B 155 1.32 -35.08 48.29
N ASN B 156 0.25 -35.87 48.50
CA ASN B 156 -0.76 -36.19 47.46
C ASN B 156 -2.13 -35.80 47.98
N GLY B 157 -3.04 -35.42 47.07
CA GLY B 157 -4.33 -34.87 47.48
C GLY B 157 -4.05 -33.47 47.99
N VAL B 158 -2.83 -32.96 47.81
CA VAL B 158 -2.38 -31.65 48.36
C VAL B 158 -2.58 -30.56 47.31
N LEU B 159 -3.17 -29.42 47.66
CA LEU B 159 -3.38 -28.27 46.74
C LEU B 159 -3.04 -26.96 47.47
N ASN B 160 -1.96 -26.27 47.09
CA ASN B 160 -1.49 -25.05 47.80
C ASN B 160 -1.76 -23.80 46.95
N SER B 161 -2.41 -22.77 47.51
CA SER B 161 -2.71 -21.48 46.81
C SER B 161 -2.10 -20.35 47.61
N TRP B 162 -1.28 -19.50 46.99
CA TRP B 162 -0.55 -18.42 47.70
C TRP B 162 -1.34 -17.12 47.67
N THR B 163 -1.46 -16.41 48.80
CA THR B 163 -2.01 -15.05 48.75
C THR B 163 -1.02 -14.17 48.03
N ASP B 164 -1.45 -13.07 47.42
CA ASP B 164 -0.54 -12.13 46.75
C ASP B 164 -0.07 -11.15 47.83
N GLN B 165 1.06 -10.50 47.64
CA GLN B 165 1.61 -9.60 48.69
C GLN B 165 0.43 -8.73 49.07
N ASP B 166 0.14 -8.58 50.37
CA ASP B 166 -1.07 -7.86 50.84
C ASP B 166 -0.95 -6.38 50.47
N SER B 167 -1.90 -5.53 50.90
CA SER B 167 -1.82 -4.09 50.70
C SER B 167 -1.35 -3.36 51.94
N LYS B 168 -2.02 -3.56 53.08
CA LYS B 168 -1.78 -2.75 54.26
C LYS B 168 -0.46 -3.15 54.92
N ASP B 169 -0.32 -4.40 55.34
CA ASP B 169 0.99 -4.86 55.75
C ASP B 169 1.77 -5.43 54.57
N SER B 170 1.26 -5.55 53.36
CA SER B 170 2.06 -6.22 52.30
C SER B 170 2.85 -7.47 52.77
N THR B 171 2.24 -8.32 53.60
CA THR B 171 2.80 -9.62 54.07
C THR B 171 1.82 -10.67 53.56
N TYR B 172 2.29 -11.87 53.24
CA TYR B 172 1.45 -12.89 52.56
C TYR B 172 0.72 -13.87 53.46
N SER B 173 -0.56 -14.14 53.20
CA SER B 173 -1.29 -15.25 53.81
C SER B 173 -0.98 -16.53 53.05
N MET B 174 -1.59 -17.67 53.33
CA MET B 174 -1.35 -18.90 52.51
C MET B 174 -2.42 -19.91 52.86
N SER B 175 -2.61 -20.94 52.04
CA SER B 175 -3.51 -22.07 52.40
C SER B 175 -3.05 -23.27 51.61
N SER B 176 -3.02 -24.47 52.18
CA SER B 176 -2.79 -25.70 51.40
C SER B 176 -3.85 -26.68 51.86
N THR B 177 -4.33 -27.56 50.98
CA THR B 177 -5.43 -28.50 51.30
C THR B 177 -4.98 -29.93 51.17
N LEU B 178 -5.11 -30.76 52.21
CA LEU B 178 -4.87 -32.21 52.03
C LEU B 178 -6.25 -32.82 51.80
N THR B 179 -6.53 -33.34 50.60
CA THR B 179 -7.84 -33.91 50.24
C THR B 179 -7.71 -35.39 49.95
N LEU B 180 -8.40 -36.24 50.72
CA LEU B 180 -8.45 -37.70 50.45
C LEU B 180 -9.89 -38.11 50.77
N THR B 181 -10.26 -39.36 50.60
CA THR B 181 -11.66 -39.83 50.83
C THR B 181 -11.89 -40.04 52.33
N LYS B 182 -13.15 -40.21 52.75
CA LYS B 182 -13.50 -40.46 54.18
C LYS B 182 -12.74 -41.70 54.62
N ASP B 183 -12.63 -42.72 53.76
CA ASP B 183 -11.91 -43.97 54.10
C ASP B 183 -10.57 -43.59 54.73
N GLU B 184 -9.78 -42.74 54.05
CA GLU B 184 -8.44 -42.31 54.55
C GLU B 184 -8.60 -41.48 55.83
N TYR B 185 -9.58 -40.57 55.88
CA TYR B 185 -9.78 -39.69 57.05
C TYR B 185 -10.08 -40.54 58.29
N GLU B 186 -10.94 -41.54 58.16
CA GLU B 186 -11.28 -42.47 59.26
C GLU B 186 -10.05 -43.33 59.58
N ARG B 187 -9.30 -43.73 58.56
CA ARG B 187 -8.10 -44.61 58.73
C ARG B 187 -7.05 -43.89 59.57
N HIS B 188 -6.81 -42.59 59.34
CA HIS B 188 -5.74 -41.82 60.03
C HIS B 188 -6.37 -40.91 61.09
N ASN B 189 -6.19 -41.23 62.37
CA ASN B 189 -6.74 -40.41 63.47
C ASN B 189 -6.05 -39.05 63.48
N SER B 190 -4.72 -39.01 63.35
CA SER B 190 -3.93 -37.75 63.39
C SER B 190 -3.75 -37.19 61.98
N TYR B 191 -3.84 -35.87 61.81
CA TYR B 191 -3.60 -35.19 60.51
C TYR B 191 -2.59 -34.07 60.78
N THR B 192 -1.52 -33.95 60.01
CA THR B 192 -0.44 -32.96 60.28
C THR B 192 0.02 -32.24 59.02
N CYS B 193 0.35 -30.94 59.10
CA CYS B 193 1.01 -30.18 58.06
C CYS B 193 1.94 -29.19 58.72
N GLU B 194 3.16 -28.99 58.18
CA GLU B 194 4.13 -28.07 58.86
C GLU B 194 4.80 -27.13 57.87
N ALA B 195 4.90 -25.85 58.23
CA ALA B 195 5.51 -24.79 57.39
C ALA B 195 7.03 -24.87 57.49
N THR B 196 7.79 -24.26 56.58
CA THR B 196 9.27 -24.14 56.68
C THR B 196 9.60 -22.68 56.36
N HIS B 197 10.38 -21.99 57.19
CA HIS B 197 10.67 -20.54 56.98
C HIS B 197 12.09 -20.17 57.41
N LYS B 198 12.75 -19.26 56.70
CA LYS B 198 14.08 -18.72 57.09
C LYS B 198 13.90 -17.93 58.38
N THR B 199 12.73 -17.30 58.54
CA THR B 199 12.43 -16.43 59.71
C THR B 199 12.49 -17.29 60.96
N SER B 200 11.97 -18.51 60.90
CA SER B 200 12.01 -19.49 62.01
C SER B 200 12.57 -20.80 61.47
N THR B 201 13.86 -21.09 61.69
CA THR B 201 14.41 -22.37 61.26
C THR B 201 13.47 -23.53 61.52
N SER B 202 12.86 -23.58 62.69
CA SER B 202 12.00 -24.70 63.01
C SER B 202 10.73 -24.64 62.19
N PRO B 203 10.33 -25.77 61.54
CA PRO B 203 9.10 -25.81 60.76
C PRO B 203 7.92 -25.71 61.74
N ILE B 204 6.93 -24.88 61.43
CA ILE B 204 5.77 -24.65 62.35
C ILE B 204 4.75 -25.74 62.03
N VAL B 205 4.59 -26.72 62.93
CA VAL B 205 3.71 -27.92 62.70
C VAL B 205 2.37 -27.66 63.37
N LYS B 206 1.22 -27.91 62.72
CA LYS B 206 -0.06 -27.77 63.45
C LYS B 206 -0.82 -29.07 63.15
N SER B 207 -1.52 -29.65 64.13
CA SER B 207 -2.27 -30.92 63.94
C SER B 207 -3.54 -30.97 64.80
N PHE B 208 -4.58 -31.68 64.35
CA PHE B 208 -5.80 -31.93 65.16
C PHE B 208 -6.15 -33.41 65.00
N ASN B 209 -6.68 -34.06 66.05
CA ASN B 209 -7.02 -35.51 66.03
C ASN B 209 -8.40 -35.72 65.42
N ARG B 210 -8.71 -36.92 64.93
CA ARG B 210 -10.07 -37.27 64.44
C ARG B 210 -10.99 -37.28 65.67
N ASN B 211 -10.50 -37.77 66.81
CA ASN B 211 -11.31 -37.91 68.05
C ASN B 211 -11.55 -36.55 68.72
N GLU B 212 -10.77 -35.49 68.40
CA GLU B 212 -11.01 -34.16 68.94
C GLU B 212 -11.17 -33.16 67.81
N GLU C 1 -16.33 12.37 29.88
CA GLU C 1 -15.12 11.97 29.12
C GLU C 1 -15.46 10.77 28.24
N VAL C 2 -14.53 10.38 27.36
CA VAL C 2 -14.79 9.14 26.58
C VAL C 2 -14.84 7.99 27.59
N GLN C 3 -15.88 7.16 27.52
CA GLN C 3 -15.96 5.98 28.42
C GLN C 3 -16.25 4.74 27.58
N LEU C 4 -15.53 3.64 27.84
CA LEU C 4 -15.69 2.42 27.00
C LEU C 4 -16.33 1.31 27.82
N GLN C 5 -17.43 0.74 27.33
CA GLN C 5 -18.13 -0.34 28.07
C GLN C 5 -18.10 -1.64 27.26
N GLN C 6 -17.24 -2.59 27.63
CA GLN C 6 -17.11 -3.84 26.86
C GLN C 6 -18.34 -4.67 27.21
N SER C 7 -18.53 -5.81 26.55
CA SER C 7 -19.72 -6.68 26.78
C SER C 7 -19.64 -7.19 28.22
N GLY C 8 -20.69 -7.85 28.69
CA GLY C 8 -20.63 -8.47 30.03
C GLY C 8 -19.79 -9.73 29.96
N PRO C 9 -19.18 -10.22 31.08
CA PRO C 9 -18.33 -11.41 31.03
C PRO C 9 -19.12 -12.60 30.48
N GLU C 10 -18.55 -13.40 29.56
CA GLU C 10 -19.26 -14.51 28.91
C GLU C 10 -18.41 -15.78 28.96
N LEU C 11 -19.02 -16.96 28.83
CA LEU C 11 -18.31 -18.26 28.84
C LEU C 11 -18.84 -19.11 27.68
N GLU C 12 -17.98 -19.80 26.88
CA GLU C 12 -18.46 -20.51 25.71
C GLU C 12 -17.76 -21.86 25.67
N LYS C 13 -18.34 -22.80 24.95
CA LYS C 13 -17.69 -24.08 24.90
C LYS C 13 -16.57 -24.08 23.86
N PRO C 14 -15.38 -24.72 24.04
CA PRO C 14 -14.37 -24.76 22.96
C PRO C 14 -14.84 -25.12 21.53
N GLY C 15 -13.99 -24.91 20.54
CA GLY C 15 -14.37 -25.18 19.14
C GLY C 15 -15.69 -24.50 18.82
N ALA C 16 -15.94 -23.29 19.34
CA ALA C 16 -17.21 -22.54 19.14
C ALA C 16 -16.87 -21.12 18.71
N SER C 17 -17.82 -20.18 18.63
CA SER C 17 -17.52 -18.80 18.16
C SER C 17 -18.36 -17.83 18.98
N MET C 18 -17.83 -16.66 19.31
CA MET C 18 -18.59 -15.63 20.08
C MET C 18 -18.18 -14.23 19.63
N LYS C 19 -19.07 -13.25 19.76
CA LYS C 19 -18.77 -11.84 19.38
C LYS C 19 -18.93 -10.98 20.64
N ILE C 20 -17.97 -10.13 20.99
CA ILE C 20 -18.06 -9.19 22.16
C ILE C 20 -18.24 -7.82 21.54
N SER C 21 -18.40 -6.77 22.36
CA SER C 21 -18.70 -5.41 21.84
C SER C 21 -18.22 -4.35 22.84
N CYS C 22 -17.57 -3.28 22.35
CA CYS C 22 -17.14 -2.17 23.26
C CYS C 22 -17.97 -0.91 22.99
N LYS C 23 -18.58 -0.33 24.04
CA LYS C 23 -19.46 0.87 23.88
C LYS C 23 -18.59 2.13 23.91
N ALA C 24 -19.09 3.24 23.35
CA ALA C 24 -18.26 4.46 23.22
C ALA C 24 -19.07 5.67 23.63
N SER C 25 -18.42 6.73 24.12
CA SER C 25 -19.08 7.97 24.56
C SER C 25 -18.08 9.12 24.54
N GLY C 26 -18.52 10.37 24.80
CA GLY C 26 -17.64 11.54 24.94
C GLY C 26 -16.45 11.63 23.99
N TYR C 27 -16.46 10.89 22.88
CA TYR C 27 -15.39 11.06 21.88
C TYR C 27 -15.93 10.72 20.50
N SER C 28 -15.22 11.11 19.45
CA SER C 28 -15.69 10.69 18.11
C SER C 28 -15.29 9.23 18.00
N PHE C 29 -16.25 8.35 18.25
CA PHE C 29 -16.02 6.89 18.17
C PHE C 29 -15.24 6.61 16.89
N THR C 30 -15.85 6.97 15.76
CA THR C 30 -15.25 6.68 14.44
C THR C 30 -13.92 7.42 14.24
N GLY C 31 -13.78 8.62 14.81
CA GLY C 31 -12.57 9.40 14.51
C GLY C 31 -11.33 8.93 15.23
N TYR C 32 -11.46 8.29 16.40
CA TYR C 32 -10.22 7.75 17.02
C TYR C 32 -10.17 6.24 16.80
N ASN C 33 -9.05 5.74 16.28
CA ASN C 33 -8.94 4.29 15.97
C ASN C 33 -9.16 3.46 17.23
N MET C 34 -9.80 2.30 17.07
CA MET C 34 -10.03 1.39 18.21
C MET C 34 -8.93 0.33 18.21
N ASN C 35 -8.93 -0.56 19.21
CA ASN C 35 -7.87 -1.60 19.31
C ASN C 35 -8.41 -2.72 20.20
N TRP C 36 -7.89 -3.94 20.09
CA TRP C 36 -8.32 -5.03 21.00
C TRP C 36 -7.13 -5.86 21.49
N VAL C 37 -7.16 -6.32 22.75
CA VAL C 37 -6.04 -7.08 23.36
C VAL C 37 -6.63 -8.31 24.07
N LYS C 38 -5.84 -9.37 24.28
CA LYS C 38 -6.34 -10.54 25.05
C LYS C 38 -5.59 -10.56 26.38
N GLN C 39 -6.27 -10.73 27.52
CA GLN C 39 -5.61 -10.65 28.86
C GLN C 39 -5.47 -12.06 29.45
N SER C 40 -4.28 -12.64 29.35
CA SER C 40 -4.00 -14.01 29.89
C SER C 40 -3.47 -13.87 31.32
N ASN C 41 -4.02 -14.63 32.27
CA ASN C 41 -3.50 -14.62 33.67
C ASN C 41 -2.11 -15.24 33.72
N GLY C 42 -1.90 -16.37 33.04
CA GLY C 42 -0.62 -17.09 33.04
C GLY C 42 0.47 -16.31 32.34
N LYS C 43 0.16 -15.62 31.24
CA LYS C 43 1.13 -14.90 30.40
C LYS C 43 0.87 -13.40 30.52
N SER C 44 1.78 -12.53 30.08
CA SER C 44 1.61 -11.05 30.05
C SER C 44 0.33 -10.68 29.26
N LEU C 45 0.08 -9.39 28.97
CA LEU C 45 -1.12 -9.06 28.12
C LEU C 45 -0.66 -8.90 26.67
N GLU C 46 -1.45 -9.37 25.69
CA GLU C 46 -0.98 -9.35 24.27
C GLU C 46 -2.04 -8.84 23.28
N TRP C 47 -1.63 -7.90 22.43
CA TRP C 47 -2.54 -7.25 21.45
C TRP C 47 -3.09 -8.26 20.44
N ILE C 48 -4.37 -8.15 20.11
CA ILE C 48 -4.96 -9.04 19.08
C ILE C 48 -5.00 -8.28 17.74
N GLY C 49 -5.59 -7.09 17.74
CA GLY C 49 -5.75 -6.36 16.48
C GLY C 49 -6.30 -4.96 16.68
N SER C 50 -5.69 -3.97 16.03
CA SER C 50 -6.23 -2.59 16.09
C SER C 50 -7.35 -2.46 15.06
N ILE C 51 -8.36 -1.62 15.32
CA ILE C 51 -9.52 -1.51 14.40
C ILE C 51 -9.77 -0.03 14.04
N ASP C 52 -10.08 0.25 12.77
CA ASP C 52 -10.42 1.64 12.36
C ASP C 52 -11.94 1.75 12.30
N PRO C 53 -12.60 2.50 13.21
CA PRO C 53 -14.06 2.56 13.24
C PRO C 53 -14.77 3.21 12.04
N TYR C 54 -14.25 4.34 11.52
CA TYR C 54 -14.98 5.06 10.45
C TYR C 54 -15.12 4.19 9.20
N THR C 55 -14.04 3.51 8.79
CA THR C 55 -14.09 2.75 7.52
C THR C 55 -14.06 1.24 7.83
N GLY C 56 -14.25 0.86 9.09
CA GLY C 56 -14.26 -0.56 9.46
C GLY C 56 -12.95 -1.26 9.14
N GLY C 57 -11.82 -0.55 9.30
CA GLY C 57 -10.50 -1.15 9.06
C GLY C 57 -10.14 -2.17 10.12
N SER C 58 -9.33 -3.18 9.76
CA SER C 58 -8.98 -4.25 10.73
C SER C 58 -7.56 -4.76 10.47
N ASN C 59 -6.66 -4.58 11.45
CA ASN C 59 -5.27 -5.08 11.33
C ASN C 59 -5.17 -6.29 12.25
N TYR C 60 -4.62 -7.41 11.77
CA TYR C 60 -4.64 -8.64 12.59
C TYR C 60 -3.24 -9.09 13.00
N ASN C 61 -3.09 -9.58 14.23
CA ASN C 61 -1.79 -10.15 14.66
C ASN C 61 -1.63 -11.47 13.93
N GLN C 62 -0.39 -11.89 13.64
CA GLN C 62 -0.11 -13.15 12.93
C GLN C 62 -0.68 -14.28 13.78
N LYS C 63 -0.58 -14.16 15.11
CA LYS C 63 -1.10 -15.17 16.06
C LYS C 63 -2.62 -15.34 15.88
N PHE C 64 -3.37 -14.25 15.66
CA PHE C 64 -4.86 -14.28 15.58
C PHE C 64 -5.33 -14.24 14.12
N MET C 65 -4.44 -14.46 13.15
CA MET C 65 -4.79 -14.45 11.70
C MET C 65 -5.96 -15.40 11.43
N GLY C 66 -7.16 -14.87 11.16
CA GLY C 66 -8.34 -15.70 10.84
C GLY C 66 -9.06 -16.24 12.06
N LYS C 67 -8.34 -16.49 13.17
CA LYS C 67 -8.95 -16.95 14.44
C LYS C 67 -10.11 -16.00 14.75
N ALA C 68 -9.86 -14.69 14.71
CA ALA C 68 -10.88 -13.66 15.03
C ALA C 68 -10.82 -12.54 13.99
N THR C 69 -11.90 -11.78 13.82
CA THR C 69 -11.99 -10.63 12.88
C THR C 69 -12.68 -9.50 13.64
N LEU C 70 -12.53 -8.25 13.21
CA LEU C 70 -13.11 -7.07 13.90
C LEU C 70 -14.22 -6.44 13.06
N THR C 71 -15.35 -6.06 13.67
CA THR C 71 -16.45 -5.36 12.97
C THR C 71 -16.71 -4.10 13.80
N VAL C 72 -17.64 -3.23 13.40
CA VAL C 72 -17.94 -1.97 14.13
C VAL C 72 -19.37 -1.53 13.77
N ASP C 73 -20.04 -0.77 14.64
CA ASP C 73 -21.36 -0.19 14.30
C ASP C 73 -21.24 1.30 14.61
N LYS C 74 -21.04 2.12 13.57
CA LYS C 74 -20.82 3.57 13.78
C LYS C 74 -22.05 4.22 14.42
N SER C 75 -23.24 3.84 13.95
CA SER C 75 -24.49 4.45 14.49
C SER C 75 -24.56 4.19 15.99
N SER C 76 -24.47 2.93 16.40
CA SER C 76 -24.55 2.57 17.84
C SER C 76 -23.25 2.98 18.53
N SER C 77 -22.26 3.48 17.79
CA SER C 77 -20.96 3.93 18.36
C SER C 77 -20.41 2.81 19.21
N THR C 78 -20.37 1.59 18.66
CA THR C 78 -19.91 0.40 19.44
C THR C 78 -19.26 -0.61 18.51
N ALA C 79 -17.99 -0.94 18.76
CA ALA C 79 -17.23 -1.90 17.92
C ALA C 79 -17.57 -3.33 18.29
N TYR C 80 -17.24 -4.29 17.41
CA TYR C 80 -17.51 -5.72 17.69
C TYR C 80 -16.27 -6.59 17.40
N MET C 81 -15.74 -7.29 18.41
CA MET C 81 -14.59 -8.22 18.23
C MET C 81 -15.21 -9.59 17.97
N GLN C 82 -14.98 -10.18 16.80
CA GLN C 82 -15.63 -11.46 16.40
C GLN C 82 -14.65 -12.59 16.67
N LEU C 83 -15.03 -13.64 17.38
CA LEU C 83 -14.10 -14.74 17.76
C LEU C 83 -14.65 -16.04 17.17
N LYS C 84 -13.80 -16.85 16.53
CA LYS C 84 -14.20 -18.15 15.93
C LYS C 84 -13.18 -19.21 16.34
N SER C 85 -13.53 -20.50 16.24
CA SER C 85 -12.63 -21.61 16.61
C SER C 85 -12.14 -21.39 18.04
N LEU C 86 -12.99 -20.85 18.92
CA LEU C 86 -12.64 -20.54 20.32
C LEU C 86 -12.02 -21.78 20.95
N THR C 87 -10.99 -21.62 21.78
CA THR C 87 -10.28 -22.74 22.44
C THR C 87 -10.07 -22.36 23.91
N SER C 88 -9.69 -23.30 24.75
CA SER C 88 -9.45 -23.05 26.21
C SER C 88 -8.38 -21.97 26.33
N GLU C 89 -7.41 -21.94 25.42
CA GLU C 89 -6.34 -20.91 25.42
C GLU C 89 -6.98 -19.52 25.26
N ASP C 90 -8.00 -19.37 24.40
CA ASP C 90 -8.62 -18.04 24.12
C ASP C 90 -9.23 -17.49 25.41
N SER C 91 -9.81 -18.34 26.27
CA SER C 91 -10.38 -17.93 27.58
C SER C 91 -9.56 -16.76 28.17
N ALA C 92 -10.15 -15.56 28.31
CA ALA C 92 -9.47 -14.38 28.92
C ALA C 92 -10.35 -13.17 29.11
N VAL C 93 -9.87 -12.18 29.86
CA VAL C 93 -10.55 -10.87 29.89
C VAL C 93 -10.13 -10.29 28.54
N TYR C 94 -10.96 -9.50 27.87
CA TYR C 94 -10.60 -8.82 26.58
C TYR C 94 -10.47 -7.35 26.96
N TYR C 95 -10.02 -6.46 26.07
CA TYR C 95 -10.04 -5.01 26.39
C TYR C 95 -9.93 -4.17 25.12
N CYS C 96 -10.91 -3.29 24.91
CA CYS C 96 -10.89 -2.38 23.73
C CYS C 96 -9.94 -1.22 24.04
N ALA C 97 -9.35 -0.63 23.00
CA ALA C 97 -8.39 0.48 23.22
C ALA C 97 -8.71 1.63 22.26
N THR C 98 -8.34 2.86 22.63
CA THR C 98 -8.58 4.04 21.75
C THR C 98 -7.26 4.73 21.44
N VAL C 99 -6.90 4.83 20.16
CA VAL C 99 -5.55 5.36 19.82
C VAL C 99 -5.57 6.89 19.82
N VAL C 100 -4.73 7.53 20.64
CA VAL C 100 -4.59 9.01 20.63
C VAL C 100 -3.09 9.31 20.52
N GLY C 101 -2.68 10.06 19.48
CA GLY C 101 -1.25 10.43 19.31
C GLY C 101 -0.37 9.20 19.16
N ARG C 102 -0.83 8.16 18.45
CA ARG C 102 -0.05 6.92 18.19
C ARG C 102 -0.12 6.00 19.41
N VAL C 103 -0.84 6.38 20.47
CA VAL C 103 -0.83 5.54 21.70
C VAL C 103 -2.23 4.99 22.04
N TYR C 104 -2.35 3.67 22.12
CA TYR C 104 -3.65 2.99 22.41
C TYR C 104 -4.16 3.30 23.81
N ALA C 105 -3.27 3.38 24.80
CA ALA C 105 -3.72 3.55 26.21
C ALA C 105 -3.34 4.93 26.77
N MET C 106 -3.31 5.12 28.10
CA MET C 106 -4.42 4.78 29.06
C MET C 106 -5.77 5.07 28.43
N ASP C 107 -5.88 6.19 27.70
CA ASP C 107 -7.16 6.51 27.01
C ASP C 107 -7.16 5.78 25.67
N TYR C 108 -8.17 4.92 25.48
CA TYR C 108 -9.05 4.55 26.61
C TYR C 108 -9.21 3.03 26.65
N TRP C 109 -9.44 2.47 27.83
CA TRP C 109 -9.63 1.00 27.96
C TRP C 109 -11.00 0.70 28.60
N GLY C 110 -11.69 -0.32 28.10
CA GLY C 110 -13.03 -0.68 28.63
C GLY C 110 -12.94 -1.37 29.98
N GLN C 111 -14.06 -1.50 30.68
CA GLN C 111 -14.04 -2.11 32.04
C GLN C 111 -13.47 -3.53 31.96
N GLY C 112 -13.60 -4.19 30.80
CA GLY C 112 -13.11 -5.58 30.68
C GLY C 112 -14.23 -6.58 30.45
N THR C 113 -14.04 -7.58 29.57
CA THR C 113 -15.02 -8.68 29.35
C THR C 113 -14.30 -9.96 29.73
N SER C 114 -14.71 -10.64 30.80
CA SER C 114 -14.02 -11.86 31.27
C SER C 114 -14.48 -13.03 30.40
N VAL C 115 -14.04 -13.05 29.15
CA VAL C 115 -14.41 -14.14 28.22
C VAL C 115 -13.78 -15.39 28.82
N THR C 116 -14.51 -16.51 28.83
CA THR C 116 -14.01 -17.80 29.34
C THR C 116 -14.45 -18.80 28.29
N VAL C 117 -13.86 -20.00 28.22
CA VAL C 117 -14.33 -21.04 27.27
C VAL C 117 -14.35 -22.37 28.06
N SER C 118 -15.37 -23.25 27.94
CA SER C 118 -15.50 -24.35 28.88
C SER C 118 -16.40 -25.43 28.31
N SER C 119 -16.20 -26.67 28.78
CA SER C 119 -17.09 -27.82 28.47
C SER C 119 -17.57 -28.34 29.82
N ALA C 120 -17.64 -27.47 30.85
CA ALA C 120 -18.01 -27.84 32.24
C ALA C 120 -19.32 -27.14 32.62
N LYS C 121 -20.27 -27.86 33.21
CA LYS C 121 -21.62 -27.32 33.55
C LYS C 121 -21.55 -26.50 34.85
N THR C 122 -22.52 -25.63 35.11
CA THR C 122 -22.55 -24.76 36.33
C THR C 122 -22.56 -25.65 37.57
N THR C 123 -21.68 -25.40 38.55
CA THR C 123 -21.53 -26.23 39.77
C THR C 123 -21.50 -25.36 41.03
N PRO C 124 -22.18 -25.70 42.15
CA PRO C 124 -22.04 -24.97 43.41
C PRO C 124 -20.82 -25.43 44.20
N PRO C 125 -20.05 -24.55 44.88
CA PRO C 125 -18.84 -24.96 45.59
C PRO C 125 -18.93 -25.74 46.90
N SER C 126 -17.87 -26.47 47.29
CA SER C 126 -17.85 -27.28 48.53
C SER C 126 -17.30 -26.43 49.68
N VAL C 127 -18.09 -26.20 50.73
CA VAL C 127 -17.68 -25.31 51.88
C VAL C 127 -17.44 -26.17 53.11
N TYR C 128 -16.25 -26.09 53.73
CA TYR C 128 -15.88 -26.83 54.97
C TYR C 128 -15.22 -25.84 55.93
N PRO C 129 -15.19 -26.07 57.27
CA PRO C 129 -14.64 -25.12 58.23
C PRO C 129 -13.12 -25.24 58.30
N LEU C 130 -12.38 -24.12 58.35
CA LEU C 130 -10.89 -24.12 58.35
C LEU C 130 -10.41 -23.35 59.58
N ALA C 131 -9.34 -23.78 60.28
CA ALA C 131 -8.82 -23.13 61.51
C ALA C 131 -7.65 -23.92 62.10
N PRO C 132 -7.14 -23.52 63.28
CA PRO C 132 -6.05 -24.21 63.95
C PRO C 132 -5.66 -25.64 64.34
N GLY C 133 -4.37 -25.92 64.58
CA GLY C 133 -3.90 -27.22 65.08
C GLY C 133 -3.48 -27.20 66.54
N SER C 134 -2.18 -27.28 66.84
CA SER C 134 -1.65 -27.41 68.21
C SER C 134 -1.67 -26.13 69.06
N ALA C 135 -1.19 -24.98 68.55
CA ALA C 135 -1.01 -23.76 69.39
C ALA C 135 -1.62 -22.45 68.88
N ALA C 136 -2.08 -22.31 67.63
CA ALA C 136 -2.53 -21.01 67.07
C ALA C 136 -3.82 -20.52 67.76
N GLN C 137 -4.59 -21.41 68.39
CA GLN C 137 -5.83 -21.04 69.14
C GLN C 137 -5.48 -20.14 70.32
N THR C 138 -4.36 -20.37 71.02
CA THR C 138 -3.98 -19.61 72.23
C THR C 138 -3.82 -18.12 71.88
N ASN C 139 -3.52 -17.80 70.62
CA ASN C 139 -3.28 -16.40 70.15
C ASN C 139 -4.42 -15.47 70.57
N SER C 140 -4.16 -14.17 70.66
CA SER C 140 -5.20 -13.18 70.99
C SER C 140 -6.26 -13.29 69.89
N MET C 141 -5.84 -13.52 68.65
CA MET C 141 -6.77 -13.64 67.48
C MET C 141 -6.58 -15.00 66.81
N VAL C 142 -7.65 -15.77 66.63
CA VAL C 142 -7.60 -17.07 65.89
C VAL C 142 -8.43 -16.89 64.62
N THR C 143 -7.88 -17.24 63.46
CA THR C 143 -8.57 -17.10 62.15
C THR C 143 -9.38 -18.36 61.85
N LEU C 144 -10.58 -18.25 61.30
CA LEU C 144 -11.38 -19.42 60.89
C LEU C 144 -11.70 -19.21 59.41
N GLY C 145 -12.21 -20.22 58.70
CA GLY C 145 -12.37 -20.09 57.24
C GLY C 145 -13.52 -20.88 56.66
N CYS C 146 -13.78 -20.70 55.36
CA CYS C 146 -14.82 -21.45 54.63
C CYS C 146 -14.26 -21.71 53.22
N LEU C 147 -14.40 -22.93 52.71
CA LEU C 147 -13.83 -23.31 51.38
C LEU C 147 -14.83 -22.97 50.29
N VAL C 148 -14.38 -22.72 49.06
CA VAL C 148 -15.26 -22.46 47.89
C VAL C 148 -14.69 -23.34 46.78
N LYS C 149 -14.75 -24.68 46.91
CA LYS C 149 -14.02 -25.62 46.02
C LYS C 149 -14.92 -26.32 45.00
N GLY C 150 -14.37 -26.69 43.83
CA GLY C 150 -15.12 -27.47 42.83
C GLY C 150 -16.42 -26.83 42.43
N TYR C 151 -16.40 -25.55 42.04
CA TYR C 151 -17.60 -24.79 41.60
C TYR C 151 -17.37 -24.26 40.19
N PHE C 152 -18.44 -23.93 39.47
CA PHE C 152 -18.34 -23.34 38.12
C PHE C 152 -19.48 -22.33 37.95
N PRO C 153 -19.38 -21.34 37.03
CA PRO C 153 -18.18 -20.51 36.82
C PRO C 153 -18.07 -19.38 37.84
N GLU C 154 -16.90 -18.74 37.97
CA GLU C 154 -16.72 -17.57 38.88
C GLU C 154 -17.61 -16.44 38.35
N PRO C 155 -18.59 -15.91 39.13
CA PRO C 155 -18.41 -15.04 40.30
C PRO C 155 -18.76 -15.63 41.68
N VAL C 156 -18.20 -15.09 42.77
CA VAL C 156 -18.53 -15.53 44.17
C VAL C 156 -18.54 -14.33 45.12
N THR C 157 -19.33 -14.37 46.20
CA THR C 157 -19.35 -13.33 47.27
C THR C 157 -19.48 -14.09 48.59
N VAL C 158 -19.08 -13.52 49.74
CA VAL C 158 -19.12 -14.26 51.04
C VAL C 158 -19.43 -13.34 52.22
N THR C 159 -20.11 -13.85 53.26
CA THR C 159 -20.42 -13.10 54.51
C THR C 159 -20.06 -14.05 55.65
N TRP C 160 -19.92 -13.58 56.90
CA TRP C 160 -19.43 -14.42 58.04
C TRP C 160 -20.17 -14.12 59.35
N ASN C 161 -20.32 -15.11 60.24
CA ASN C 161 -21.02 -14.97 61.55
C ASN C 161 -22.48 -14.69 61.23
N SER C 162 -23.03 -15.34 60.21
CA SER C 162 -24.41 -15.12 59.71
C SER C 162 -24.48 -13.72 59.11
N GLY C 163 -23.38 -13.22 58.54
CA GLY C 163 -23.29 -11.86 57.97
C GLY C 163 -22.99 -10.81 59.02
N SER C 164 -22.88 -11.18 60.30
CA SER C 164 -22.58 -10.22 61.40
C SER C 164 -21.14 -9.74 61.27
N LEU C 165 -20.26 -10.55 60.70
CA LEU C 165 -18.82 -10.20 60.52
C LEU C 165 -18.55 -10.00 59.03
N SER C 166 -18.12 -8.80 58.62
CA SER C 166 -17.76 -8.48 57.22
C SER C 166 -16.35 -7.87 57.16
N SER C 167 -15.54 -8.04 58.21
CA SER C 167 -14.16 -7.46 58.31
C SER C 167 -13.20 -8.38 59.06
N GLY C 168 -11.88 -8.30 58.80
CA GLY C 168 -10.85 -9.15 59.44
C GLY C 168 -10.73 -10.42 58.64
N VAL C 169 -11.76 -10.74 57.86
CA VAL C 169 -11.75 -11.85 56.89
C VAL C 169 -10.74 -11.44 55.84
N HIS C 170 -10.03 -12.39 55.24
CA HIS C 170 -9.08 -12.09 54.12
C HIS C 170 -9.39 -13.05 52.99
N THR C 171 -9.76 -12.53 51.82
CA THR C 171 -10.15 -13.39 50.68
C THR C 171 -8.85 -13.91 50.09
N PHE C 172 -8.78 -15.17 49.64
CA PHE C 172 -7.51 -15.78 49.15
C PHE C 172 -7.67 -16.04 47.65
N PRO C 173 -6.61 -15.94 46.81
CA PRO C 173 -6.75 -16.12 45.35
C PRO C 173 -7.43 -17.42 44.94
N ALA C 174 -8.19 -17.40 43.85
CA ALA C 174 -8.90 -18.60 43.33
C ALA C 174 -7.94 -19.46 42.51
N VAL C 175 -8.16 -20.79 42.48
CA VAL C 175 -7.34 -21.75 41.69
C VAL C 175 -8.31 -22.79 41.10
N LEU C 176 -8.05 -23.35 39.93
CA LEU C 176 -8.99 -24.26 39.22
C LEU C 176 -8.47 -25.69 39.30
N GLN C 177 -9.27 -26.64 39.81
CA GLN C 177 -8.89 -28.07 39.94
C GLN C 177 -9.86 -28.94 39.15
N SER C 178 -9.37 -29.84 38.29
CA SER C 178 -10.20 -30.78 37.50
C SER C 178 -11.22 -30.02 36.64
N ASP C 179 -10.95 -28.76 36.26
CA ASP C 179 -11.84 -27.94 35.39
C ASP C 179 -12.89 -27.18 36.23
N LEU C 180 -13.16 -27.56 37.48
CA LEU C 180 -14.09 -26.81 38.37
C LEU C 180 -13.29 -25.85 39.26
N TYR C 181 -13.67 -24.57 39.33
CA TYR C 181 -12.93 -23.52 40.08
C TYR C 181 -12.90 -23.78 41.59
N THR C 182 -11.90 -23.25 42.29
CA THR C 182 -11.77 -23.35 43.77
C THR C 182 -11.26 -22.00 44.29
N LEU C 183 -11.59 -21.58 45.51
CA LEU C 183 -11.01 -20.34 46.13
C LEU C 183 -11.19 -20.41 47.63
N SER C 184 -10.54 -19.52 48.39
CA SER C 184 -10.59 -19.52 49.87
C SER C 184 -10.85 -18.11 50.43
N SER C 185 -10.92 -18.00 51.77
CA SER C 185 -11.07 -16.72 52.50
C SER C 185 -10.94 -17.02 54.01
N SER C 186 -10.54 -16.06 54.85
CA SER C 186 -10.28 -16.24 56.31
C SER C 186 -11.31 -15.51 57.18
N VAL C 187 -11.19 -15.50 58.52
CA VAL C 187 -12.01 -14.65 59.45
C VAL C 187 -11.14 -14.40 60.69
N THR C 188 -10.18 -13.47 60.63
CA THR C 188 -9.38 -13.15 61.84
C THR C 188 -10.38 -12.64 62.87
N VAL C 189 -10.45 -13.27 64.04
CA VAL C 189 -11.39 -12.89 65.12
C VAL C 189 -10.67 -13.20 66.42
N PRO C 190 -11.01 -12.59 67.57
CA PRO C 190 -10.29 -12.93 68.77
C PRO C 190 -10.42 -14.44 69.01
N SER C 191 -9.40 -15.08 69.56
CA SER C 191 -9.51 -16.50 70.01
C SER C 191 -10.27 -16.52 71.34
N SER C 192 -10.19 -15.45 72.11
CA SER C 192 -10.95 -15.30 73.37
C SER C 192 -12.44 -15.31 73.02
N THR C 193 -12.81 -15.06 71.75
CA THR C 193 -14.24 -15.00 71.29
C THR C 193 -14.59 -16.20 70.40
N TRP C 194 -13.87 -17.33 70.45
CA TRP C 194 -14.23 -18.56 69.69
C TRP C 194 -13.54 -19.78 70.30
N PRO C 195 -14.05 -21.04 70.36
CA PRO C 195 -15.46 -21.48 70.07
C PRO C 195 -16.48 -20.92 71.06
N SER C 196 -16.01 -20.16 72.04
CA SER C 196 -16.84 -19.42 72.99
C SER C 196 -18.01 -18.76 72.26
N GLU C 197 -17.76 -18.16 71.08
CA GLU C 197 -18.86 -17.66 70.19
C GLU C 197 -18.86 -18.62 69.00
N THR C 198 -19.77 -18.47 68.04
CA THR C 198 -19.86 -19.34 66.84
C THR C 198 -20.12 -18.47 65.62
N VAL C 199 -19.71 -18.91 64.41
CA VAL C 199 -19.90 -18.15 63.13
C VAL C 199 -20.26 -19.11 62.00
N THR C 200 -20.97 -18.67 60.95
CA THR C 200 -21.29 -19.47 59.73
C THR C 200 -21.05 -18.58 58.52
N CYS C 201 -20.61 -19.09 57.36
CA CYS C 201 -20.27 -18.24 56.20
C CYS C 201 -21.46 -18.15 55.23
N ASN C 202 -22.10 -16.99 55.10
CA ASN C 202 -23.28 -16.84 54.20
C ASN C 202 -22.74 -16.61 52.79
N VAL C 203 -22.35 -17.64 52.07
CA VAL C 203 -21.67 -17.45 50.75
C VAL C 203 -22.74 -17.26 49.67
N ALA C 204 -22.66 -16.20 48.85
CA ALA C 204 -23.62 -15.96 47.74
C ALA C 204 -22.88 -15.99 46.40
N HIS C 205 -23.12 -17.02 45.57
CA HIS C 205 -22.48 -17.17 44.23
C HIS C 205 -23.59 -16.98 43.19
N PRO C 206 -23.61 -15.92 42.33
CA PRO C 206 -24.74 -15.67 41.42
C PRO C 206 -25.08 -16.68 40.31
N ALA C 207 -24.10 -17.21 39.57
CA ALA C 207 -24.32 -18.09 38.39
C ALA C 207 -24.96 -19.41 38.83
N SER C 208 -24.50 -20.02 39.93
CA SER C 208 -25.03 -21.30 40.46
C SER C 208 -25.96 -21.02 41.65
N SER C 209 -26.21 -19.75 41.98
CA SER C 209 -27.09 -19.34 43.12
C SER C 209 -26.81 -20.23 44.34
N THR C 210 -25.59 -20.19 44.89
CA THR C 210 -25.22 -20.98 46.10
C THR C 210 -25.45 -20.15 47.37
N LYS C 211 -26.12 -20.71 48.37
CA LYS C 211 -26.30 -20.08 49.71
C LYS C 211 -25.97 -21.16 50.73
N VAL C 212 -24.71 -21.57 50.90
CA VAL C 212 -24.39 -22.69 51.85
C VAL C 212 -23.39 -22.16 52.88
N ASP C 213 -23.68 -22.38 54.17
CA ASP C 213 -22.85 -21.88 55.29
C ASP C 213 -22.34 -23.05 56.11
N LYS C 214 -21.09 -22.97 56.61
CA LYS C 214 -20.48 -24.05 57.43
C LYS C 214 -20.11 -23.53 58.81
N LYS C 215 -20.58 -24.19 59.87
CA LYS C 215 -20.22 -23.82 61.26
C LYS C 215 -18.78 -24.27 61.52
N ILE C 216 -18.01 -23.53 62.31
CA ILE C 216 -16.58 -23.86 62.61
C ILE C 216 -16.56 -24.63 63.92
N VAL C 217 -15.89 -25.79 63.97
CA VAL C 217 -15.85 -26.65 65.19
C VAL C 217 -14.41 -26.80 65.70
N PRO C 218 -14.09 -26.54 67.01
CA PRO C 218 -12.71 -26.62 67.52
C PRO C 218 -12.07 -27.96 67.16
#